data_5U90
#
_entry.id   5U90
#
_cell.length_a   101.050
_cell.length_b   101.050
_cell.length_c   447.540
_cell.angle_alpha   90.00
_cell.angle_beta   90.00
_cell.angle_gamma   120.00
#
_symmetry.space_group_name_H-M   'P 32 2 1'
#
loop_
_entity.id
_entity.type
_entity.pdbx_description
1 polymer 'Carotenoid oxygenase 1'
2 non-polymer 'COBALT (II) ION'
3 non-polymer RESVERATROL
4 non-polymer 'DIMETHYL SULFOXIDE'
5 water water
#
_entity_poly.entity_id   1
_entity_poly.type   'polypeptide(L)'
_entity_poly.pdbx_seq_one_letter_code
;MAEYVFSDAPKDSHGNGVKDAVPGKQPEELPPAPRYFQGENTAGFMRPVRFEGDITNLEVVGEIPKSIEGTFYRVMPEPH
LPSFIPNDPWFNGDGNISGFYFKDGHVDLKQRYVRTEKFVREAEARRSLLGKYRNRYTDLVEFKIRSTANTNIVYWRGQL
LALKEDSPPYAMDPETLETFGVYDFDGQLPSLTFTAHPKFDPVTREMVCFGYEAKGDGTRDICYYSFGPDGKIAETVWLV
SPVCGMIHDFAVTENFVIFPIIPLVCDVERMKQGGDHWQWDYSIPMYIGVLPRRGAQGSDVKWFEAPHGFAGHVANAFED
DKGHIQLQMAYAKDNVFFWWPDANGKGPRPGEVEAHFANFVLDYQSDKLPLAEPTYLVDDDMEFPRIDDRVATRKHKHTF
FCIFDRKPGVTDFEFVMPRAGGGAPMSNGLAHLNHETGDIQRYLPGPRKLTGECIFIPRNSEAAEGDGYVMVLLANYEDM
CSELAVLDTKDLTNEVALIKLPVRLRPGLHGNWVDKSDVDGHPAPL
;
_entity_poly.pdbx_strand_id   A,B,C,D
#
# COMPACT_ATOMS: atom_id res chain seq x y z
N LEU A 30 -21.83 -16.78 -24.29
CA LEU A 30 -22.41 -15.58 -23.65
C LEU A 30 -22.70 -14.52 -24.74
N PRO A 31 -23.62 -13.54 -24.48
CA PRO A 31 -23.72 -12.37 -25.43
C PRO A 31 -22.35 -11.70 -25.57
N PRO A 32 -21.96 -11.32 -26.80
CA PRO A 32 -20.55 -10.89 -26.98
C PRO A 32 -20.26 -9.59 -26.19
N ALA A 33 -19.02 -9.46 -25.70
CA ALA A 33 -18.61 -8.27 -24.92
C ALA A 33 -18.02 -7.21 -25.87
N PRO A 34 -18.75 -6.12 -26.19
CA PRO A 34 -18.15 -5.07 -27.07
C PRO A 34 -16.90 -4.41 -26.41
N ARG A 35 -15.95 -4.01 -27.23
CA ARG A 35 -14.63 -3.53 -26.78
C ARG A 35 -14.48 -2.00 -26.89
N TYR A 36 -15.52 -1.33 -27.38
CA TYR A 36 -15.61 0.13 -27.32
C TYR A 36 -17.08 0.49 -27.20
N PHE A 37 -17.35 1.69 -26.71
CA PHE A 37 -18.71 2.15 -26.45
C PHE A 37 -19.39 2.56 -27.77
N GLN A 38 -20.66 2.24 -27.91
CA GLN A 38 -21.47 2.52 -29.10
C GLN A 38 -22.89 2.85 -28.66
N GLY A 39 -23.58 3.65 -29.44
CA GLY A 39 -24.92 4.11 -29.11
C GLY A 39 -24.87 5.55 -28.63
N GLU A 40 -26.03 6.20 -28.76
CA GLU A 40 -26.21 7.59 -28.41
C GLU A 40 -25.95 7.88 -26.89
N ASN A 41 -26.29 6.92 -26.01
CA ASN A 41 -26.10 7.09 -24.58
C ASN A 41 -24.65 7.13 -24.12
N THR A 42 -23.72 6.76 -24.99
CA THR A 42 -22.31 6.81 -24.69
C THR A 42 -21.53 7.62 -25.74
N ALA A 43 -22.22 8.50 -26.49
CA ALA A 43 -21.57 9.32 -27.54
C ALA A 43 -21.31 10.77 -27.08
N GLY A 44 -20.38 11.44 -27.74
CA GLY A 44 -20.11 12.84 -27.44
C GLY A 44 -19.72 13.06 -25.97
N PHE A 45 -20.39 14.03 -25.34
CA PHE A 45 -20.11 14.37 -23.94
C PHE A 45 -20.52 13.21 -23.00
N MET A 46 -21.37 12.29 -23.49
CA MET A 46 -21.76 11.11 -22.71
C MET A 46 -20.77 9.96 -22.79
N ARG A 47 -19.73 10.06 -23.60
CA ARG A 47 -18.73 9.01 -23.66
C ARG A 47 -18.08 8.82 -22.30
N PRO A 48 -18.12 7.58 -21.78
CA PRO A 48 -17.39 7.32 -20.53
C PRO A 48 -15.89 7.63 -20.63
N VAL A 49 -15.36 8.19 -19.55
CA VAL A 49 -13.94 8.46 -19.41
C VAL A 49 -13.32 7.35 -18.57
N ARG A 50 -13.92 7.13 -17.41
CA ARG A 50 -13.63 5.97 -16.54
C ARG A 50 -12.33 6.08 -15.78
N PHE A 51 -11.92 7.31 -15.56
CA PHE A 51 -10.70 7.52 -14.84
C PHE A 51 -10.98 7.55 -13.34
N GLU A 52 -10.01 7.06 -12.56
CA GLU A 52 -9.98 7.20 -11.11
C GLU A 52 -8.62 7.73 -10.73
N GLY A 53 -8.55 8.62 -9.75
CA GLY A 53 -7.26 9.17 -9.30
C GLY A 53 -7.38 10.57 -8.77
N ASP A 54 -6.37 11.39 -9.02
CA ASP A 54 -6.28 12.74 -8.45
C ASP A 54 -5.82 13.73 -9.48
N ILE A 55 -6.38 14.93 -9.41
CA ILE A 55 -5.89 16.11 -10.08
C ILE A 55 -5.91 17.21 -9.00
N THR A 56 -4.74 17.56 -8.50
CA THR A 56 -4.62 18.55 -7.44
C THR A 56 -4.43 19.95 -8.04
N ASN A 57 -4.68 20.97 -7.22
CA ASN A 57 -4.42 22.37 -7.60
C ASN A 57 -5.07 22.72 -8.95
N LEU A 58 -6.39 22.57 -9.00
CA LEU A 58 -7.11 22.83 -10.22
C LEU A 58 -6.95 24.28 -10.66
N GLU A 59 -6.91 24.47 -11.98
CA GLU A 59 -6.86 25.81 -12.56
C GLU A 59 -8.12 26.57 -12.21
N VAL A 60 -7.94 27.84 -11.85
CA VAL A 60 -9.04 28.70 -11.43
C VAL A 60 -8.96 30.03 -12.17
N VAL A 61 -10.07 30.41 -12.78
CA VAL A 61 -10.30 31.77 -13.30
C VAL A 61 -11.15 32.48 -12.28
N GLY A 62 -10.75 33.70 -11.94
CA GLY A 62 -11.37 34.46 -10.86
C GLY A 62 -10.72 34.04 -9.56
N GLU A 63 -11.50 34.04 -8.49
CA GLU A 63 -11.00 33.80 -7.15
C GLU A 63 -12.03 33.05 -6.30
N ILE A 64 -11.64 31.90 -5.77
CA ILE A 64 -12.52 31.16 -4.88
C ILE A 64 -12.41 31.83 -3.51
N PRO A 65 -13.57 32.23 -2.92
CA PRO A 65 -13.58 32.81 -1.57
C PRO A 65 -12.79 31.97 -0.61
N LYS A 66 -11.85 32.62 0.06
CA LYS A 66 -10.87 31.94 0.91
C LYS A 66 -11.46 31.34 2.16
N SER A 67 -12.59 31.85 2.61
CA SER A 67 -13.27 31.31 3.76
C SER A 67 -14.02 29.98 3.46
N ILE A 68 -14.22 29.61 2.21
CA ILE A 68 -14.89 28.33 1.90
C ILE A 68 -13.97 27.18 2.28
N GLU A 69 -14.47 26.30 3.13
CA GLU A 69 -13.71 25.13 3.52
C GLU A 69 -14.62 23.90 3.65
N GLY A 70 -14.32 22.85 2.89
CA GLY A 70 -15.14 21.64 2.90
C GLY A 70 -15.01 20.94 1.56
N THR A 71 -15.94 20.03 1.30
CA THR A 71 -15.87 19.17 0.13
C THR A 71 -17.23 19.03 -0.55
N PHE A 72 -17.21 19.17 -1.87
CA PHE A 72 -18.35 18.93 -2.73
C PHE A 72 -18.18 17.52 -3.29
N TYR A 73 -19.06 16.58 -2.89
CA TYR A 73 -19.06 15.22 -3.42
C TYR A 73 -20.18 15.10 -4.40
N ARG A 74 -19.95 14.47 -5.57
CA ARG A 74 -21.05 14.20 -6.52
C ARG A 74 -20.84 12.79 -7.07
N VAL A 75 -21.92 12.18 -7.54
CA VAL A 75 -21.85 10.84 -8.15
C VAL A 75 -22.40 10.89 -9.56
N MET A 76 -21.68 10.23 -10.46
CA MET A 76 -22.17 10.04 -11.83
C MET A 76 -22.27 8.55 -12.16
N PRO A 77 -23.32 8.18 -12.90
CA PRO A 77 -23.27 6.89 -13.59
C PRO A 77 -22.21 6.95 -14.69
N GLU A 78 -21.35 5.94 -14.74
CA GLU A 78 -20.28 5.89 -15.72
C GLU A 78 -19.88 4.43 -15.98
N PRO A 79 -20.51 3.81 -16.99
CA PRO A 79 -20.22 2.37 -17.23
C PRO A 79 -18.72 2.10 -17.31
N HIS A 80 -18.24 1.15 -16.51
CA HIS A 80 -16.84 0.82 -16.48
C HIS A 80 -16.44 -0.08 -17.68
N LEU A 81 -17.38 -0.86 -18.15
CA LEU A 81 -17.22 -1.75 -19.31
C LEU A 81 -18.42 -1.58 -20.25
N PRO A 82 -18.21 -1.69 -21.56
CA PRO A 82 -19.38 -1.62 -22.43
C PRO A 82 -20.42 -2.71 -22.12
N SER A 83 -21.66 -2.28 -22.07
CA SER A 83 -22.78 -3.15 -21.75
C SER A 83 -23.06 -4.12 -22.91
N PHE A 84 -23.50 -5.32 -22.59
CA PHE A 84 -24.08 -6.21 -23.60
C PHE A 84 -25.54 -5.89 -23.90
N ILE A 85 -26.14 -4.97 -23.17
CA ILE A 85 -27.47 -4.46 -23.43
C ILE A 85 -27.41 -3.22 -24.32
N PRO A 86 -28.05 -3.26 -25.48
CA PRO A 86 -27.99 -2.08 -26.34
C PRO A 86 -28.82 -0.93 -25.77
N ASN A 87 -28.31 0.29 -25.91
CA ASN A 87 -29.00 1.47 -25.36
C ASN A 87 -29.38 1.34 -23.89
N ASP A 88 -28.47 0.76 -23.09
CA ASP A 88 -28.70 0.61 -21.67
C ASP A 88 -28.97 2.01 -21.08
N PRO A 89 -30.03 2.18 -20.29
CA PRO A 89 -30.26 3.52 -19.76
C PRO A 89 -29.13 4.08 -18.87
N TRP A 90 -29.03 5.40 -18.88
CA TRP A 90 -28.09 6.18 -18.07
C TRP A 90 -28.11 5.76 -16.59
N PHE A 91 -29.31 5.50 -16.05
CA PHE A 91 -29.46 5.09 -14.66
C PHE A 91 -28.79 3.76 -14.33
N ASN A 92 -28.34 2.98 -15.31
CA ASN A 92 -27.73 1.68 -14.99
C ASN A 92 -26.18 1.67 -14.97
N GLY A 93 -25.54 2.85 -14.99
CA GLY A 93 -24.08 2.93 -15.06
C GLY A 93 -23.43 2.92 -13.69
N ASP A 94 -22.28 2.28 -13.61
CA ASP A 94 -21.46 2.19 -12.38
C ASP A 94 -21.23 3.56 -11.77
N GLY A 95 -21.44 3.66 -10.47
CA GLY A 95 -21.30 4.92 -9.77
C GLY A 95 -19.82 5.28 -9.58
N ASN A 96 -19.47 6.49 -10.02
CA ASN A 96 -18.11 7.03 -9.85
C ASN A 96 -18.23 8.35 -9.06
N ILE A 97 -17.48 8.44 -7.95
CA ILE A 97 -17.59 9.52 -6.99
C ILE A 97 -16.49 10.56 -7.23
N SER A 98 -16.88 11.83 -7.37
CA SER A 98 -15.93 12.95 -7.45
C SER A 98 -16.00 13.70 -6.12
N GLY A 99 -14.84 14.01 -5.54
CA GLY A 99 -14.75 14.94 -4.41
C GLY A 99 -13.91 16.18 -4.80
N PHE A 100 -14.45 17.36 -4.54
CA PHE A 100 -13.73 18.63 -4.77
C PHE A 100 -13.44 19.22 -3.39
N TYR A 101 -12.18 19.19 -2.98
CA TYR A 101 -11.76 19.49 -1.60
C TYR A 101 -11.23 20.94 -1.61
N PHE A 102 -11.91 21.82 -0.87
CA PHE A 102 -11.63 23.27 -0.88
C PHE A 102 -10.98 23.69 0.43
N LYS A 103 -9.92 24.49 0.32
CA LYS A 103 -9.31 25.14 1.49
C LYS A 103 -8.48 26.36 1.01
N ASP A 104 -8.67 27.51 1.66
CA ASP A 104 -7.84 28.73 1.43
C ASP A 104 -7.78 29.13 -0.04
N GLY A 105 -8.89 28.97 -0.75
CA GLY A 105 -8.96 29.35 -2.15
C GLY A 105 -8.32 28.39 -3.15
N HIS A 106 -7.85 27.23 -2.66
CA HIS A 106 -7.32 26.14 -3.49
C HIS A 106 -8.33 24.98 -3.52
N VAL A 107 -8.30 24.22 -4.62
CA VAL A 107 -9.19 23.07 -4.77
C VAL A 107 -8.49 21.91 -5.45
N ASP A 108 -8.69 20.71 -4.90
CA ASP A 108 -8.22 19.47 -5.46
C ASP A 108 -9.38 18.52 -5.80
N LEU A 109 -9.22 17.74 -6.88
CA LEU A 109 -10.16 16.68 -7.27
C LEU A 109 -9.60 15.31 -6.92
N LYS A 110 -10.42 14.51 -6.26
CA LYS A 110 -10.16 13.08 -6.11
C LYS A 110 -11.41 12.37 -6.68
N GLN A 111 -11.16 11.24 -7.37
CA GLN A 111 -12.20 10.57 -8.13
C GLN A 111 -11.98 9.06 -7.98
N ARG A 112 -13.06 8.32 -7.67
CA ARG A 112 -12.95 6.88 -7.55
C ARG A 112 -14.30 6.15 -7.68
N TYR A 113 -14.30 5.03 -8.38
CA TYR A 113 -15.50 4.19 -8.51
C TYR A 113 -15.86 3.51 -7.19
N VAL A 114 -17.15 3.40 -6.92
CA VAL A 114 -17.61 2.58 -5.79
C VAL A 114 -17.30 1.13 -6.11
N ARG A 115 -16.70 0.42 -5.16
CA ARG A 115 -16.44 -1.02 -5.33
C ARG A 115 -17.69 -1.84 -5.00
N THR A 116 -18.68 -1.75 -5.88
CA THR A 116 -19.86 -2.61 -5.75
C THR A 116 -19.50 -4.04 -6.12
N GLU A 117 -20.40 -4.96 -5.77
CA GLU A 117 -20.20 -6.34 -6.19
C GLU A 117 -20.13 -6.38 -7.71
N LYS A 118 -21.01 -5.65 -8.38
CA LYS A 118 -21.02 -5.58 -9.83
C LYS A 118 -19.67 -5.09 -10.38
N PHE A 119 -19.23 -3.94 -9.84
CA PHE A 119 -17.95 -3.37 -10.32
C PHE A 119 -16.79 -4.37 -10.22
N VAL A 120 -16.68 -5.00 -9.06
CA VAL A 120 -15.57 -5.92 -8.77
C VAL A 120 -15.62 -7.18 -9.65
N ARG A 121 -16.80 -7.78 -9.77
CA ARG A 121 -16.91 -9.01 -10.55
C ARG A 121 -16.71 -8.74 -12.01
N GLU A 122 -17.26 -7.65 -12.50
CA GLU A 122 -17.02 -7.29 -13.90
C GLU A 122 -15.55 -6.91 -14.17
N ALA A 123 -14.91 -6.26 -13.21
CA ALA A 123 -13.47 -5.94 -13.33
C ALA A 123 -12.62 -7.22 -13.39
N GLU A 124 -12.92 -8.20 -12.53
N GLU A 124 -12.92 -8.20 -12.53
CA GLU A 124 -12.25 -9.49 -12.57
CA GLU A 124 -12.25 -9.51 -12.56
C GLU A 124 -12.44 -10.20 -13.92
C GLU A 124 -12.44 -10.20 -13.92
N ALA A 125 -13.65 -10.16 -14.46
CA ALA A 125 -13.95 -10.83 -15.74
C ALA A 125 -13.54 -10.03 -16.96
N ARG A 126 -13.32 -8.72 -16.80
CA ARG A 126 -13.02 -7.80 -17.89
C ARG A 126 -14.15 -7.77 -18.92
N ARG A 127 -15.39 -7.87 -18.44
CA ARG A 127 -16.54 -7.77 -19.30
C ARG A 127 -17.79 -7.53 -18.46
N SER A 128 -18.81 -6.99 -19.11
CA SER A 128 -20.07 -6.77 -18.41
C SER A 128 -20.80 -8.09 -18.19
N LEU A 129 -21.45 -8.18 -17.04
CA LEU A 129 -22.10 -9.40 -16.54
C LEU A 129 -23.52 -9.09 -16.09
N LEU A 130 -23.72 -7.95 -15.45
CA LEU A 130 -25.06 -7.46 -15.11
C LEU A 130 -25.79 -6.98 -16.36
N GLY A 131 -27.05 -7.39 -16.49
CA GLY A 131 -27.87 -7.08 -17.67
C GLY A 131 -28.72 -5.83 -17.57
N LYS A 132 -30.02 -5.97 -17.87
CA LYS A 132 -30.93 -4.83 -17.89
C LYS A 132 -31.14 -4.22 -16.54
N TYR A 133 -31.47 -2.93 -16.56
CA TYR A 133 -31.79 -2.15 -15.37
C TYR A 133 -32.83 -2.90 -14.52
N ARG A 134 -32.43 -3.25 -13.29
CA ARG A 134 -33.29 -3.87 -12.30
C ARG A 134 -34.00 -5.14 -12.82
N ASN A 135 -33.32 -5.88 -13.69
CA ASN A 135 -33.82 -7.19 -14.14
C ASN A 135 -32.78 -8.29 -14.00
N ARG A 136 -32.79 -8.91 -12.83
CA ARG A 136 -31.82 -9.97 -12.53
C ARG A 136 -31.90 -11.17 -13.46
N TYR A 137 -33.05 -11.37 -14.11
CA TYR A 137 -33.22 -12.53 -15.03
C TYR A 137 -32.40 -12.35 -16.27
N THR A 138 -31.88 -11.15 -16.53
CA THR A 138 -30.99 -10.93 -17.68
C THR A 138 -29.49 -10.93 -17.35
N ASP A 139 -29.15 -11.15 -16.09
CA ASP A 139 -27.76 -11.17 -15.65
C ASP A 139 -27.07 -12.46 -16.09
N LEU A 140 -25.78 -12.39 -16.35
CA LEU A 140 -25.01 -13.54 -16.79
C LEU A 140 -24.50 -14.39 -15.67
N VAL A 141 -24.51 -13.87 -14.45
CA VAL A 141 -24.13 -14.59 -13.25
C VAL A 141 -25.11 -14.13 -12.21
N GLU A 142 -25.14 -14.84 -11.10
CA GLU A 142 -26.08 -14.52 -10.06
C GLU A 142 -25.43 -13.51 -9.12
N PHE A 143 -26.00 -12.30 -9.00
CA PHE A 143 -25.52 -11.31 -8.07
C PHE A 143 -26.28 -11.34 -6.78
N LYS A 144 -25.60 -11.13 -5.67
CA LYS A 144 -26.30 -10.91 -4.41
C LYS A 144 -26.79 -9.46 -4.30
N ILE A 145 -25.91 -8.50 -4.63
CA ILE A 145 -26.22 -7.09 -4.61
C ILE A 145 -26.03 -6.57 -6.05
N ARG A 146 -27.03 -5.92 -6.62
CA ARG A 146 -26.97 -5.43 -7.98
C ARG A 146 -26.75 -3.90 -8.03
N SER A 147 -26.55 -3.26 -6.88
CA SER A 147 -26.28 -1.82 -6.84
C SER A 147 -25.19 -1.38 -7.80
N THR A 148 -25.46 -0.27 -8.47
CA THR A 148 -24.44 0.58 -9.08
C THR A 148 -24.00 1.77 -8.20
N ALA A 149 -24.67 1.95 -7.07
CA ALA A 149 -24.34 3.00 -6.09
C ALA A 149 -24.12 4.34 -6.76
N ASN A 150 -25.03 4.70 -7.67
CA ASN A 150 -24.76 5.75 -8.63
C ASN A 150 -25.65 6.96 -8.56
N THR A 151 -26.47 7.07 -7.54
CA THR A 151 -27.54 8.05 -7.53
C THR A 151 -27.36 9.20 -6.56
N ASN A 152 -26.91 8.92 -5.32
CA ASN A 152 -26.58 9.99 -4.39
C ASN A 152 -25.36 9.58 -3.54
N ILE A 153 -24.72 10.57 -2.93
CA ILE A 153 -23.53 10.36 -2.12
C ILE A 153 -23.66 11.32 -0.95
N VAL A 154 -23.95 10.77 0.21
CA VAL A 154 -24.27 11.58 1.42
C VAL A 154 -23.27 11.27 2.53
N TYR A 155 -23.23 12.15 3.53
CA TYR A 155 -22.33 12.02 4.66
C TYR A 155 -23.12 11.57 5.89
N TRP A 156 -22.64 10.57 6.59
CA TRP A 156 -23.30 10.11 7.82
C TRP A 156 -22.29 9.46 8.77
N ARG A 157 -22.16 10.05 9.96
CA ARG A 157 -21.33 9.49 11.03
C ARG A 157 -19.95 9.09 10.57
N GLY A 158 -19.28 10.03 9.89
CA GLY A 158 -17.87 9.84 9.50
C GLY A 158 -17.59 9.01 8.27
N GLN A 159 -18.63 8.63 7.53
CA GLN A 159 -18.48 7.88 6.26
C GLN A 159 -19.31 8.57 5.19
N LEU A 160 -19.01 8.27 3.93
CA LEU A 160 -19.91 8.59 2.85
C LEU A 160 -20.79 7.37 2.64
N LEU A 161 -22.03 7.59 2.23
CA LEU A 161 -22.94 6.50 1.85
C LEU A 161 -23.31 6.73 0.40
N ALA A 162 -22.96 5.76 -0.45
CA ALA A 162 -23.22 5.82 -1.89
C ALA A 162 -24.52 5.04 -2.12
N LEU A 163 -25.52 5.75 -2.62
CA LEU A 163 -26.92 5.29 -2.56
C LEU A 163 -27.47 4.86 -3.89
N LYS A 164 -28.33 3.85 -3.84
CA LYS A 164 -29.02 3.34 -5.00
C LYS A 164 -30.29 2.60 -4.54
N GLU A 165 -31.44 3.06 -5.01
CA GLU A 165 -32.75 2.74 -4.40
C GLU A 165 -33.18 1.26 -4.45
N ASP A 166 -32.44 0.42 -5.18
CA ASP A 166 -32.71 -1.04 -5.22
C ASP A 166 -31.83 -1.81 -4.22
N SER A 167 -31.09 -1.09 -3.37
CA SER A 167 -30.00 -1.71 -2.61
C SER A 167 -29.75 -1.02 -1.27
N PRO A 168 -29.04 -1.69 -0.38
CA PRO A 168 -28.48 -0.97 0.76
C PRO A 168 -27.36 -0.01 0.29
N PRO A 169 -26.96 0.93 1.14
CA PRO A 169 -25.84 1.82 0.75
C PRO A 169 -24.51 1.07 0.73
N TYR A 170 -23.55 1.65 0.02
CA TYR A 170 -22.14 1.28 0.18
C TYR A 170 -21.45 2.40 0.98
N ALA A 171 -20.72 2.01 2.02
CA ALA A 171 -20.00 2.94 2.85
C ALA A 171 -18.60 3.20 2.27
N MET A 172 -18.18 4.47 2.32
CA MET A 172 -16.90 4.88 1.76
C MET A 172 -16.18 5.89 2.66
N ASP A 173 -14.89 5.98 2.48
CA ASP A 173 -14.03 6.91 3.26
C ASP A 173 -14.11 8.32 2.63
N PRO A 174 -14.52 9.33 3.39
CA PRO A 174 -14.61 10.70 2.84
C PRO A 174 -13.27 11.32 2.34
N GLU A 175 -12.17 10.85 2.88
CA GLU A 175 -10.86 11.41 2.59
C GLU A 175 -10.23 10.71 1.36
N THR A 176 -10.28 9.37 1.31
CA THR A 176 -9.59 8.60 0.29
C THR A 176 -10.52 8.05 -0.78
N LEU A 177 -11.83 8.09 -0.52
CA LEU A 177 -12.84 7.44 -1.37
C LEU A 177 -12.71 5.94 -1.56
N GLU A 178 -12.00 5.29 -0.63
N GLU A 178 -12.00 5.29 -0.63
CA GLU A 178 -11.95 3.83 -0.51
CA GLU A 178 -11.97 3.83 -0.55
C GLU A 178 -13.37 3.33 -0.20
C GLU A 178 -13.37 3.34 -0.19
N THR A 179 -13.73 2.18 -0.72
CA THR A 179 -15.03 1.60 -0.44
C THR A 179 -14.86 0.61 0.73
N PHE A 180 -15.60 0.77 1.82
CA PHE A 180 -15.55 -0.19 2.91
C PHE A 180 -16.41 -1.43 2.59
N GLY A 181 -17.57 -1.25 1.96
CA GLY A 181 -18.46 -2.39 1.63
C GLY A 181 -19.90 -1.99 1.83
N VAL A 182 -20.77 -2.95 1.63
CA VAL A 182 -22.19 -2.78 1.86
C VAL A 182 -22.38 -2.39 3.31
N TYR A 183 -23.28 -1.45 3.57
CA TYR A 183 -23.44 -0.94 4.91
C TYR A 183 -24.83 -1.28 5.47
N ASP A 184 -24.86 -1.91 6.65
CA ASP A 184 -26.11 -2.33 7.25
C ASP A 184 -26.39 -1.71 8.59
N PHE A 185 -25.74 -0.59 8.90
CA PHE A 185 -26.03 0.18 10.09
C PHE A 185 -25.91 -0.70 11.38
N ASP A 186 -24.78 -1.37 11.52
CA ASP A 186 -24.44 -2.26 12.64
C ASP A 186 -25.50 -3.35 12.78
N GLY A 187 -25.91 -3.91 11.66
CA GLY A 187 -26.94 -4.96 11.65
C GLY A 187 -28.36 -4.49 11.89
N GLN A 188 -28.63 -3.19 11.93
CA GLN A 188 -29.98 -2.70 12.21
C GLN A 188 -30.84 -2.47 10.97
N LEU A 189 -30.24 -2.43 9.79
CA LEU A 189 -30.96 -1.98 8.59
C LEU A 189 -32.13 -2.96 8.37
N PRO A 190 -33.36 -2.50 8.38
CA PRO A 190 -34.44 -3.50 8.34
C PRO A 190 -34.92 -3.89 6.95
N SER A 191 -34.46 -3.17 5.92
CA SER A 191 -35.00 -3.21 4.59
C SER A 191 -33.91 -3.70 3.61
N LEU A 192 -34.29 -4.37 2.55
CA LEU A 192 -33.33 -4.67 1.45
C LEU A 192 -32.96 -3.42 0.65
N THR A 193 -33.73 -2.34 0.78
CA THR A 193 -33.56 -1.16 -0.04
C THR A 193 -33.46 0.09 0.83
N PHE A 194 -32.64 1.03 0.35
CA PHE A 194 -32.39 2.30 1.02
C PHE A 194 -32.46 3.40 -0.04
N THR A 195 -33.40 4.31 0.15
CA THR A 195 -33.68 5.38 -0.80
C THR A 195 -32.42 6.20 -1.12
N ALA A 196 -32.39 6.78 -2.31
CA ALA A 196 -31.36 7.74 -2.62
C ALA A 196 -31.59 9.10 -2.01
N HIS A 197 -32.75 9.32 -1.38
CA HIS A 197 -33.08 10.64 -0.83
C HIS A 197 -33.46 10.62 0.66
N PRO A 198 -32.55 10.16 1.53
CA PRO A 198 -32.84 10.36 2.95
C PRO A 198 -32.88 11.87 3.29
N LYS A 199 -33.58 12.27 4.35
CA LYS A 199 -33.59 13.67 4.79
C LYS A 199 -32.87 13.78 6.14
N PHE A 200 -32.13 14.88 6.29
CA PHE A 200 -31.41 15.16 7.55
C PHE A 200 -32.13 16.25 8.29
N ASP A 201 -32.70 15.88 9.44
CA ASP A 201 -33.43 16.82 10.29
C ASP A 201 -32.37 17.68 11.00
N PRO A 202 -32.35 19.00 10.73
CA PRO A 202 -31.33 19.84 11.32
C PRO A 202 -31.51 20.07 12.84
N VAL A 203 -32.72 19.84 13.37
CA VAL A 203 -32.98 20.01 14.79
C VAL A 203 -32.70 18.74 15.56
N THR A 204 -33.26 17.61 15.15
CA THR A 204 -33.05 16.36 15.88
C THR A 204 -31.77 15.64 15.48
N ARG A 205 -31.17 16.03 14.33
CA ARG A 205 -29.98 15.37 13.79
C ARG A 205 -30.24 13.92 13.38
N GLU A 206 -31.51 13.55 13.22
CA GLU A 206 -31.85 12.25 12.68
C GLU A 206 -31.65 12.20 11.15
N MET A 207 -31.30 11.02 10.69
CA MET A 207 -31.42 10.68 9.28
C MET A 207 -32.72 9.88 9.09
N VAL A 208 -33.61 10.44 8.29
CA VAL A 208 -34.97 9.87 8.07
C VAL A 208 -34.96 9.21 6.68
N CYS A 209 -35.31 7.93 6.64
CA CYS A 209 -35.08 7.06 5.51
C CYS A 209 -36.34 6.24 5.14
N PHE A 210 -36.27 5.60 3.98
CA PHE A 210 -37.20 4.54 3.65
C PHE A 210 -36.60 3.70 2.55
N GLY A 211 -37.25 2.59 2.26
CA GLY A 211 -37.02 1.83 1.04
C GLY A 211 -38.34 1.36 0.47
N TYR A 212 -38.50 1.37 -0.86
CA TYR A 212 -39.65 0.71 -1.52
C TYR A 212 -39.14 -0.58 -2.19
N GLU A 213 -40.08 -1.41 -2.66
CA GLU A 213 -39.75 -2.80 -2.98
C GLU A 213 -38.88 -3.41 -1.88
N ALA A 214 -39.24 -3.13 -0.64
CA ALA A 214 -38.36 -3.40 0.49
C ALA A 214 -38.15 -4.88 0.82
N LYS A 215 -38.97 -5.76 0.26
CA LYS A 215 -38.77 -7.20 0.38
C LYS A 215 -38.40 -7.87 -0.95
N GLY A 216 -37.98 -7.07 -1.94
CA GLY A 216 -37.48 -7.61 -3.19
C GLY A 216 -38.34 -7.18 -4.39
N ASP A 217 -37.94 -7.69 -5.53
CA ASP A 217 -38.52 -7.35 -6.83
C ASP A 217 -40.04 -7.50 -6.79
N GLY A 218 -40.74 -6.44 -7.17
CA GLY A 218 -42.17 -6.46 -7.32
C GLY A 218 -42.96 -6.37 -6.04
N THR A 219 -42.30 -6.32 -4.88
CA THR A 219 -43.02 -6.19 -3.62
C THR A 219 -43.58 -4.80 -3.43
N ARG A 220 -44.74 -4.75 -2.78
CA ARG A 220 -45.42 -3.49 -2.48
C ARG A 220 -45.07 -2.99 -1.07
N ASP A 221 -44.12 -3.65 -0.44
CA ASP A 221 -43.67 -3.29 0.88
C ASP A 221 -42.81 -2.04 0.86
N ILE A 222 -43.19 -1.07 1.68
CA ILE A 222 -42.37 0.09 2.00
C ILE A 222 -41.96 -0.04 3.46
N CYS A 223 -40.65 0.11 3.73
CA CYS A 223 -40.15 0.17 5.09
C CYS A 223 -39.68 1.60 5.35
N TYR A 224 -40.32 2.25 6.31
CA TYR A 224 -39.99 3.57 6.78
C TYR A 224 -39.13 3.40 8.05
N TYR A 225 -37.97 4.05 8.07
CA TYR A 225 -37.06 3.89 9.21
C TYR A 225 -36.15 5.08 9.37
N SER A 226 -35.67 5.29 10.60
CA SER A 226 -34.86 6.46 10.93
C SER A 226 -33.74 6.09 11.88
N PHE A 227 -32.72 6.93 11.91
CA PHE A 227 -31.59 6.74 12.81
C PHE A 227 -31.33 8.02 13.57
N GLY A 228 -31.11 7.90 14.87
CA GLY A 228 -30.68 9.04 15.65
C GLY A 228 -29.23 9.36 15.36
N PRO A 229 -28.75 10.52 15.80
CA PRO A 229 -27.35 10.94 15.54
C PRO A 229 -26.30 10.03 16.16
N ASP A 230 -26.67 9.24 17.16
CA ASP A 230 -25.80 8.24 17.71
C ASP A 230 -25.72 6.96 16.89
N GLY A 231 -26.48 6.88 15.79
CA GLY A 231 -26.48 5.69 14.93
C GLY A 231 -27.48 4.61 15.27
N LYS A 232 -28.26 4.81 16.33
CA LYS A 232 -29.26 3.79 16.75
C LYS A 232 -30.54 3.95 15.94
N ILE A 233 -31.11 2.83 15.52
CA ILE A 233 -32.37 2.90 14.79
C ILE A 233 -33.46 3.41 15.72
N ALA A 234 -34.37 4.24 15.20
CA ALA A 234 -35.43 4.86 15.98
C ALA A 234 -36.76 4.32 15.41
N GLU A 235 -37.32 4.94 14.38
CA GLU A 235 -38.52 4.38 13.72
C GLU A 235 -38.25 3.13 12.88
N THR A 236 -39.21 2.19 12.89
CA THR A 236 -39.30 1.18 11.84
C THR A 236 -40.78 0.82 11.60
N VAL A 237 -41.33 1.22 10.46
CA VAL A 237 -42.75 0.95 10.15
C VAL A 237 -42.84 0.31 8.77
N TRP A 238 -43.49 -0.84 8.70
CA TRP A 238 -43.77 -1.52 7.44
C TRP A 238 -45.15 -1.11 6.94
N LEU A 239 -45.23 -0.63 5.70
CA LEU A 239 -46.49 -0.30 5.08
C LEU A 239 -46.56 -0.89 3.68
N VAL A 240 -47.74 -0.75 3.09
CA VAL A 240 -48.06 -1.35 1.83
C VAL A 240 -48.55 -0.25 0.88
N SER A 241 -47.91 -0.25 -0.28
CA SER A 241 -48.20 0.65 -1.37
C SER A 241 -49.42 0.07 -2.14
N PRO A 242 -50.33 0.91 -2.68
CA PRO A 242 -51.46 0.31 -3.44
C PRO A 242 -51.04 -0.38 -4.74
N VAL A 243 -49.95 0.07 -5.34
CA VAL A 243 -49.34 -0.59 -6.49
C VAL A 243 -47.85 -0.70 -6.23
N CYS A 244 -47.16 -1.57 -6.96
CA CYS A 244 -45.69 -1.62 -6.91
C CYS A 244 -45.15 -0.55 -7.85
N GLY A 245 -45.09 0.67 -7.32
CA GLY A 245 -44.71 1.84 -8.08
C GLY A 245 -43.39 2.45 -7.60
N MET A 246 -42.74 3.20 -8.49
CA MET A 246 -41.44 3.80 -8.18
C MET A 246 -41.60 4.98 -7.22
N ILE A 247 -40.97 4.92 -6.07
CA ILE A 247 -40.96 6.02 -5.10
C ILE A 247 -39.51 6.55 -5.00
N HIS A 248 -39.13 7.43 -5.90
CA HIS A 248 -37.77 7.89 -6.01
C HIS A 248 -37.33 8.83 -4.88
N ASP A 249 -38.25 9.70 -4.48
CA ASP A 249 -37.97 10.73 -3.46
C ASP A 249 -39.13 10.69 -2.47
N PHE A 250 -38.95 11.33 -1.32
CA PHE A 250 -40.00 11.49 -0.31
C PHE A 250 -39.83 12.79 0.41
N ALA A 251 -40.74 13.07 1.34
CA ALA A 251 -40.70 14.30 2.09
C ALA A 251 -40.94 14.04 3.56
N VAL A 252 -40.35 14.91 4.39
CA VAL A 252 -40.39 14.78 5.84
C VAL A 252 -40.74 16.13 6.41
N THR A 253 -41.76 16.15 7.29
CA THR A 253 -42.13 17.35 8.06
C THR A 253 -41.95 17.04 9.52
N GLU A 254 -42.29 18.01 10.38
CA GLU A 254 -42.14 17.79 11.82
C GLU A 254 -42.85 16.52 12.30
N ASN A 255 -44.08 16.32 11.82
CA ASN A 255 -44.93 15.22 12.29
C ASN A 255 -45.33 14.16 11.26
N PHE A 256 -44.94 14.33 10.00
CA PHE A 256 -45.32 13.38 8.95
C PHE A 256 -44.16 13.00 8.05
N VAL A 257 -44.30 11.83 7.44
CA VAL A 257 -43.50 11.45 6.27
C VAL A 257 -44.46 11.18 5.10
N ILE A 258 -44.00 11.53 3.90
CA ILE A 258 -44.85 11.62 2.72
C ILE A 258 -44.19 10.91 1.54
N PHE A 259 -44.93 9.99 0.90
CA PHE A 259 -44.42 9.12 -0.17
C PHE A 259 -45.15 9.35 -1.51
N PRO A 260 -44.59 10.16 -2.41
CA PRO A 260 -45.20 10.34 -3.73
C PRO A 260 -44.74 9.24 -4.68
N ILE A 261 -45.72 8.58 -5.34
CA ILE A 261 -45.46 7.45 -6.20
C ILE A 261 -45.56 7.83 -7.67
N ILE A 262 -44.47 7.58 -8.39
CA ILE A 262 -44.41 7.79 -9.82
C ILE A 262 -45.20 6.64 -10.45
N PRO A 263 -46.08 6.93 -11.43
CA PRO A 263 -46.86 5.85 -12.08
C PRO A 263 -46.10 4.87 -13.00
N LEU A 264 -44.86 4.54 -12.63
CA LEU A 264 -44.14 3.42 -13.22
C LEU A 264 -44.40 2.25 -12.33
N VAL A 265 -44.78 1.13 -12.92
CA VAL A 265 -45.21 -0.03 -12.16
C VAL A 265 -44.44 -1.28 -12.60
N CYS A 266 -44.13 -2.13 -11.63
CA CYS A 266 -43.36 -3.33 -11.82
C CYS A 266 -44.19 -4.61 -11.77
N ASP A 267 -43.99 -5.46 -12.75
CA ASP A 267 -44.56 -6.83 -12.84
C ASP A 267 -43.40 -7.80 -13.05
N VAL A 268 -43.17 -8.66 -12.09
CA VAL A 268 -42.05 -9.60 -12.14
C VAL A 268 -42.20 -10.64 -13.25
N GLU A 269 -43.43 -10.98 -13.61
CA GLU A 269 -43.64 -11.93 -14.74
C GLU A 269 -43.16 -11.35 -16.07
N ARG A 270 -43.42 -10.08 -16.28
CA ARG A 270 -42.86 -9.37 -17.42
C ARG A 270 -41.29 -9.44 -17.40
N MET A 271 -40.70 -9.19 -16.24
CA MET A 271 -39.22 -9.30 -16.07
C MET A 271 -38.67 -10.68 -16.41
N LYS A 272 -39.34 -11.73 -15.94
CA LYS A 272 -38.92 -13.11 -16.22
C LYS A 272 -38.92 -13.43 -17.70
N GLN A 273 -39.73 -12.75 -18.49
CA GLN A 273 -39.66 -12.85 -19.95
C GLN A 273 -38.66 -11.92 -20.63
N GLY A 274 -37.85 -11.19 -19.87
CA GLY A 274 -36.87 -10.26 -20.46
C GLY A 274 -37.32 -8.83 -20.56
N GLY A 275 -38.49 -8.51 -20.00
CA GLY A 275 -39.07 -7.19 -20.12
C GLY A 275 -38.53 -6.20 -19.08
N ASP A 276 -39.02 -4.96 -19.16
CA ASP A 276 -38.56 -3.89 -18.29
C ASP A 276 -39.10 -4.00 -16.89
N HIS A 277 -38.29 -3.59 -15.92
CA HIS A 277 -38.73 -3.49 -14.55
C HIS A 277 -39.90 -2.54 -14.41
N TRP A 278 -39.82 -1.42 -15.13
CA TRP A 278 -40.81 -0.34 -15.00
C TRP A 278 -41.61 -0.20 -16.29
N GLN A 279 -42.91 0.02 -16.12
CA GLN A 279 -43.84 0.29 -17.23
C GLN A 279 -44.86 1.30 -16.78
N TRP A 280 -45.02 2.37 -17.53
CA TRP A 280 -45.98 3.42 -17.16
C TRP A 280 -47.43 2.89 -17.15
N ASP A 281 -48.25 3.44 -16.26
CA ASP A 281 -49.66 3.10 -16.16
C ASP A 281 -50.46 4.39 -16.18
N TYR A 282 -51.08 4.67 -17.34
CA TYR A 282 -51.90 5.89 -17.52
C TYR A 282 -53.22 5.88 -16.73
N SER A 283 -53.61 4.75 -16.16
CA SER A 283 -54.90 4.64 -15.51
C SER A 283 -54.91 4.96 -14.03
N ILE A 284 -53.76 5.25 -13.43
CA ILE A 284 -53.70 5.42 -11.96
C ILE A 284 -53.41 6.86 -11.61
N PRO A 285 -53.80 7.27 -10.42
CA PRO A 285 -53.39 8.61 -10.00
C PRO A 285 -51.88 8.66 -9.64
N MET A 286 -51.38 9.87 -9.39
CA MET A 286 -50.12 9.98 -8.65
C MET A 286 -50.44 9.83 -7.17
N TYR A 287 -50.26 8.65 -6.62
CA TYR A 287 -50.48 8.44 -5.19
C TYR A 287 -49.51 9.28 -4.34
N ILE A 288 -50.01 9.83 -3.22
CA ILE A 288 -49.16 10.51 -2.22
C ILE A 288 -49.58 9.96 -0.86
N GLY A 289 -48.75 9.08 -0.29
CA GLY A 289 -49.02 8.49 1.01
C GLY A 289 -48.56 9.45 2.11
N VAL A 290 -49.33 9.53 3.19
CA VAL A 290 -48.95 10.32 4.37
C VAL A 290 -49.05 9.42 5.56
N LEU A 291 -47.97 9.37 6.34
CA LEU A 291 -47.85 8.55 7.55
C LEU A 291 -47.38 9.42 8.71
N PRO A 292 -47.93 9.22 9.91
CA PRO A 292 -47.33 9.94 11.04
C PRO A 292 -45.86 9.55 11.23
N ARG A 293 -45.05 10.55 11.53
CA ARG A 293 -43.61 10.40 11.59
C ARG A 293 -43.13 9.53 12.73
N ARG A 294 -43.83 9.60 13.88
CA ARG A 294 -43.41 8.85 15.06
C ARG A 294 -44.52 7.97 15.60
N GLY A 295 -44.20 6.73 15.95
CA GLY A 295 -45.12 5.89 16.65
C GLY A 295 -46.24 5.25 15.81
N ALA A 296 -46.21 5.34 14.48
CA ALA A 296 -47.32 4.83 13.66
C ALA A 296 -47.26 3.33 13.46
N GLN A 297 -48.39 2.75 13.04
CA GLN A 297 -48.42 1.43 12.40
C GLN A 297 -48.65 1.64 10.93
N GLY A 298 -48.42 0.56 10.18
CA GLY A 298 -48.57 0.58 8.72
C GLY A 298 -49.96 0.94 8.24
N SER A 299 -50.99 0.52 8.98
CA SER A 299 -52.37 0.89 8.63
C SER A 299 -52.70 2.35 8.85
N ASP A 300 -51.82 3.14 9.49
CA ASP A 300 -52.06 4.60 9.61
C ASP A 300 -51.80 5.40 8.35
N VAL A 301 -51.17 4.79 7.34
CA VAL A 301 -50.90 5.51 6.11
C VAL A 301 -52.24 5.83 5.40
N LYS A 302 -52.35 7.03 4.87
CA LYS A 302 -53.43 7.42 4.00
C LYS A 302 -52.86 7.66 2.59
N TRP A 303 -53.40 6.94 1.62
CA TRP A 303 -53.05 7.11 0.22
C TRP A 303 -53.93 8.14 -0.50
N PHE A 304 -53.51 9.40 -0.45
CA PHE A 304 -54.13 10.45 -1.24
C PHE A 304 -53.82 10.24 -2.71
N GLU A 305 -54.64 10.86 -3.55
CA GLU A 305 -54.61 10.62 -4.98
C GLU A 305 -54.52 11.94 -5.70
N ALA A 306 -53.31 12.32 -6.09
CA ALA A 306 -53.11 13.51 -6.85
C ALA A 306 -53.44 13.21 -8.31
N PRO A 307 -53.77 14.23 -9.10
CA PRO A 307 -53.97 14.00 -10.52
C PRO A 307 -52.75 13.33 -11.17
N HIS A 308 -53.06 12.45 -12.10
CA HIS A 308 -52.06 11.69 -12.78
C HIS A 308 -50.91 12.55 -13.29
N GLY A 309 -49.70 12.09 -12.98
CA GLY A 309 -48.51 12.85 -13.36
C GLY A 309 -47.27 12.21 -12.77
N PHE A 310 -46.14 12.84 -13.03
CA PHE A 310 -44.81 12.33 -12.65
C PHE A 310 -44.37 13.04 -11.37
N ALA A 311 -44.09 12.26 -10.34
CA ALA A 311 -43.56 12.78 -9.07
C ALA A 311 -42.03 13.01 -9.21
N GLY A 312 -41.66 14.25 -9.45
CA GLY A 312 -40.23 14.66 -9.53
C GLY A 312 -39.65 14.96 -8.16
N HIS A 313 -38.45 15.56 -8.13
CA HIS A 313 -37.78 15.76 -6.86
C HIS A 313 -38.49 16.71 -5.91
N VAL A 314 -38.42 16.36 -4.63
CA VAL A 314 -38.94 17.19 -3.56
C VAL A 314 -37.94 18.29 -3.19
N ALA A 315 -38.39 19.54 -3.19
CA ALA A 315 -37.55 20.66 -2.72
C ALA A 315 -37.52 20.56 -1.19
N ASN A 316 -38.71 20.55 -0.61
CA ASN A 316 -38.89 20.44 0.84
C ASN A 316 -40.39 20.37 1.14
N ALA A 317 -40.72 19.83 2.29
CA ALA A 317 -42.10 19.92 2.80
C ALA A 317 -42.09 20.41 4.22
N PHE A 318 -43.18 21.07 4.60
CA PHE A 318 -43.36 21.56 5.96
C PHE A 318 -44.81 21.66 6.34
N GLU A 319 -45.06 21.69 7.65
CA GLU A 319 -46.42 21.99 8.18
C GLU A 319 -46.63 23.47 8.38
N ASP A 320 -47.71 24.01 7.81
CA ASP A 320 -48.07 25.44 8.00
C ASP A 320 -48.80 25.61 9.36
N ASP A 321 -49.24 26.84 9.65
CA ASP A 321 -49.99 27.18 10.89
C ASP A 321 -51.30 26.40 11.12
N LYS A 322 -51.95 25.91 10.07
CA LYS A 322 -53.13 25.04 10.18
C LYS A 322 -52.79 23.57 10.36
N GLY A 323 -51.50 23.20 10.40
CA GLY A 323 -51.12 21.78 10.49
C GLY A 323 -51.22 21.02 9.18
N HIS A 324 -51.44 21.74 8.07
CA HIS A 324 -51.45 21.15 6.73
C HIS A 324 -50.04 21.04 6.15
N ILE A 325 -49.81 20.00 5.37
CA ILE A 325 -48.51 19.75 4.75
C ILE A 325 -48.46 20.53 3.45
N GLN A 326 -47.45 21.40 3.33
CA GLN A 326 -47.13 22.05 2.08
C GLN A 326 -45.97 21.26 1.46
N LEU A 327 -46.27 20.55 0.36
CA LEU A 327 -45.33 19.68 -0.31
C LEU A 327 -44.91 20.36 -1.58
N GLN A 328 -43.64 20.78 -1.66
CA GLN A 328 -43.15 21.52 -2.81
C GLN A 328 -42.17 20.65 -3.58
N MET A 329 -42.46 20.43 -4.86
CA MET A 329 -41.83 19.40 -5.65
C MET A 329 -41.99 19.65 -7.14
N ALA A 330 -41.05 19.13 -7.92
CA ALA A 330 -41.17 19.13 -9.36
C ALA A 330 -42.28 18.14 -9.73
N TYR A 331 -43.10 18.54 -10.70
CA TYR A 331 -44.28 17.75 -11.09
C TYR A 331 -44.56 17.94 -12.55
N ALA A 332 -44.70 16.85 -13.27
CA ALA A 332 -44.99 16.86 -14.69
C ALA A 332 -46.30 16.12 -14.94
N LYS A 333 -46.88 16.39 -16.11
CA LYS A 333 -48.16 15.79 -16.52
C LYS A 333 -48.03 14.55 -17.37
N ASP A 334 -46.81 14.11 -17.65
CA ASP A 334 -46.58 12.87 -18.41
C ASP A 334 -45.27 12.20 -17.93
N ASN A 335 -44.91 11.11 -18.57
CA ASN A 335 -43.83 10.23 -18.18
C ASN A 335 -42.46 10.82 -18.60
N VAL A 336 -41.76 11.38 -17.63
CA VAL A 336 -40.42 11.93 -17.81
C VAL A 336 -39.45 10.85 -18.29
N PHE A 337 -39.63 9.61 -17.79
CA PHE A 337 -38.78 8.51 -18.17
C PHE A 337 -39.42 7.76 -19.34
N PHE A 338 -39.42 8.46 -20.48
CA PHE A 338 -40.15 8.06 -21.71
C PHE A 338 -39.68 6.76 -22.36
N TRP A 339 -38.47 6.33 -22.05
CA TRP A 339 -37.91 5.05 -22.49
C TRP A 339 -38.57 3.86 -21.77
N TRP A 340 -39.39 4.11 -20.74
CA TRP A 340 -40.21 3.07 -20.12
C TRP A 340 -41.69 3.41 -20.31
N PRO A 341 -42.23 3.17 -21.53
CA PRO A 341 -43.59 3.62 -21.81
C PRO A 341 -44.64 2.64 -21.25
N ASP A 342 -45.92 2.81 -21.64
CA ASP A 342 -46.96 1.94 -21.10
C ASP A 342 -46.97 0.60 -21.82
N ALA A 343 -47.93 -0.27 -21.49
CA ALA A 343 -47.99 -1.61 -22.09
C ALA A 343 -48.12 -1.61 -23.62
N ASN A 344 -48.68 -0.55 -24.19
CA ASN A 344 -48.83 -0.44 -25.65
C ASN A 344 -47.78 0.44 -26.30
N GLY A 345 -46.69 0.71 -25.57
CA GLY A 345 -45.62 1.55 -26.10
C GLY A 345 -45.98 3.01 -26.13
N LYS A 346 -47.04 3.42 -25.43
CA LYS A 346 -47.46 4.82 -25.45
C LYS A 346 -46.69 5.68 -24.43
N GLY A 347 -46.30 6.86 -24.90
CA GLY A 347 -45.48 7.75 -24.13
C GLY A 347 -44.91 8.89 -24.95
N PRO A 348 -44.30 9.87 -24.27
CA PRO A 348 -43.81 11.07 -24.96
C PRO A 348 -42.46 10.81 -25.65
N ARG A 349 -41.99 11.84 -26.35
CA ARG A 349 -40.73 11.82 -27.04
C ARG A 349 -39.69 12.56 -26.24
N PRO A 350 -38.40 12.35 -26.60
CA PRO A 350 -37.33 13.09 -25.92
C PRO A 350 -37.56 14.59 -25.96
N GLY A 351 -37.35 15.29 -24.85
CA GLY A 351 -37.44 16.75 -24.82
C GLY A 351 -38.83 17.35 -24.72
N GLU A 352 -39.86 16.52 -24.70
CA GLU A 352 -41.24 17.00 -24.78
C GLU A 352 -41.81 17.39 -23.41
N VAL A 353 -41.53 16.60 -22.39
CA VAL A 353 -42.21 16.76 -21.11
C VAL A 353 -41.53 17.80 -20.24
N GLU A 354 -42.26 18.79 -19.78
CA GLU A 354 -41.75 19.77 -18.82
C GLU A 354 -42.23 19.44 -17.43
N ALA A 355 -41.40 19.70 -16.43
CA ALA A 355 -41.80 19.60 -15.03
C ALA A 355 -41.82 20.99 -14.44
N HIS A 356 -42.76 21.21 -13.54
CA HIS A 356 -42.98 22.50 -12.95
C HIS A 356 -42.98 22.43 -11.45
N PHE A 357 -42.65 23.56 -10.84
CA PHE A 357 -42.49 23.65 -9.40
C PHE A 357 -43.84 23.79 -8.71
N ALA A 358 -44.31 22.66 -8.17
CA ALA A 358 -45.67 22.54 -7.67
C ALA A 358 -45.73 22.58 -6.18
N ASN A 359 -46.84 23.12 -5.67
CA ASN A 359 -47.16 23.07 -4.26
C ASN A 359 -48.45 22.25 -4.10
N PHE A 360 -48.37 21.10 -3.43
CA PHE A 360 -49.53 20.31 -3.07
C PHE A 360 -49.84 20.54 -1.59
N VAL A 361 -51.14 20.69 -1.27
CA VAL A 361 -51.58 20.86 0.12
C VAL A 361 -52.20 19.55 0.57
N LEU A 362 -51.72 18.99 1.68
CA LEU A 362 -52.29 17.75 2.19
C LEU A 362 -52.67 17.90 3.64
N ASP A 363 -53.76 17.25 4.01
CA ASP A 363 -54.29 17.32 5.37
C ASP A 363 -54.48 15.91 5.80
N TYR A 364 -53.64 15.44 6.71
CA TYR A 364 -53.70 14.05 7.15
C TYR A 364 -55.08 13.72 7.77
N GLN A 365 -55.73 14.71 8.39
CA GLN A 365 -57.08 14.55 8.97
C GLN A 365 -58.18 14.29 7.96
N SER A 366 -58.03 14.77 6.73
CA SER A 366 -59.07 14.63 5.70
C SER A 366 -59.28 13.18 5.31
N ASP A 367 -60.52 12.83 5.03
CA ASP A 367 -60.84 11.50 4.49
C ASP A 367 -61.13 11.59 3.02
N LYS A 368 -61.08 12.79 2.45
CA LYS A 368 -61.16 12.93 1.01
C LYS A 368 -59.79 12.55 0.34
N LEU A 369 -59.76 11.44 -0.40
CA LEU A 369 -58.51 10.96 -1.02
C LEU A 369 -58.06 11.75 -2.26
N PRO A 370 -58.97 12.06 -3.19
CA PRO A 370 -58.58 12.90 -4.34
C PRO A 370 -58.09 14.27 -3.93
N LEU A 371 -57.01 14.75 -4.56
CA LEU A 371 -56.42 16.07 -4.29
C LEU A 371 -56.62 16.95 -5.50
N ALA A 372 -56.73 18.25 -5.28
CA ALA A 372 -56.79 19.21 -6.37
C ALA A 372 -55.46 19.31 -7.11
N GLU A 373 -55.53 19.85 -8.32
CA GLU A 373 -54.36 20.25 -9.06
C GLU A 373 -53.52 21.13 -8.12
N PRO A 374 -52.19 20.98 -8.15
CA PRO A 374 -51.38 21.88 -7.33
C PRO A 374 -51.35 23.28 -7.88
N THR A 375 -50.89 24.25 -7.10
CA THR A 375 -50.48 25.54 -7.62
C THR A 375 -48.99 25.48 -7.99
N TYR A 376 -48.54 26.45 -8.79
CA TYR A 376 -47.19 26.46 -9.32
C TYR A 376 -46.43 27.72 -8.87
N LEU A 377 -45.21 27.56 -8.40
CA LEU A 377 -44.46 28.65 -7.82
C LEU A 377 -43.73 29.50 -8.84
N VAL A 378 -43.40 28.94 -9.98
CA VAL A 378 -42.74 29.67 -11.08
C VAL A 378 -43.20 29.00 -12.34
N ASP A 379 -42.90 29.65 -13.46
CA ASP A 379 -43.25 29.15 -14.80
C ASP A 379 -42.22 28.20 -15.42
N ASP A 380 -40.96 28.28 -14.99
CA ASP A 380 -39.85 27.59 -15.66
C ASP A 380 -40.04 26.08 -15.69
N ASP A 381 -39.60 25.46 -16.79
CA ASP A 381 -39.38 24.00 -16.83
C ASP A 381 -38.12 23.76 -15.93
N MET A 382 -38.33 23.03 -14.85
CA MET A 382 -37.33 22.92 -13.81
C MET A 382 -37.17 21.49 -13.25
N GLU A 383 -36.13 21.33 -12.45
CA GLU A 383 -35.87 20.10 -11.67
C GLU A 383 -34.67 20.34 -10.74
N PHE A 384 -34.33 19.31 -9.98
N PHE A 384 -34.33 19.31 -9.98
CA PHE A 384 -33.18 19.28 -9.07
CA PHE A 384 -33.18 19.28 -9.08
C PHE A 384 -33.18 20.47 -8.10
C PHE A 384 -33.18 20.47 -8.10
N PRO A 385 -34.28 20.66 -7.36
CA PRO A 385 -34.35 21.74 -6.41
C PRO A 385 -33.57 21.47 -5.13
N ARG A 386 -32.91 22.51 -4.64
CA ARG A 386 -32.22 22.48 -3.35
C ARG A 386 -32.68 23.62 -2.49
N ILE A 387 -32.68 23.39 -1.20
CA ILE A 387 -32.93 24.46 -0.23
C ILE A 387 -31.73 24.61 0.67
N ASP A 388 -31.79 25.58 1.56
CA ASP A 388 -30.86 25.69 2.68
C ASP A 388 -31.27 24.59 3.67
N ASP A 389 -30.46 23.56 3.77
CA ASP A 389 -30.84 22.37 4.53
C ASP A 389 -30.85 22.61 6.06
N ARG A 390 -30.44 23.79 6.48
CA ARG A 390 -30.65 24.20 7.88
C ARG A 390 -32.13 24.40 8.26
N VAL A 391 -33.02 24.54 7.28
CA VAL A 391 -34.47 24.55 7.55
C VAL A 391 -35.21 23.33 6.97
N ALA A 392 -34.48 22.28 6.59
CA ALA A 392 -35.13 21.07 6.04
C ALA A 392 -36.20 20.53 7.03
N THR A 393 -37.36 20.18 6.48
CA THR A 393 -38.52 19.71 7.26
C THR A 393 -39.34 20.83 7.96
N ARG A 394 -38.89 22.08 7.85
CA ARG A 394 -39.53 23.25 8.38
C ARG A 394 -39.76 24.20 7.22
N LYS A 395 -40.41 25.32 7.49
CA LYS A 395 -40.72 26.28 6.48
C LYS A 395 -39.44 26.83 5.89
N HIS A 396 -39.36 26.83 4.55
CA HIS A 396 -38.19 27.35 3.85
C HIS A 396 -38.70 28.49 3.01
N LYS A 397 -37.82 29.44 2.71
CA LYS A 397 -38.22 30.54 1.82
C LYS A 397 -37.25 30.81 0.67
N HIS A 398 -36.30 29.91 0.47
CA HIS A 398 -35.41 29.97 -0.68
C HIS A 398 -35.31 28.57 -1.30
N THR A 399 -35.39 28.54 -2.62
CA THR A 399 -35.10 27.37 -3.43
C THR A 399 -34.20 27.71 -4.59
N PHE A 400 -33.23 26.84 -4.80
CA PHE A 400 -32.29 26.92 -5.94
C PHE A 400 -32.56 25.70 -6.84
N PHE A 401 -32.72 25.89 -8.14
CA PHE A 401 -33.06 24.76 -8.99
C PHE A 401 -32.54 24.92 -10.40
N CYS A 402 -32.48 23.79 -11.09
CA CYS A 402 -32.08 23.77 -12.50
C CYS A 402 -33.27 24.20 -13.34
N ILE A 403 -33.00 24.88 -14.44
CA ILE A 403 -34.03 25.28 -15.41
C ILE A 403 -33.58 24.91 -16.79
N PHE A 404 -34.56 24.71 -17.66
CA PHE A 404 -34.32 24.49 -19.08
C PHE A 404 -35.21 25.46 -19.86
N ASP A 405 -34.57 26.48 -20.40
CA ASP A 405 -35.24 27.54 -21.12
C ASP A 405 -35.12 27.31 -22.62
N ARG A 406 -36.27 27.09 -23.27
CA ARG A 406 -36.31 26.89 -24.74
C ARG A 406 -36.29 28.18 -25.58
N LYS A 407 -36.33 29.33 -24.94
CA LYS A 407 -36.29 30.60 -25.63
C LYS A 407 -35.11 30.64 -26.62
N PRO A 408 -35.36 31.07 -27.88
CA PRO A 408 -34.29 31.06 -28.85
C PRO A 408 -33.02 31.79 -28.39
N GLY A 409 -31.89 31.12 -28.55
CA GLY A 409 -30.60 31.68 -28.25
C GLY A 409 -30.03 31.41 -26.87
N VAL A 410 -30.84 30.95 -25.92
CA VAL A 410 -30.29 30.64 -24.59
C VAL A 410 -29.27 29.48 -24.68
N THR A 411 -29.66 28.43 -25.39
CA THR A 411 -28.74 27.35 -25.77
C THR A 411 -28.60 27.32 -27.30
N ASP A 412 -27.37 27.28 -27.78
CA ASP A 412 -27.06 27.07 -29.19
C ASP A 412 -27.19 25.56 -29.48
N PHE A 413 -28.43 25.12 -29.71
CA PHE A 413 -28.72 23.70 -29.94
C PHE A 413 -28.00 23.11 -31.14
N GLU A 414 -27.86 23.89 -32.19
CA GLU A 414 -27.17 23.44 -33.39
C GLU A 414 -25.72 23.02 -33.11
N PHE A 415 -25.03 23.74 -32.23
CA PHE A 415 -23.67 23.38 -31.83
C PHE A 415 -23.68 22.25 -30.78
N VAL A 416 -24.53 22.37 -29.77
CA VAL A 416 -24.52 21.48 -28.59
C VAL A 416 -25.04 20.07 -28.89
N MET A 417 -26.22 19.97 -29.49
CA MET A 417 -26.87 18.66 -29.66
C MET A 417 -26.05 17.60 -30.40
N PRO A 418 -25.36 17.95 -31.49
CA PRO A 418 -24.52 16.89 -32.09
C PRO A 418 -23.33 16.44 -31.21
N ARG A 419 -22.98 17.20 -30.18
CA ARG A 419 -21.87 16.83 -29.29
C ARG A 419 -22.34 16.24 -27.98
N ALA A 420 -23.66 16.19 -27.77
CA ALA A 420 -24.17 15.99 -26.40
C ALA A 420 -24.37 14.52 -26.03
N GLY A 421 -24.63 13.67 -27.02
CA GLY A 421 -25.11 12.31 -26.76
C GLY A 421 -26.51 12.36 -26.22
N GLY A 422 -27.01 11.24 -25.75
CA GLY A 422 -28.33 11.19 -25.16
C GLY A 422 -28.35 10.49 -23.84
N GLY A 423 -29.52 10.51 -23.22
CA GLY A 423 -29.81 9.66 -22.07
C GLY A 423 -29.97 10.38 -20.77
N ALA A 424 -29.60 11.67 -20.74
CA ALA A 424 -29.60 12.46 -19.52
C ALA A 424 -30.37 13.76 -19.73
N PRO A 425 -30.91 14.33 -18.65
CA PRO A 425 -31.65 15.57 -18.76
C PRO A 425 -30.72 16.75 -18.99
N MET A 426 -31.24 17.79 -19.61
CA MET A 426 -30.52 19.00 -19.90
C MET A 426 -31.05 20.17 -19.08
N SER A 427 -30.10 20.94 -18.56
CA SER A 427 -30.37 22.13 -17.79
C SER A 427 -29.45 23.24 -18.32
N ASN A 428 -30.02 24.41 -18.70
CA ASN A 428 -29.19 25.51 -19.22
C ASN A 428 -29.12 26.72 -18.32
N GLY A 429 -29.54 26.54 -17.08
CA GLY A 429 -29.40 27.57 -16.07
C GLY A 429 -29.73 27.07 -14.68
N LEU A 430 -29.46 27.93 -13.71
CA LEU A 430 -29.98 27.77 -12.35
C LEU A 430 -30.86 28.96 -12.05
N ALA A 431 -31.83 28.75 -11.18
CA ALA A 431 -32.66 29.86 -10.69
C ALA A 431 -32.69 29.83 -9.19
N HIS A 432 -32.79 31.03 -8.62
CA HIS A 432 -33.03 31.19 -7.18
C HIS A 432 -34.37 31.90 -7.00
N LEU A 433 -35.31 31.23 -6.34
CA LEU A 433 -36.59 31.82 -5.96
C LEU A 433 -36.53 32.22 -4.50
N ASN A 434 -36.80 33.49 -4.24
CA ASN A 434 -37.13 33.98 -2.89
C ASN A 434 -38.65 33.86 -2.75
N HIS A 435 -39.12 32.99 -1.84
CA HIS A 435 -40.53 32.68 -1.73
C HIS A 435 -41.35 33.82 -1.05
N GLU A 436 -40.72 34.62 -0.17
CA GLU A 436 -41.38 35.76 0.42
C GLU A 436 -41.64 36.85 -0.59
N THR A 437 -40.59 37.31 -1.27
CA THR A 437 -40.71 38.43 -2.21
C THR A 437 -41.17 38.04 -3.60
N GLY A 438 -41.05 36.75 -3.97
CA GLY A 438 -41.28 36.33 -5.34
C GLY A 438 -40.16 36.67 -6.34
N ASP A 439 -39.09 37.34 -5.91
CA ASP A 439 -37.98 37.62 -6.84
C ASP A 439 -37.25 36.34 -7.26
N ILE A 440 -36.87 36.28 -8.53
CA ILE A 440 -36.13 35.16 -9.10
C ILE A 440 -34.87 35.72 -9.73
N GLN A 441 -33.71 35.17 -9.40
CA GLN A 441 -32.50 35.43 -10.18
C GLN A 441 -32.14 34.20 -10.99
N ARG A 442 -31.61 34.41 -12.19
CA ARG A 442 -31.23 33.32 -13.07
C ARG A 442 -29.77 33.39 -13.46
N TYR A 443 -29.07 32.26 -13.29
CA TYR A 443 -27.69 32.09 -13.75
C TYR A 443 -27.70 31.36 -15.07
N LEU A 444 -27.13 31.97 -16.12
CA LEU A 444 -26.99 31.37 -17.43
C LEU A 444 -25.52 31.19 -17.70
N PRO A 445 -25.02 29.95 -17.67
CA PRO A 445 -23.58 29.78 -17.91
C PRO A 445 -23.13 30.14 -19.29
N GLY A 446 -24.03 30.06 -20.28
CA GLY A 446 -23.67 30.43 -21.66
C GLY A 446 -24.34 29.54 -22.68
N PRO A 447 -24.31 29.97 -23.93
CA PRO A 447 -25.04 29.25 -24.97
C PRO A 447 -24.50 27.86 -25.30
N ARG A 448 -23.23 27.59 -24.97
CA ARG A 448 -22.63 26.29 -25.23
C ARG A 448 -22.22 25.53 -23.97
N LYS A 449 -22.92 25.84 -22.87
CA LYS A 449 -22.72 25.18 -21.60
C LYS A 449 -24.06 24.72 -21.03
N LEU A 450 -24.05 23.59 -20.34
CA LEU A 450 -25.20 23.08 -19.60
C LEU A 450 -24.74 22.79 -18.15
N THR A 451 -25.69 22.64 -17.23
CA THR A 451 -25.38 22.49 -15.83
C THR A 451 -25.87 21.18 -15.27
N GLY A 452 -25.28 20.79 -14.13
CA GLY A 452 -25.82 19.73 -13.26
C GLY A 452 -26.63 20.31 -12.10
N GLU A 453 -26.87 19.46 -11.11
CA GLU A 453 -27.51 19.87 -9.86
C GLU A 453 -26.55 20.69 -9.03
N CYS A 454 -27.05 21.75 -8.43
CA CYS A 454 -26.23 22.68 -7.65
C CYS A 454 -26.19 22.22 -6.21
N ILE A 455 -25.26 22.81 -5.47
CA ILE A 455 -25.22 22.73 -4.00
C ILE A 455 -25.22 24.16 -3.46
N PHE A 456 -25.76 24.27 -2.26
CA PHE A 456 -25.76 25.51 -1.50
C PHE A 456 -24.86 25.39 -0.27
N ILE A 457 -24.11 26.46 -0.02
CA ILE A 457 -23.14 26.52 1.07
C ILE A 457 -23.44 27.79 1.91
N PRO A 458 -23.84 27.63 3.18
CA PRO A 458 -23.99 28.82 4.04
C PRO A 458 -22.70 29.65 4.08
N ARG A 459 -22.85 30.97 4.01
CA ARG A 459 -21.69 31.88 4.08
C ARG A 459 -20.78 31.60 5.28
N ASN A 460 -21.38 31.30 6.42
CA ASN A 460 -20.70 30.99 7.68
C ASN A 460 -21.80 30.52 8.61
N SER A 461 -21.50 30.17 9.84
CA SER A 461 -22.56 29.65 10.72
C SER A 461 -23.57 30.72 11.21
N GLU A 462 -23.31 32.02 11.02
CA GLU A 462 -24.30 33.07 11.34
C GLU A 462 -25.14 33.49 10.15
N ALA A 463 -24.87 32.95 8.97
CA ALA A 463 -25.54 33.45 7.79
C ALA A 463 -27.05 33.20 7.87
N ALA A 464 -27.80 34.14 7.31
CA ALA A 464 -29.24 34.00 7.15
C ALA A 464 -29.56 32.90 6.14
N GLU A 465 -30.80 32.47 6.17
CA GLU A 465 -31.26 31.43 5.27
C GLU A 465 -30.94 31.79 3.83
N GLY A 466 -30.31 30.86 3.12
CA GLY A 466 -30.08 31.05 1.71
C GLY A 466 -29.02 32.08 1.35
N ASP A 467 -28.23 32.51 2.33
CA ASP A 467 -27.15 33.47 2.08
C ASP A 467 -25.79 32.73 2.09
N GLY A 468 -25.09 32.81 0.98
CA GLY A 468 -23.79 32.13 0.87
C GLY A 468 -23.38 31.89 -0.58
N TYR A 469 -22.96 30.66 -0.86
CA TYR A 469 -22.45 30.31 -2.17
C TYR A 469 -23.21 29.16 -2.79
N VAL A 470 -23.27 29.17 -4.12
CA VAL A 470 -23.80 28.07 -4.89
C VAL A 470 -22.68 27.56 -5.79
N MET A 471 -22.50 26.25 -5.86
CA MET A 471 -21.59 25.63 -6.81
C MET A 471 -22.35 24.73 -7.77
N VAL A 472 -21.89 24.65 -9.01
CA VAL A 472 -22.54 23.79 -10.00
C VAL A 472 -21.51 23.39 -11.02
N LEU A 473 -21.56 22.12 -11.40
CA LEU A 473 -20.71 21.60 -12.45
C LEU A 473 -21.30 21.94 -13.82
N LEU A 474 -20.44 22.38 -14.72
CA LEU A 474 -20.83 22.75 -16.07
C LEU A 474 -20.21 21.79 -17.06
N ALA A 475 -20.98 21.45 -18.09
CA ALA A 475 -20.45 20.81 -19.28
C ALA A 475 -20.19 21.92 -20.31
N ASN A 476 -18.94 22.09 -20.72
CA ASN A 476 -18.58 23.09 -21.74
C ASN A 476 -18.40 22.36 -23.07
N TYR A 477 -19.38 22.51 -23.97
CA TYR A 477 -19.39 21.75 -25.20
C TYR A 477 -18.38 22.30 -26.21
N GLU A 478 -17.91 23.54 -26.03
CA GLU A 478 -16.84 24.06 -26.88
C GLU A 478 -15.52 23.38 -26.68
N ASP A 479 -15.11 23.27 -25.41
CA ASP A 479 -13.87 22.61 -25.01
C ASP A 479 -14.03 21.12 -24.85
N MET A 480 -15.27 20.63 -24.75
CA MET A 480 -15.55 19.26 -24.30
C MET A 480 -14.82 18.98 -22.99
N CYS A 481 -14.91 19.92 -22.06
CA CYS A 481 -14.35 19.81 -20.71
C CYS A 481 -15.44 20.15 -19.72
N SER A 482 -15.21 19.76 -18.48
CA SER A 482 -16.06 20.17 -17.39
C SER A 482 -15.46 21.35 -16.65
N GLU A 483 -16.34 22.11 -16.01
CA GLU A 483 -15.97 23.26 -15.18
C GLU A 483 -16.79 23.25 -13.93
N LEU A 484 -16.26 23.80 -12.87
CA LEU A 484 -17.01 23.96 -11.62
C LEU A 484 -17.16 25.46 -11.31
N ALA A 485 -18.41 25.95 -11.37
CA ALA A 485 -18.72 27.36 -11.14
C ALA A 485 -19.04 27.63 -9.68
N VAL A 486 -18.54 28.75 -9.19
CA VAL A 486 -18.82 29.22 -7.82
C VAL A 486 -19.49 30.59 -7.92
N LEU A 487 -20.67 30.67 -7.31
CA LEU A 487 -21.54 31.85 -7.36
C LEU A 487 -21.82 32.31 -5.95
N ASP A 488 -21.98 33.62 -5.77
CA ASP A 488 -22.43 34.22 -4.51
C ASP A 488 -23.92 34.49 -4.63
N THR A 489 -24.70 34.11 -3.62
CA THR A 489 -26.16 34.27 -3.69
C THR A 489 -26.63 35.71 -3.75
N LYS A 490 -25.78 36.64 -3.36
CA LYS A 490 -26.03 38.07 -3.57
C LYS A 490 -26.19 38.46 -5.01
N ASP A 491 -25.58 37.73 -5.93
CA ASP A 491 -25.76 37.97 -7.35
C ASP A 491 -25.49 36.70 -8.10
N LEU A 492 -26.55 35.91 -8.25
CA LEU A 492 -26.44 34.61 -8.89
C LEU A 492 -26.01 34.67 -10.34
N THR A 493 -26.12 35.84 -10.99
CA THR A 493 -25.77 35.96 -12.41
C THR A 493 -24.27 35.99 -12.67
N ASN A 494 -23.46 36.18 -11.64
CA ASN A 494 -22.01 36.34 -11.79
C ASN A 494 -21.20 35.18 -11.18
N GLU A 495 -20.27 34.64 -11.95
CA GLU A 495 -19.31 33.65 -11.44
C GLU A 495 -18.25 34.40 -10.70
N VAL A 496 -18.08 34.06 -9.43
CA VAL A 496 -16.97 34.54 -8.64
C VAL A 496 -15.69 33.80 -9.02
N ALA A 497 -15.83 32.51 -9.31
CA ALA A 497 -14.72 31.70 -9.77
C ALA A 497 -15.22 30.65 -10.75
N LEU A 498 -14.37 30.25 -11.67
CA LEU A 498 -14.67 29.21 -12.63
C LEU A 498 -13.48 28.26 -12.64
N ILE A 499 -13.69 27.06 -12.10
CA ILE A 499 -12.63 26.09 -11.95
C ILE A 499 -12.63 25.22 -13.22
N LYS A 500 -11.48 25.14 -13.87
CA LYS A 500 -11.40 24.64 -15.26
C LYS A 500 -10.78 23.28 -15.26
N LEU A 501 -11.61 22.23 -15.39
CA LEU A 501 -11.08 20.87 -15.44
C LEU A 501 -10.60 20.52 -16.84
N PRO A 502 -9.48 19.81 -16.96
CA PRO A 502 -8.96 19.40 -18.29
C PRO A 502 -9.52 18.06 -18.82
N VAL A 503 -10.47 17.47 -18.11
CA VAL A 503 -11.16 16.23 -18.46
C VAL A 503 -12.68 16.48 -18.41
N ARG A 504 -13.46 15.52 -18.94
CA ARG A 504 -14.91 15.53 -18.82
C ARG A 504 -15.31 14.70 -17.64
N LEU A 505 -16.22 15.26 -16.86
CA LEU A 505 -17.02 14.54 -15.92
C LEU A 505 -18.39 14.44 -16.59
N ARG A 506 -18.72 13.22 -16.93
CA ARG A 506 -19.99 12.87 -17.56
C ARG A 506 -21.17 13.39 -16.71
N PRO A 507 -22.28 13.78 -17.33
CA PRO A 507 -23.46 14.23 -16.56
C PRO A 507 -23.82 13.23 -15.46
N GLY A 508 -24.04 13.81 -14.28
CA GLY A 508 -24.24 13.01 -13.08
C GLY A 508 -25.61 13.17 -12.44
N LEU A 509 -25.74 12.58 -11.27
CA LEU A 509 -26.95 12.64 -10.51
C LEU A 509 -26.68 13.55 -9.33
N HIS A 510 -26.81 13.08 -8.11
CA HIS A 510 -26.88 14.01 -6.97
C HIS A 510 -25.51 14.27 -6.35
N GLY A 511 -25.45 15.32 -5.55
CA GLY A 511 -24.25 15.71 -4.86
C GLY A 511 -24.56 16.53 -3.63
N ASN A 512 -23.56 16.66 -2.76
CA ASN A 512 -23.69 17.28 -1.48
C ASN A 512 -22.43 18.00 -1.03
N TRP A 513 -22.63 19.02 -0.21
CA TRP A 513 -21.56 19.78 0.44
C TRP A 513 -21.43 19.28 1.87
N VAL A 514 -20.18 19.02 2.25
CA VAL A 514 -19.82 18.68 3.62
C VAL A 514 -18.86 19.76 4.10
N ASP A 515 -19.37 20.65 4.96
CA ASP A 515 -18.60 21.79 5.45
C ASP A 515 -17.61 21.37 6.52
N LYS A 516 -16.39 21.86 6.43
CA LYS A 516 -15.36 21.53 7.44
C LYS A 516 -15.72 22.00 8.84
N SER A 517 -16.53 23.05 8.97
CA SER A 517 -16.92 23.55 10.30
C SER A 517 -18.05 22.74 10.95
N ASP A 518 -18.63 21.78 10.25
CA ASP A 518 -19.71 20.95 10.81
C ASP A 518 -19.12 19.63 11.22
N VAL A 519 -19.06 19.38 12.53
CA VAL A 519 -18.39 18.18 13.03
C VAL A 519 -19.04 16.91 12.50
N ASP A 520 -20.37 16.87 12.43
CA ASP A 520 -21.09 15.68 11.93
C ASP A 520 -21.39 15.74 10.41
N GLY A 521 -20.84 16.73 9.71
CA GLY A 521 -20.96 16.87 8.28
C GLY A 521 -22.17 17.62 7.79
N HIS A 522 -23.09 17.94 8.71
CA HIS A 522 -24.36 18.59 8.40
C HIS A 522 -24.50 19.94 9.09
N PRO A 523 -25.11 20.92 8.44
CA PRO A 523 -25.21 22.27 9.03
C PRO A 523 -26.14 22.37 10.22
N ALA A 524 -25.88 23.38 11.05
CA ALA A 524 -26.61 23.64 12.31
C ALA A 524 -27.97 24.25 11.98
N PRO A 525 -28.98 23.97 12.83
CA PRO A 525 -30.31 24.51 12.55
C PRO A 525 -30.36 26.02 12.59
N LEU A 526 -31.21 26.63 11.77
CA LEU A 526 -31.51 28.06 11.91
C LEU A 526 -32.52 28.24 13.04
N LEU B 30 33.83 8.63 14.74
CA LEU B 30 32.60 8.67 15.56
C LEU B 30 32.75 7.70 16.75
N PRO B 31 31.98 7.89 17.86
CA PRO B 31 31.92 6.83 18.91
C PRO B 31 31.49 5.50 18.27
N PRO B 32 32.14 4.38 18.66
CA PRO B 32 31.90 3.15 17.89
C PRO B 32 30.42 2.66 18.05
N ALA B 33 29.89 2.06 16.98
CA ALA B 33 28.50 1.58 16.98
C ALA B 33 28.45 0.12 17.46
N PRO B 34 28.00 -0.16 18.70
CA PRO B 34 27.92 -1.59 19.13
C PRO B 34 26.90 -2.39 18.25
N ARG B 35 27.19 -3.66 18.09
CA ARG B 35 26.44 -4.54 17.20
C ARG B 35 25.49 -5.51 17.91
N TYR B 36 25.50 -5.46 19.25
CA TYR B 36 24.50 -6.14 20.06
C TYR B 36 24.24 -5.33 21.30
N PHE B 37 23.10 -5.56 21.94
CA PHE B 37 22.69 -4.79 23.11
C PHE B 37 23.46 -5.25 24.36
N GLN B 38 23.85 -4.29 25.20
CA GLN B 38 24.60 -4.57 26.44
C GLN B 38 24.13 -3.65 27.53
N GLY B 39 24.23 -4.10 28.77
CA GLY B 39 23.74 -3.28 29.89
C GLY B 39 22.43 -3.79 30.42
N GLU B 40 22.16 -3.46 31.67
CA GLU B 40 20.98 -3.91 32.39
C GLU B 40 19.65 -3.40 31.77
N ASN B 41 19.65 -2.20 31.19
CA ASN B 41 18.46 -1.63 30.55
C ASN B 41 18.02 -2.34 29.27
N THR B 42 18.84 -3.24 28.74
CA THR B 42 18.50 -4.01 27.59
C THR B 42 18.70 -5.52 27.84
N ALA B 43 18.71 -5.93 29.11
CA ALA B 43 18.89 -7.36 29.48
C ALA B 43 17.56 -8.05 29.85
N GLY B 44 17.52 -9.39 29.72
CA GLY B 44 16.36 -10.15 30.14
C GLY B 44 15.11 -9.71 29.39
N PHE B 45 14.03 -9.44 30.14
CA PHE B 45 12.75 -9.06 29.55
C PHE B 45 12.86 -7.67 28.88
N MET B 46 13.88 -6.89 29.24
CA MET B 46 14.14 -5.60 28.60
C MET B 46 14.90 -5.66 27.28
N ARG B 47 15.37 -6.83 26.87
CA ARG B 47 16.05 -6.94 25.61
C ARG B 47 15.12 -6.54 24.45
N PRO B 48 15.55 -5.56 23.64
CA PRO B 48 14.75 -5.25 22.46
C PRO B 48 14.52 -6.42 21.50
N VAL B 49 13.31 -6.50 20.98
CA VAL B 49 12.95 -7.50 19.98
C VAL B 49 13.00 -6.85 18.61
N ARG B 50 12.33 -5.72 18.47
CA ARG B 50 12.45 -4.82 17.30
C ARG B 50 11.73 -5.34 16.07
N PHE B 51 10.72 -6.16 16.31
CA PHE B 51 9.96 -6.66 15.20
C PHE B 51 8.86 -5.66 14.82
N GLU B 52 8.57 -5.60 13.52
CA GLU B 52 7.40 -4.91 12.98
C GLU B 52 6.68 -5.88 12.05
N GLY B 53 5.35 -5.88 12.09
CA GLY B 53 4.55 -6.75 11.23
C GLY B 53 3.26 -7.16 11.88
N ASP B 54 2.85 -8.41 11.66
CA ASP B 54 1.52 -8.88 12.07
C ASP B 54 1.62 -10.26 12.67
N ILE B 55 0.80 -10.50 13.70
CA ILE B 55 0.47 -11.84 14.16
C ILE B 55 -1.05 -11.83 14.31
N THR B 56 -1.74 -12.50 13.38
CA THR B 56 -3.20 -12.54 13.41
C THR B 56 -3.69 -13.75 14.24
N ASN B 57 -4.97 -13.70 14.64
CA ASN B 57 -5.60 -14.83 15.30
C ASN B 57 -4.80 -15.30 16.52
N LEU B 58 -4.59 -14.37 17.45
CA LEU B 58 -3.82 -14.70 18.62
C LEU B 58 -4.47 -15.81 19.44
N GLU B 59 -3.64 -16.63 20.06
CA GLU B 59 -4.09 -17.70 20.94
C GLU B 59 -4.81 -17.10 22.13
N VAL B 60 -5.92 -17.71 22.50
CA VAL B 60 -6.76 -17.24 23.58
C VAL B 60 -7.13 -18.39 24.51
N VAL B 61 -6.86 -18.23 25.81
CA VAL B 61 -7.36 -19.09 26.86
C VAL B 61 -8.56 -18.35 27.48
N GLY B 62 -9.67 -19.06 27.65
CA GLY B 62 -10.92 -18.48 28.06
C GLY B 62 -11.62 -17.97 26.82
N GLU B 63 -12.39 -16.89 27.00
CA GLU B 63 -13.22 -16.35 25.96
C GLU B 63 -13.29 -14.83 26.02
N ILE B 64 -12.93 -14.19 24.91
CA ILE B 64 -13.04 -12.74 24.83
C ILE B 64 -14.51 -12.44 24.54
N PRO B 65 -15.15 -11.58 25.39
CA PRO B 65 -16.53 -11.16 25.15
C PRO B 65 -16.74 -10.70 23.72
N LYS B 66 -17.72 -11.31 23.08
CA LYS B 66 -17.96 -11.13 21.66
C LYS B 66 -18.45 -9.78 21.27
N SER B 67 -19.06 -9.07 22.21
CA SER B 67 -19.52 -7.70 22.00
C SER B 67 -18.36 -6.65 21.98
N ILE B 68 -17.16 -7.01 22.44
CA ILE B 68 -16.04 -6.04 22.42
C ILE B 68 -15.61 -5.84 20.97
N GLU B 69 -15.61 -4.61 20.53
CA GLU B 69 -15.16 -4.28 19.20
C GLU B 69 -14.41 -2.93 19.21
N GLY B 70 -13.16 -2.97 18.77
CA GLY B 70 -12.30 -1.76 18.73
C GLY B 70 -10.87 -2.19 18.83
N THR B 71 -10.00 -1.25 19.16
CA THR B 71 -8.57 -1.46 19.15
C THR B 71 -7.89 -0.88 20.39
N PHE B 72 -7.02 -1.67 20.99
CA PHE B 72 -6.15 -1.26 22.08
C PHE B 72 -4.78 -0.91 21.44
N TYR B 73 -4.42 0.37 21.47
CA TYR B 73 -3.11 0.82 20.97
C TYR B 73 -2.23 1.09 22.18
N ARG B 74 -0.96 0.67 22.13
CA ARG B 74 0.00 0.99 23.20
C ARG B 74 1.34 1.32 22.53
N VAL B 75 2.16 2.09 23.22
CA VAL B 75 3.48 2.42 22.73
C VAL B 75 4.54 2.00 23.72
N MET B 76 5.63 1.43 23.20
CA MET B 76 6.78 1.11 24.01
C MET B 76 8.03 1.79 23.46
N PRO B 77 8.90 2.24 24.35
CA PRO B 77 10.27 2.53 23.90
C PRO B 77 10.96 1.24 23.57
N GLU B 78 11.62 1.19 22.41
CA GLU B 78 12.31 -0.01 21.97
C GLU B 78 13.46 0.37 21.01
N PRO B 79 14.66 0.57 21.55
CA PRO B 79 15.76 1.02 20.68
C PRO B 79 15.92 0.16 19.44
N HIS B 80 15.91 0.79 18.28
CA HIS B 80 16.03 0.06 17.02
C HIS B 80 17.48 -0.35 16.72
N LEU B 81 18.42 0.43 17.23
CA LEU B 81 19.85 0.18 17.10
C LEU B 81 20.52 0.37 18.47
N PRO B 82 21.55 -0.43 18.77
CA PRO B 82 22.24 -0.19 20.02
C PRO B 82 22.82 1.24 20.12
N SER B 83 22.60 1.83 21.28
CA SER B 83 22.99 3.20 21.54
C SER B 83 24.50 3.28 21.72
N PHE B 84 25.10 4.40 21.30
CA PHE B 84 26.49 4.70 21.68
C PHE B 84 26.57 5.32 23.07
N ILE B 85 25.44 5.62 23.70
CA ILE B 85 25.39 6.05 25.09
C ILE B 85 25.22 4.87 26.02
N PRO B 86 26.18 4.66 26.95
CA PRO B 86 26.01 3.51 27.86
C PRO B 86 24.89 3.75 28.85
N ASN B 87 24.14 2.70 29.16
CA ASN B 87 22.99 2.80 30.08
C ASN B 87 22.02 3.92 29.70
N ASP B 88 21.75 4.06 28.41
CA ASP B 88 20.80 5.06 27.93
C ASP B 88 19.47 4.82 28.63
N PRO B 89 18.84 5.85 29.20
CA PRO B 89 17.57 5.58 29.89
C PRO B 89 16.44 5.01 29.00
N TRP B 90 15.59 4.21 29.61
CA TRP B 90 14.40 3.61 28.99
C TRP B 90 13.58 4.62 28.18
N PHE B 91 13.40 5.83 28.74
CA PHE B 91 12.66 6.90 28.09
C PHE B 91 13.26 7.37 26.76
N ASN B 92 14.47 6.98 26.40
CA ASN B 92 15.06 7.46 25.14
C ASN B 92 14.96 6.46 23.96
N GLY B 93 14.16 5.41 24.09
CA GLY B 93 14.05 4.38 23.07
C GLY B 93 13.00 4.71 22.01
N ASP B 94 13.29 4.36 20.76
CA ASP B 94 12.39 4.56 19.63
C ASP B 94 10.99 3.99 19.92
N GLY B 95 9.95 4.77 19.62
CA GLY B 95 8.61 4.39 19.88
C GLY B 95 8.14 3.34 18.88
N ASN B 96 7.64 2.21 19.41
CA ASN B 96 7.07 1.13 18.60
C ASN B 96 5.60 0.93 19.06
N ILE B 97 4.67 1.01 18.10
CA ILE B 97 3.25 1.00 18.36
C ILE B 97 2.68 -0.40 18.16
N SER B 98 1.95 -0.90 19.15
CA SER B 98 1.21 -2.17 19.04
C SER B 98 -0.28 -1.81 18.97
N GLY B 99 -0.98 -2.42 18.01
CA GLY B 99 -2.45 -2.36 17.96
C GLY B 99 -3.05 -3.77 18.10
N PHE B 100 -3.99 -3.92 19.03
CA PHE B 100 -4.71 -5.20 19.24
C PHE B 100 -6.14 -4.97 18.77
N TYR B 101 -6.49 -5.55 17.62
CA TYR B 101 -7.74 -5.24 16.91
C TYR B 101 -8.73 -6.38 17.27
N PHE B 102 -9.83 -6.02 17.93
CA PHE B 102 -10.78 -6.98 18.48
C PHE B 102 -12.08 -6.94 17.68
N LYS B 103 -12.59 -8.12 17.33
CA LYS B 103 -13.94 -8.24 16.76
C LYS B 103 -14.46 -9.69 16.94
N ASP B 104 -15.69 -9.83 17.41
CA ASP B 104 -16.40 -11.12 17.54
C ASP B 104 -15.60 -12.16 18.29
N GLY B 105 -14.89 -11.77 19.33
CA GLY B 105 -14.09 -12.68 20.13
C GLY B 105 -12.76 -13.11 19.56
N HIS B 106 -12.38 -12.55 18.40
CA HIS B 106 -11.06 -12.77 17.76
C HIS B 106 -10.19 -11.51 17.93
N VAL B 107 -8.89 -11.68 17.97
CA VAL B 107 -7.96 -10.56 18.10
C VAL B 107 -6.69 -10.76 17.26
N ASP B 108 -6.30 -9.71 16.56
CA ASP B 108 -5.09 -9.66 15.77
C ASP B 108 -4.14 -8.54 16.28
N LEU B 109 -2.84 -8.80 16.18
CA LEU B 109 -1.77 -7.83 16.51
C LEU B 109 -1.17 -7.27 15.25
N LYS B 110 -1.07 -5.95 15.18
CA LYS B 110 -0.23 -5.26 14.22
C LYS B 110 0.75 -4.39 15.02
N GLN B 111 1.99 -4.31 14.54
CA GLN B 111 3.09 -3.68 15.28
C GLN B 111 3.97 -2.95 14.28
N ARG B 112 4.26 -1.66 14.58
CA ARG B 112 5.12 -0.90 13.69
C ARG B 112 5.77 0.31 14.38
N TYR B 113 7.04 0.53 14.07
CA TYR B 113 7.79 1.69 14.60
C TYR B 113 7.27 3.00 14.01
N VAL B 114 7.23 4.04 14.82
CA VAL B 114 6.97 5.39 14.33
C VAL B 114 8.17 5.81 13.48
N ARG B 115 7.91 6.31 12.27
CA ARG B 115 8.96 6.83 11.42
C ARG B 115 9.34 8.26 11.80
N THR B 116 9.99 8.39 12.94
CA THR B 116 10.54 9.70 13.33
C THR B 116 11.73 10.06 12.46
N GLU B 117 12.16 11.32 12.54
CA GLU B 117 13.39 11.71 11.90
C GLU B 117 14.53 10.87 12.40
N LYS B 118 14.60 10.68 13.71
CA LYS B 118 15.63 9.83 14.30
C LYS B 118 15.61 8.41 13.75
N PHE B 119 14.43 7.80 13.77
CA PHE B 119 14.31 6.39 13.29
C PHE B 119 14.81 6.26 11.83
N VAL B 120 14.35 7.18 10.98
CA VAL B 120 14.68 7.14 9.54
C VAL B 120 16.19 7.36 9.30
N ARG B 121 16.76 8.37 9.93
CA ARG B 121 18.16 8.67 9.69
C ARG B 121 19.06 7.59 10.25
N GLU B 122 18.71 7.09 11.42
CA GLU B 122 19.49 5.96 11.96
C GLU B 122 19.35 4.68 11.13
N ALA B 123 18.16 4.44 10.60
CA ALA B 123 17.93 3.28 9.71
C ALA B 123 18.75 3.39 8.43
N GLU B 124 18.79 4.58 7.83
N GLU B 124 18.79 4.58 7.83
CA GLU B 124 19.63 4.86 6.65
CA GLU B 124 19.64 4.85 6.65
C GLU B 124 21.10 4.60 6.96
C GLU B 124 21.10 4.60 6.96
N ALA B 125 21.58 5.04 8.11
CA ALA B 125 23.00 4.90 8.48
C ALA B 125 23.34 3.53 9.05
N ARG B 126 22.33 2.79 9.49
CA ARG B 126 22.51 1.51 10.19
C ARG B 126 23.34 1.65 11.46
N ARG B 127 23.15 2.75 12.17
CA ARG B 127 23.80 2.99 13.45
C ARG B 127 23.11 4.11 14.18
N SER B 128 23.28 4.14 15.49
CA SER B 128 22.71 5.21 16.29
C SER B 128 23.47 6.53 16.09
N LEU B 129 22.71 7.62 16.11
CA LEU B 129 23.19 8.95 15.78
C LEU B 129 22.76 9.95 16.83
N LEU B 130 21.51 9.81 17.31
CA LEU B 130 21.03 10.60 18.45
C LEU B 130 21.67 10.16 19.74
N GLY B 131 22.14 11.12 20.52
CA GLY B 131 22.86 10.85 21.76
C GLY B 131 22.00 10.77 23.02
N LYS B 132 22.40 11.53 24.04
CA LYS B 132 21.72 11.47 25.34
C LYS B 132 20.31 12.04 25.27
N TYR B 133 19.49 11.55 26.20
CA TYR B 133 18.13 11.99 26.37
C TYR B 133 18.04 13.51 26.44
N ARG B 134 17.34 14.10 25.46
CA ARG B 134 17.07 15.51 25.38
C ARG B 134 18.34 16.39 25.48
N ASN B 135 19.45 15.88 24.95
CA ASN B 135 20.69 16.65 24.86
C ASN B 135 21.27 16.67 23.46
N ARG B 136 20.83 17.67 22.70
CA ARG B 136 21.23 17.80 21.31
C ARG B 136 22.74 17.98 21.12
N TYR B 137 23.45 18.45 22.16
CA TYR B 137 24.90 18.69 22.05
C TYR B 137 25.65 17.39 21.99
N THR B 138 25.01 16.27 22.30
CA THR B 138 25.66 14.96 22.21
C THR B 138 25.30 14.16 20.93
N ASP B 139 24.50 14.76 20.06
CA ASP B 139 24.09 14.08 18.83
C ASP B 139 25.24 14.07 17.84
N LEU B 140 25.31 13.05 17.00
CA LEU B 140 26.36 12.95 16.00
C LEU B 140 26.06 13.68 14.71
N VAL B 141 24.81 14.05 14.50
CA VAL B 141 24.39 14.87 13.40
C VAL B 141 23.39 15.83 13.99
N GLU B 142 23.04 16.84 13.23
CA GLU B 142 22.10 17.83 13.66
C GLU B 142 20.70 17.38 13.32
N PHE B 143 19.85 17.19 14.33
CA PHE B 143 18.45 16.84 14.13
C PHE B 143 17.57 18.06 14.14
N LYS B 144 16.56 18.09 13.31
CA LYS B 144 15.49 19.10 13.45
C LYS B 144 14.50 18.69 14.53
N ILE B 145 14.04 17.44 14.49
CA ILE B 145 13.09 16.90 15.45
C ILE B 145 13.78 15.71 16.12
N ARG B 146 13.83 15.71 17.45
CA ARG B 146 14.52 14.67 18.19
C ARG B 146 13.56 13.61 18.80
N SER B 147 12.26 13.75 18.52
CA SER B 147 11.26 12.82 19.03
C SER B 147 11.58 11.38 18.81
N THR B 148 11.38 10.59 19.87
CA THR B 148 11.20 9.12 19.74
C THR B 148 9.73 8.69 19.67
N ALA B 149 8.80 9.62 19.82
CA ALA B 149 7.36 9.38 19.74
C ALA B 149 6.96 8.14 20.53
N ASN B 150 7.46 8.06 21.78
CA ASN B 150 7.45 6.79 22.48
C ASN B 150 6.64 6.75 23.76
N THR B 151 5.86 7.79 24.02
CA THR B 151 5.28 7.96 25.35
C THR B 151 3.76 7.74 25.41
N ASN B 152 3.00 8.24 24.46
CA ASN B 152 1.55 7.97 24.39
C ASN B 152 1.12 7.88 22.93
N ILE B 153 -0.05 7.28 22.71
CA ILE B 153 -0.57 7.04 21.35
C ILE B 153 -2.07 7.25 21.47
N VAL B 154 -2.55 8.38 20.95
CA VAL B 154 -3.94 8.80 21.13
C VAL B 154 -4.64 8.92 19.78
N TYR B 155 -5.96 9.00 19.80
CA TYR B 155 -6.77 9.08 18.59
C TYR B 155 -7.31 10.51 18.48
N TRP B 156 -7.18 11.12 17.32
CA TRP B 156 -7.71 12.45 17.09
C TRP B 156 -8.07 12.65 15.62
N ARG B 157 -9.35 12.89 15.36
CA ARG B 157 -9.88 13.22 14.03
C ARG B 157 -9.36 12.30 12.96
N GLY B 158 -9.50 11.00 13.18
CA GLY B 158 -9.21 9.99 12.15
C GLY B 158 -7.75 9.58 12.01
N GLN B 159 -6.87 10.08 12.88
CA GLN B 159 -5.46 9.65 12.91
C GLN B 159 -5.06 9.25 14.31
N LEU B 160 -3.98 8.51 14.43
CA LEU B 160 -3.32 8.33 15.72
C LEU B 160 -2.27 9.44 15.83
N LEU B 161 -2.01 9.89 17.05
CA LEU B 161 -0.94 10.85 17.33
C LEU B 161 -0.01 10.18 18.32
N ALA B 162 1.24 10.00 17.90
CA ALA B 162 2.28 9.35 18.70
C ALA B 162 3.06 10.52 19.37
N LEU B 163 3.00 10.54 20.70
CA LEU B 163 3.36 11.69 21.49
C LEU B 163 4.68 11.57 22.21
N LYS B 164 5.37 12.71 22.33
CA LYS B 164 6.61 12.79 23.06
C LYS B 164 6.84 14.26 23.46
N GLU B 165 6.99 14.50 24.76
CA GLU B 165 6.82 15.85 25.33
C GLU B 165 7.86 16.89 24.93
N ASP B 166 8.91 16.45 24.21
CA ASP B 166 9.96 17.38 23.69
C ASP B 166 9.69 17.79 22.25
N SER B 167 8.55 17.41 21.71
CA SER B 167 8.34 17.45 20.26
C SER B 167 6.86 17.65 19.90
N PRO B 168 6.59 18.03 18.65
CA PRO B 168 5.24 17.86 18.14
C PRO B 168 4.88 16.35 18.00
N PRO B 169 3.61 16.04 17.83
CA PRO B 169 3.22 14.67 17.58
C PRO B 169 3.65 14.17 16.20
N TYR B 170 3.70 12.85 16.04
CA TYR B 170 3.74 12.21 14.75
C TYR B 170 2.35 11.60 14.46
N ALA B 171 1.79 11.91 13.29
CA ALA B 171 0.51 11.39 12.87
C ALA B 171 0.67 10.02 12.20
N MET B 172 -0.27 9.11 12.49
CA MET B 172 -0.23 7.75 11.99
C MET B 172 -1.62 7.24 11.59
N ASP B 173 -1.62 6.24 10.71
CA ASP B 173 -2.86 5.61 10.21
C ASP B 173 -3.34 4.58 11.24
N PRO B 174 -4.57 4.72 11.77
CA PRO B 174 -5.06 3.75 12.76
C PRO B 174 -5.18 2.29 12.27
N GLU B 175 -5.34 2.10 10.96
N GLU B 175 -5.34 2.10 10.97
CA GLU B 175 -5.55 0.77 10.39
CA GLU B 175 -5.55 0.78 10.40
C GLU B 175 -4.22 0.09 10.05
C GLU B 175 -4.22 0.09 10.05
N THR B 176 -3.30 0.82 9.42
CA THR B 176 -2.05 0.22 8.91
C THR B 176 -0.84 0.56 9.77
N LEU B 177 -0.99 1.54 10.68
CA LEU B 177 0.14 2.06 11.47
C LEU B 177 1.27 2.68 10.65
N GLU B 178 0.97 3.08 9.41
N GLU B 178 0.96 3.07 9.41
CA GLU B 178 1.87 3.89 8.59
CA GLU B 178 1.90 3.86 8.60
C GLU B 178 2.05 5.23 9.29
C GLU B 178 2.05 5.23 9.27
N THR B 179 3.23 5.81 9.15
CA THR B 179 3.49 7.12 9.74
C THR B 179 3.28 8.15 8.64
N PHE B 180 2.41 9.13 8.83
CA PHE B 180 2.26 10.21 7.87
C PHE B 180 3.38 11.24 8.01
N GLY B 181 3.79 11.55 9.23
CA GLY B 181 4.88 12.58 9.43
C GLY B 181 4.56 13.40 10.65
N VAL B 182 5.41 14.38 10.91
CA VAL B 182 5.24 15.32 11.98
C VAL B 182 3.92 16.01 11.77
N TYR B 183 3.18 16.23 12.84
CA TYR B 183 1.86 16.81 12.70
C TYR B 183 1.78 18.17 13.38
N ASP B 184 1.35 19.18 12.64
CA ASP B 184 1.27 20.55 13.14
C ASP B 184 -0.11 21.14 13.11
N PHE B 185 -1.13 20.26 13.05
CA PHE B 185 -2.53 20.70 13.16
C PHE B 185 -2.86 21.78 12.10
N ASP B 186 -2.55 21.45 10.84
CA ASP B 186 -2.78 22.30 9.67
C ASP B 186 -2.10 23.66 9.86
N GLY B 187 -0.87 23.63 10.35
CA GLY B 187 -0.11 24.85 10.61
C GLY B 187 -0.54 25.68 11.81
N GLN B 188 -1.42 25.17 12.66
CA GLN B 188 -1.87 25.93 13.83
C GLN B 188 -1.03 25.75 15.11
N LEU B 189 -0.21 24.71 15.14
CA LEU B 189 0.47 24.32 16.37
C LEU B 189 1.31 25.49 16.86
N PRO B 190 1.06 26.02 18.04
CA PRO B 190 1.82 27.26 18.38
C PRO B 190 3.12 27.03 19.13
N SER B 191 3.40 25.79 19.52
CA SER B 191 4.44 25.46 20.46
C SER B 191 5.44 24.50 19.80
N LEU B 192 6.72 24.56 20.22
CA LEU B 192 7.69 23.55 19.81
C LEU B 192 7.39 22.14 20.39
N THR B 193 6.58 22.09 21.46
CA THR B 193 6.37 20.89 22.23
C THR B 193 4.90 20.63 22.47
N PHE B 194 4.56 19.35 22.55
CA PHE B 194 3.17 18.87 22.71
C PHE B 194 3.22 17.74 23.75
N THR B 195 2.53 17.96 24.84
CA THR B 195 2.49 17.04 25.97
C THR B 195 2.10 15.61 25.56
N ALA B 196 2.60 14.63 26.30
CA ALA B 196 2.11 13.27 26.12
C ALA B 196 0.77 13.03 26.77
N HIS B 197 0.24 13.99 27.51
CA HIS B 197 -1.03 13.81 28.21
C HIS B 197 -2.09 14.86 27.92
N PRO B 198 -2.49 15.01 26.65
CA PRO B 198 -3.64 15.86 26.41
C PRO B 198 -4.91 15.23 27.04
N LYS B 199 -5.92 16.04 27.36
CA LYS B 199 -7.18 15.54 27.90
C LYS B 199 -8.30 15.75 26.89
N PHE B 200 -9.21 14.77 26.84
CA PHE B 200 -10.37 14.83 25.96
C PHE B 200 -11.61 15.11 26.78
N ASP B 201 -12.18 16.30 26.56
CA ASP B 201 -13.39 16.71 27.24
C ASP B 201 -14.56 15.95 26.61
N PRO B 202 -15.23 15.09 27.40
CA PRO B 202 -16.30 14.28 26.81
C PRO B 202 -17.56 15.05 26.46
N VAL B 203 -17.74 16.25 27.01
CA VAL B 203 -18.89 17.09 26.71
C VAL B 203 -18.62 17.99 25.52
N THR B 204 -17.54 18.75 25.53
CA THR B 204 -17.24 19.64 24.43
C THR B 204 -16.53 19.00 23.26
N ARG B 205 -15.96 17.81 23.47
CA ARG B 205 -15.16 17.09 22.46
C ARG B 205 -13.88 17.83 22.07
N GLU B 206 -13.46 18.79 22.89
CA GLU B 206 -12.17 19.42 22.73
C GLU B 206 -11.03 18.51 23.17
N MET B 207 -9.90 18.67 22.49
CA MET B 207 -8.62 18.17 22.95
C MET B 207 -7.86 19.33 23.59
N VAL B 208 -7.58 19.19 24.89
CA VAL B 208 -6.97 20.26 25.71
C VAL B 208 -5.50 19.87 25.94
N CYS B 209 -4.60 20.78 25.59
CA CYS B 209 -3.18 20.47 25.42
C CYS B 209 -2.27 21.51 26.10
N PHE B 210 -0.99 21.20 26.15
CA PHE B 210 0.04 22.18 26.46
C PHE B 210 1.35 21.65 26.01
N GLY B 211 2.36 22.52 26.05
CA GLY B 211 3.76 22.11 25.96
C GLY B 211 4.58 22.91 26.95
N TYR B 212 5.57 22.27 27.60
CA TYR B 212 6.54 23.01 28.43
C TYR B 212 7.90 23.02 27.67
N GLU B 213 8.83 23.82 28.16
CA GLU B 213 10.00 24.21 27.38
C GLU B 213 9.56 24.64 25.97
N ALA B 214 8.48 25.38 25.89
CA ALA B 214 7.78 25.59 24.64
C ALA B 214 8.51 26.53 23.65
N LYS B 215 9.55 27.23 24.11
CA LYS B 215 10.42 27.99 23.23
C LYS B 215 11.84 27.42 23.15
N GLY B 216 12.04 26.18 23.57
CA GLY B 216 13.31 25.52 23.42
C GLY B 216 13.89 25.05 24.72
N ASP B 217 15.06 24.45 24.60
CA ASP B 217 15.80 23.86 25.71
C ASP B 217 15.94 24.86 26.83
N GLY B 218 15.53 24.47 28.04
CA GLY B 218 15.74 25.27 29.24
C GLY B 218 14.79 26.41 29.42
N THR B 219 13.87 26.66 28.49
CA THR B 219 12.92 27.73 28.62
C THR B 219 11.85 27.41 29.66
N ARG B 220 11.40 28.46 30.34
CA ARG B 220 10.34 28.36 31.33
C ARG B 220 8.97 28.64 30.74
N ASP B 221 8.92 28.80 29.44
CA ASP B 221 7.68 29.06 28.73
C ASP B 221 6.81 27.81 28.65
N ILE B 222 5.57 27.96 29.06
CA ILE B 222 4.53 26.96 28.86
C ILE B 222 3.53 27.60 27.88
N CYS B 223 3.15 26.86 26.84
CA CYS B 223 2.08 27.22 25.95
C CYS B 223 0.90 26.29 26.19
N TYR B 224 -0.21 26.87 26.64
CA TYR B 224 -1.47 26.19 26.87
C TYR B 224 -2.34 26.41 25.63
N TYR B 225 -2.85 25.33 25.06
CA TYR B 225 -3.64 25.43 23.83
C TYR B 225 -4.62 24.30 23.67
N SER B 226 -5.69 24.53 22.93
CA SER B 226 -6.77 23.55 22.77
C SER B 226 -7.29 23.56 21.34
N PHE B 227 -7.94 22.46 20.97
CA PHE B 227 -8.57 22.33 19.66
C PHE B 227 -10.00 21.90 19.83
N GLY B 228 -10.91 22.56 19.10
CA GLY B 228 -12.29 22.10 19.05
C GLY B 228 -12.38 20.82 18.22
N PRO B 229 -13.52 20.14 18.28
CA PRO B 229 -13.69 18.87 17.53
C PRO B 229 -13.63 19.03 16.01
N ASP B 230 -13.82 20.26 15.52
CA ASP B 230 -13.62 20.52 14.10
C ASP B 230 -12.15 20.67 13.70
N GLY B 231 -11.22 20.58 14.66
CA GLY B 231 -9.80 20.69 14.37
C GLY B 231 -9.22 22.10 14.46
N LYS B 232 -10.05 23.09 14.73
CA LYS B 232 -9.59 24.49 14.78
C LYS B 232 -9.05 24.81 16.17
N ILE B 233 -7.94 25.53 16.21
CA ILE B 233 -7.36 25.94 17.50
C ILE B 233 -8.34 26.87 18.20
N ALA B 234 -8.44 26.75 19.52
CA ALA B 234 -9.38 27.54 20.34
C ALA B 234 -8.50 28.36 21.31
N GLU B 235 -8.13 27.83 22.47
CA GLU B 235 -7.21 28.57 23.36
C GLU B 235 -5.76 28.60 22.85
N THR B 236 -5.07 29.71 23.10
CA THR B 236 -3.63 29.74 23.09
C THR B 236 -3.13 30.77 24.13
N VAL B 237 -2.49 30.31 25.21
CA VAL B 237 -2.02 31.20 26.27
C VAL B 237 -0.56 30.86 26.59
N TRP B 238 0.29 31.87 26.55
CA TRP B 238 1.69 31.74 26.95
C TRP B 238 1.87 32.12 28.40
N LEU B 239 2.45 31.23 29.20
CA LEU B 239 2.71 31.51 30.60
C LEU B 239 4.13 31.08 30.94
N VAL B 240 4.53 31.38 32.17
CA VAL B 240 5.88 31.16 32.64
C VAL B 240 5.83 30.33 33.92
N SER B 241 6.60 29.28 33.92
CA SER B 241 6.83 28.38 35.02
C SER B 241 7.82 29.03 35.99
N PRO B 242 7.70 28.84 37.33
CA PRO B 242 8.73 29.50 38.22
C PRO B 242 10.12 28.93 38.10
N VAL B 243 10.23 27.65 37.72
CA VAL B 243 11.51 27.03 37.40
C VAL B 243 11.32 26.27 36.07
N CYS B 244 12.43 25.91 35.39
CA CYS B 244 12.34 25.07 34.22
C CYS B 244 12.32 23.63 34.70
N GLY B 245 11.11 23.22 35.05
CA GLY B 245 10.87 21.90 35.59
C GLY B 245 10.04 21.02 34.66
N MET B 246 10.14 19.70 34.87
CA MET B 246 9.42 18.73 34.04
C MET B 246 7.93 18.73 34.40
N ILE B 247 7.08 19.03 33.41
CA ILE B 247 5.63 18.98 33.60
C ILE B 247 5.11 17.83 32.70
N HIS B 248 5.13 16.61 33.26
CA HIS B 248 4.85 15.43 32.48
C HIS B 248 3.37 15.25 32.18
N ASP B 249 2.55 15.58 33.16
CA ASP B 249 1.08 15.42 33.06
C ASP B 249 0.45 16.72 33.54
N PHE B 250 -0.84 16.87 33.28
CA PHE B 250 -1.62 18.01 33.77
C PHE B 250 -3.06 17.60 33.99
N ALA B 251 -3.86 18.53 34.46
CA ALA B 251 -5.26 18.26 34.77
C ALA B 251 -6.14 19.37 34.22
N VAL B 252 -7.36 19.00 33.88
CA VAL B 252 -8.34 19.87 33.26
C VAL B 252 -9.67 19.68 33.98
N THR B 253 -10.27 20.79 34.40
CA THR B 253 -11.62 20.80 35.00
C THR B 253 -12.51 21.64 34.10
N GLU B 254 -13.76 21.81 34.50
CA GLU B 254 -14.69 22.60 33.69
C GLU B 254 -14.14 24.01 33.39
N ASN B 255 -13.58 24.67 34.41
CA ASN B 255 -13.13 26.05 34.29
C ASN B 255 -11.63 26.32 34.47
N PHE B 256 -10.85 25.28 34.79
CA PHE B 256 -9.41 25.47 35.04
C PHE B 256 -8.55 24.44 34.34
N VAL B 257 -7.31 24.83 34.09
CA VAL B 257 -6.24 23.88 33.78
C VAL B 257 -5.14 24.01 34.85
N ILE B 258 -4.51 22.88 35.17
CA ILE B 258 -3.66 22.72 36.32
C ILE B 258 -2.36 22.02 35.94
N PHE B 259 -1.21 22.65 36.30
CA PHE B 259 0.11 22.19 35.91
C PHE B 259 0.99 21.81 37.13
N PRO B 260 1.08 20.51 37.46
CA PRO B 260 1.95 20.07 38.53
C PRO B 260 3.37 19.83 38.01
N ILE B 261 4.35 20.43 38.70
CA ILE B 261 5.74 20.39 38.26
C ILE B 261 6.58 19.46 39.08
N ILE B 262 7.22 18.52 38.39
CA ILE B 262 8.17 17.62 39.00
C ILE B 262 9.45 18.38 39.26
N PRO B 263 10.05 18.25 40.45
CA PRO B 263 11.32 18.94 40.76
C PRO B 263 12.59 18.48 40.03
N LEU B 264 12.45 18.06 38.77
CA LEU B 264 13.58 17.88 37.86
C LEU B 264 13.74 19.17 37.11
N VAL B 265 14.96 19.69 37.08
CA VAL B 265 15.22 21.00 36.53
C VAL B 265 16.31 20.95 35.46
N CYS B 266 16.11 21.75 34.41
CA CYS B 266 16.98 21.80 33.26
C CYS B 266 17.83 23.07 33.21
N ASP B 267 19.13 22.88 33.02
CA ASP B 267 20.12 23.95 32.83
C ASP B 267 20.88 23.62 31.51
N VAL B 268 20.77 24.52 30.55
CA VAL B 268 21.38 24.33 29.24
C VAL B 268 22.91 24.35 29.30
N GLU B 269 23.49 25.10 30.25
CA GLU B 269 24.96 25.11 30.40
C GLU B 269 25.50 23.75 30.78
N ARG B 270 24.80 23.06 31.67
CA ARG B 270 25.16 21.71 32.03
C ARG B 270 25.09 20.80 30.77
N MET B 271 24.03 20.95 29.98
CA MET B 271 23.88 20.18 28.72
C MET B 271 25.01 20.39 27.74
N LYS B 272 25.43 21.65 27.56
CA LYS B 272 26.53 22.00 26.66
C LYS B 272 27.84 21.33 27.05
N GLN B 273 28.02 21.04 28.32
CA GLN B 273 29.17 20.24 28.77
C GLN B 273 28.98 18.73 28.75
N GLY B 274 27.88 18.24 28.18
CA GLY B 274 27.64 16.79 28.08
C GLY B 274 26.78 16.21 29.21
N GLY B 275 26.22 17.09 30.06
CA GLY B 275 25.47 16.66 31.21
C GLY B 275 24.01 16.31 30.89
N ASP B 276 23.26 15.89 31.91
CA ASP B 276 21.87 15.52 31.74
C ASP B 276 20.95 16.70 31.56
N HIS B 277 19.90 16.51 30.76
CA HIS B 277 18.84 17.48 30.63
C HIS B 277 18.17 17.76 32.00
N TRP B 278 17.96 16.70 32.77
CA TRP B 278 17.22 16.80 34.02
C TRP B 278 18.12 16.53 35.23
N GLN B 279 17.92 17.32 36.28
CA GLN B 279 18.62 17.15 37.55
C GLN B 279 17.69 17.49 38.68
N TRP B 280 17.54 16.61 39.66
CA TRP B 280 16.66 16.86 40.79
C TRP B 280 17.11 18.08 41.63
N ASP B 281 16.14 18.80 42.16
CA ASP B 281 16.38 19.98 43.00
C ASP B 281 15.61 19.81 44.29
N TYR B 282 16.35 19.47 45.35
CA TYR B 282 15.74 19.24 46.69
C TYR B 282 15.29 20.54 47.37
N SER B 283 15.62 21.72 46.82
CA SER B 283 15.29 22.98 47.46
C SER B 283 13.96 23.59 47.09
N ILE B 284 13.20 22.99 46.19
CA ILE B 284 11.96 23.66 45.69
C ILE B 284 10.73 22.88 46.10
N PRO B 285 9.59 23.55 46.17
CA PRO B 285 8.36 22.80 46.39
C PRO B 285 7.93 22.04 45.11
N MET B 286 6.87 21.23 45.23
CA MET B 286 6.17 20.75 44.06
C MET B 286 5.18 21.84 43.66
N TYR B 287 5.55 22.63 42.67
CA TYR B 287 4.63 23.68 42.19
C TYR B 287 3.38 23.07 41.53
N ILE B 288 2.22 23.71 41.74
CA ILE B 288 0.96 23.34 41.06
C ILE B 288 0.33 24.64 40.56
N GLY B 289 0.45 24.90 39.26
CA GLY B 289 -0.12 26.11 38.66
C GLY B 289 -1.58 25.91 38.32
N VAL B 290 -2.39 26.96 38.51
CA VAL B 290 -3.79 26.95 38.14
C VAL B 290 -4.06 28.16 37.28
N LEU B 291 -4.69 27.92 36.13
CA LEU B 291 -4.98 28.94 35.13
C LEU B 291 -6.42 28.80 34.71
N PRO B 292 -7.13 29.92 34.51
CA PRO B 292 -8.49 29.77 33.97
C PRO B 292 -8.44 29.14 32.58
N ARG B 293 -9.40 28.23 32.36
CA ARG B 293 -9.39 27.40 31.16
C ARG B 293 -9.65 28.20 29.89
N ARG B 294 -10.48 29.22 29.97
CA ARG B 294 -10.92 29.99 28.82
C ARG B 294 -10.67 31.48 29.01
N GLY B 295 -10.12 32.14 27.99
CA GLY B 295 -9.97 33.56 27.98
C GLY B 295 -8.86 34.15 28.84
N ALA B 296 -7.96 33.35 29.40
CA ALA B 296 -6.92 33.90 30.31
C ALA B 296 -5.77 34.58 29.61
N GLN B 297 -5.03 35.39 30.35
CA GLN B 297 -3.67 35.80 29.98
C GLN B 297 -2.70 35.02 30.87
N GLY B 298 -1.45 35.04 30.47
CA GLY B 298 -0.40 34.34 31.17
C GLY B 298 -0.21 34.74 32.62
N SER B 299 -0.40 36.03 32.90
CA SER B 299 -0.30 36.53 34.29
C SER B 299 -1.47 36.11 35.16
N ASP B 300 -2.51 35.48 34.62
CA ASP B 300 -3.57 34.92 35.48
C ASP B 300 -3.20 33.61 36.21
N VAL B 301 -2.08 32.99 35.84
CA VAL B 301 -1.70 31.74 36.49
C VAL B 301 -1.31 32.04 37.96
N LYS B 302 -1.74 31.17 38.86
CA LYS B 302 -1.31 31.17 40.25
C LYS B 302 -0.47 29.92 40.50
N TRP B 303 0.76 30.10 40.96
CA TRP B 303 1.66 29.00 41.32
C TRP B 303 1.57 28.63 42.80
N PHE B 304 0.65 27.70 43.08
CA PHE B 304 0.56 27.09 44.41
C PHE B 304 1.77 26.21 44.67
N GLU B 305 2.03 25.96 45.94
CA GLU B 305 3.25 25.27 46.36
C GLU B 305 2.87 24.12 47.25
N ALA B 306 2.88 22.91 46.68
CA ALA B 306 2.67 21.73 47.47
C ALA B 306 4.00 21.37 48.12
N PRO B 307 3.95 20.61 49.21
CA PRO B 307 5.20 20.07 49.77
C PRO B 307 6.02 19.31 48.77
N HIS B 308 7.32 19.45 48.88
CA HIS B 308 8.27 18.82 47.99
C HIS B 308 7.94 17.38 47.74
N GLY B 309 7.93 17.02 46.45
CA GLY B 309 7.62 15.66 46.07
C GLY B 309 7.57 15.53 44.56
N PHE B 310 7.26 14.32 44.11
CA PHE B 310 7.22 13.95 42.71
C PHE B 310 5.79 13.99 42.23
N ALA B 311 5.52 14.79 41.20
CA ALA B 311 4.22 14.85 40.57
C ALA B 311 4.04 13.68 39.59
N GLY B 312 3.37 12.63 40.05
CA GLY B 312 3.06 11.45 39.23
C GLY B 312 1.80 11.68 38.39
N HIS B 313 1.29 10.64 37.77
CA HIS B 313 0.18 10.79 36.86
C HIS B 313 -1.10 11.24 37.50
N VAL B 314 -1.82 12.07 36.75
CA VAL B 314 -3.12 12.55 37.17
C VAL B 314 -4.21 11.50 36.83
N ALA B 315 -5.01 11.13 37.82
CA ALA B 315 -6.17 10.27 37.55
C ALA B 315 -7.22 11.12 36.87
N ASN B 316 -7.57 12.22 37.53
CA ASN B 316 -8.56 13.17 37.04
C ASN B 316 -8.64 14.34 38.02
N ALA B 317 -9.14 15.46 37.55
CA ALA B 317 -9.49 16.57 38.44
C ALA B 317 -10.85 17.07 38.10
N PHE B 318 -11.52 17.63 39.11
CA PHE B 318 -12.85 18.24 38.93
C PHE B 318 -13.08 19.33 39.94
N GLU B 319 -14.04 20.20 39.64
CA GLU B 319 -14.54 21.20 40.59
C GLU B 319 -15.70 20.66 41.41
N ASP B 320 -15.60 20.77 42.75
CA ASP B 320 -16.70 20.40 43.66
C ASP B 320 -17.77 21.50 43.72
N ASP B 321 -18.80 21.32 44.56
CA ASP B 321 -19.90 22.33 44.73
C ASP B 321 -19.47 23.72 45.18
N LYS B 322 -18.34 23.86 45.89
CA LYS B 322 -17.76 25.18 46.23
C LYS B 322 -16.91 25.79 45.13
N GLY B 323 -16.74 25.11 43.99
CA GLY B 323 -15.83 25.61 42.94
C GLY B 323 -14.36 25.38 43.22
N HIS B 324 -14.06 24.58 44.24
CA HIS B 324 -12.67 24.18 44.53
C HIS B 324 -12.25 22.97 43.70
N ILE B 325 -10.98 22.92 43.32
CA ILE B 325 -10.45 21.88 42.45
C ILE B 325 -10.01 20.72 43.32
N GLN B 326 -10.57 19.55 43.06
CA GLN B 326 -10.10 18.31 43.65
C GLN B 326 -9.17 17.65 42.59
N LEU B 327 -7.87 17.63 42.89
CA LEU B 327 -6.86 17.09 42.02
C LEU B 327 -6.42 15.76 42.58
N GLN B 328 -6.71 14.68 41.84
CA GLN B 328 -6.35 13.33 42.29
C GLN B 328 -5.26 12.77 41.42
N MET B 329 -4.15 12.39 42.04
CA MET B 329 -2.92 12.05 41.33
C MET B 329 -1.97 11.23 42.18
N ALA B 330 -1.10 10.50 41.51
CA ALA B 330 -0.04 9.78 42.17
C ALA B 330 0.98 10.82 42.64
N TYR B 331 1.49 10.63 43.87
CA TYR B 331 2.38 11.60 44.49
C TYR B 331 3.36 10.90 45.40
N ALA B 332 4.64 11.16 45.19
CA ALA B 332 5.71 10.58 45.96
C ALA B 332 6.50 11.67 46.66
N LYS B 333 7.28 11.27 47.68
CA LYS B 333 8.04 12.23 48.51
C LYS B 333 9.50 12.36 48.09
N ASP B 334 9.92 11.63 47.08
CA ASP B 334 11.32 11.68 46.58
C ASP B 334 11.30 11.38 45.05
N ASN B 335 12.49 11.32 44.47
CA ASN B 335 12.70 11.30 43.03
C ASN B 335 12.49 9.92 42.47
N VAL B 336 11.34 9.73 41.83
CA VAL B 336 11.00 8.47 41.14
C VAL B 336 12.00 8.17 40.03
N PHE B 337 12.47 9.22 39.34
CA PHE B 337 13.43 9.06 38.25
C PHE B 337 14.85 9.19 38.81
N PHE B 338 15.21 8.19 39.61
CA PHE B 338 16.45 8.18 40.43
C PHE B 338 17.76 8.20 39.65
N TRP B 339 17.73 7.83 38.38
CA TRP B 339 18.87 7.91 37.46
C TRP B 339 19.18 9.37 37.07
N TRP B 340 18.32 10.33 37.42
CA TRP B 340 18.63 11.75 37.29
C TRP B 340 18.63 12.41 38.67
N PRO B 341 19.75 12.21 39.42
CA PRO B 341 19.80 12.65 40.80
C PRO B 341 20.09 14.15 40.91
N ASP B 342 20.39 14.64 42.12
CA ASP B 342 20.63 16.07 42.28
C ASP B 342 22.06 16.43 41.84
N ALA B 343 22.45 17.70 42.03
CA ALA B 343 23.76 18.18 41.63
C ALA B 343 24.94 17.41 42.21
N ASN B 344 24.78 16.81 43.38
CA ASN B 344 25.84 16.02 44.02
C ASN B 344 25.68 14.52 43.81
N GLY B 345 24.85 14.11 42.86
CA GLY B 345 24.61 12.70 42.64
C GLY B 345 23.74 12.07 43.71
N LYS B 346 23.05 12.87 44.51
CA LYS B 346 22.23 12.29 45.60
C LYS B 346 20.82 11.92 45.12
N GLY B 347 20.36 10.75 45.53
CA GLY B 347 18.96 10.37 45.35
C GLY B 347 18.72 8.95 45.77
N PRO B 348 17.49 8.44 45.53
CA PRO B 348 17.14 7.11 45.98
C PRO B 348 17.67 6.00 45.11
N ARG B 349 17.45 4.77 45.55
CA ARG B 349 17.85 3.57 44.84
C ARG B 349 16.65 2.99 44.14
N PRO B 350 16.91 2.06 43.19
CA PRO B 350 15.77 1.40 42.52
C PRO B 350 14.83 0.74 43.51
N GLY B 351 13.52 0.89 43.33
CA GLY B 351 12.53 0.22 44.19
C GLY B 351 12.24 0.83 45.53
N GLU B 352 12.89 1.94 45.86
CA GLU B 352 12.77 2.55 47.18
C GLU B 352 11.56 3.49 47.28
N VAL B 353 11.30 4.27 46.24
CA VAL B 353 10.32 5.33 46.33
C VAL B 353 8.94 4.82 46.01
N GLU B 354 8.00 5.05 46.91
CA GLU B 354 6.61 4.70 46.68
C GLU B 354 5.83 5.96 46.33
N ALA B 355 4.83 5.81 45.45
CA ALA B 355 3.88 6.88 45.16
C ALA B 355 2.54 6.47 45.69
N HIS B 356 1.77 7.45 46.13
CA HIS B 356 0.48 7.22 46.72
C HIS B 356 -0.57 8.08 46.10
N PHE B 357 -1.80 7.60 46.18
CA PHE B 357 -2.94 8.21 45.54
C PHE B 357 -3.46 9.39 46.35
N ALA B 358 -3.07 10.59 45.93
CA ALA B 358 -3.28 11.80 46.68
C ALA B 358 -4.42 12.64 46.15
N ASN B 359 -5.07 13.36 47.05
CA ASN B 359 -6.08 14.34 46.71
C ASN B 359 -5.57 15.70 47.22
N PHE B 360 -5.31 16.63 46.29
CA PHE B 360 -4.97 18.01 46.62
C PHE B 360 -6.20 18.88 46.39
N VAL B 361 -6.48 19.81 47.33
CA VAL B 361 -7.58 20.75 47.18
C VAL B 361 -7.00 22.10 46.81
N LEU B 362 -7.47 22.70 45.72
CA LEU B 362 -6.99 24.02 45.32
C LEU B 362 -8.14 24.97 45.13
N ASP B 363 -7.92 26.22 45.49
CA ASP B 363 -8.93 27.27 45.33
C ASP B 363 -8.27 28.38 44.58
N TYR B 364 -8.66 28.56 43.33
CA TYR B 364 -8.06 29.59 42.51
C TYR B 364 -8.18 31.02 43.13
N GLN B 365 -9.25 31.24 43.88
CA GLN B 365 -9.51 32.51 44.57
C GLN B 365 -8.54 32.81 45.71
N SER B 366 -7.97 31.78 46.32
CA SER B 366 -7.08 31.93 47.48
C SER B 366 -5.79 32.62 47.07
N ASP B 367 -5.26 33.45 47.98
CA ASP B 367 -3.96 34.06 47.77
C ASP B 367 -2.91 33.38 48.60
N LYS B 368 -3.30 32.37 49.37
CA LYS B 368 -2.35 31.55 50.08
C LYS B 368 -1.68 30.51 49.11
N LEU B 369 -0.38 30.67 48.85
CA LEU B 369 0.33 29.80 47.90
C LEU B 369 0.68 28.42 48.47
N PRO B 370 1.20 28.34 49.72
CA PRO B 370 1.50 27.01 50.28
C PRO B 370 0.24 26.17 50.45
N LEU B 371 0.32 24.87 50.11
CA LEU B 371 -0.82 23.96 50.23
C LEU B 371 -0.52 22.96 51.31
N ALA B 372 -1.56 22.50 51.99
CA ALA B 372 -1.43 21.42 52.99
C ALA B 372 -1.04 20.12 52.34
N GLU B 373 -0.48 19.22 53.16
CA GLU B 373 -0.19 17.85 52.73
C GLU B 373 -1.52 17.33 52.18
N PRO B 374 -1.47 16.55 51.10
CA PRO B 374 -2.75 16.03 50.57
C PRO B 374 -3.31 14.94 51.47
N THR B 375 -4.57 14.58 51.28
CA THR B 375 -5.11 13.33 51.84
C THR B 375 -4.88 12.21 50.83
N TYR B 376 -4.96 10.98 51.30
CA TYR B 376 -4.66 9.80 50.50
C TYR B 376 -5.87 8.88 50.39
N LEU B 377 -6.17 8.42 49.18
CA LEU B 377 -7.39 7.68 48.93
C LEU B 377 -7.23 6.21 49.20
N VAL B 378 -6.01 5.67 49.12
CA VAL B 378 -5.74 4.27 49.45
C VAL B 378 -4.34 4.23 49.97
N ASP B 379 -3.95 3.10 50.51
CA ASP B 379 -2.61 2.87 51.07
C ASP B 379 -1.55 2.41 50.05
N ASP B 380 -1.99 1.77 48.97
CA ASP B 380 -1.09 1.03 48.06
C ASP B 380 -0.05 1.96 47.43
N ASP B 381 1.14 1.43 47.23
CA ASP B 381 2.13 1.97 46.30
C ASP B 381 1.54 1.81 44.89
N MET B 382 1.25 2.92 44.22
CA MET B 382 0.51 2.91 43.00
C MET B 382 1.03 3.87 41.93
N GLU B 383 0.48 3.74 40.73
CA GLU B 383 0.72 4.66 39.59
C GLU B 383 -0.19 4.26 38.43
N PHE B 384 -0.08 5.02 37.34
N PHE B 384 -0.08 5.02 37.33
CA PHE B 384 -0.80 4.76 36.08
CA PHE B 384 -0.80 4.76 36.08
C PHE B 384 -2.33 4.62 36.29
C PHE B 384 -2.33 4.62 36.29
N PRO B 385 -2.94 5.63 36.91
CA PRO B 385 -4.37 5.62 37.13
C PRO B 385 -5.17 5.94 35.89
N ARG B 386 -6.26 5.21 35.71
CA ARG B 386 -7.23 5.47 34.65
C ARG B 386 -8.61 5.62 35.27
N ILE B 387 -9.40 6.45 34.65
CA ILE B 387 -10.82 6.57 35.01
C ILE B 387 -11.66 6.18 33.79
N ASP B 388 -12.96 6.19 33.98
CA ASP B 388 -13.92 6.12 32.89
C ASP B 388 -13.89 7.51 32.24
N ASP B 389 -13.30 7.58 31.04
CA ASP B 389 -13.05 8.87 30.40
C ASP B 389 -14.32 9.58 29.92
N ARG B 390 -15.46 8.92 30.04
CA ARG B 390 -16.75 9.59 29.85
C ARG B 390 -17.07 10.65 30.92
N VAL B 391 -16.39 10.62 32.08
CA VAL B 391 -16.53 11.69 33.07
C VAL B 391 -15.23 12.52 33.25
N ALA B 392 -14.28 12.41 32.33
CA ALA B 392 -13.04 13.19 32.41
C ALA B 392 -13.32 14.67 32.53
N THR B 393 -12.63 15.34 33.47
CA THR B 393 -12.83 16.77 33.80
C THR B 393 -14.02 17.08 34.69
N ARG B 394 -14.81 16.05 35.03
CA ARG B 394 -15.98 16.13 35.90
C ARG B 394 -15.74 15.15 37.02
N LYS B 395 -16.67 15.12 37.99
CA LYS B 395 -16.52 14.24 39.12
C LYS B 395 -16.52 12.79 38.67
N HIS B 396 -15.54 12.03 39.14
CA HIS B 396 -15.45 10.62 38.82
C HIS B 396 -15.56 9.88 40.12
N LYS B 397 -16.04 8.65 40.08
CA LYS B 397 -16.11 7.84 41.30
C LYS B 397 -15.51 6.43 41.18
N HIS B 398 -14.81 6.18 40.08
CA HIS B 398 -14.06 4.96 39.90
C HIS B 398 -12.68 5.30 39.34
N THR B 399 -11.66 4.67 39.89
CA THR B 399 -10.30 4.68 39.39
C THR B 399 -9.73 3.29 39.36
N PHE B 400 -9.01 2.99 38.28
CA PHE B 400 -8.27 1.77 38.08
C PHE B 400 -6.80 2.12 38.02
N PHE B 401 -5.95 1.40 38.75
CA PHE B 401 -4.54 1.78 38.76
C PHE B 401 -3.63 0.60 39.00
N CYS B 402 -2.37 0.79 38.66
CA CYS B 402 -1.33 -0.22 38.91
C CYS B 402 -0.95 -0.14 40.38
N ILE B 403 -0.59 -1.28 40.95
CA ILE B 403 -0.07 -1.36 42.32
C ILE B 403 1.18 -2.17 42.34
N PHE B 404 2.02 -1.90 43.34
CA PHE B 404 3.20 -2.70 43.61
C PHE B 404 3.19 -3.09 45.10
N ASP B 405 2.86 -4.33 45.35
CA ASP B 405 2.71 -4.87 46.68
C ASP B 405 3.97 -5.64 47.07
N ARG B 406 4.68 -5.12 48.08
CA ARG B 406 5.92 -5.76 48.57
C ARG B 406 5.70 -6.90 49.58
N LYS B 407 4.45 -7.16 49.96
CA LYS B 407 4.14 -8.26 50.87
C LYS B 407 4.80 -9.57 50.39
N PRO B 408 5.48 -10.28 51.31
CA PRO B 408 6.18 -11.49 50.87
C PRO B 408 5.30 -12.47 50.11
N GLY B 409 5.80 -12.91 48.96
CA GLY B 409 5.13 -13.91 48.15
C GLY B 409 4.24 -13.39 47.02
N VAL B 410 3.85 -12.12 47.04
CA VAL B 410 3.04 -11.59 45.95
C VAL B 410 3.81 -11.59 44.62
N THR B 411 5.05 -11.16 44.66
CA THR B 411 6.02 -11.39 43.56
C THR B 411 7.16 -12.28 44.04
N ASP B 412 7.46 -13.31 43.29
CA ASP B 412 8.62 -14.16 43.51
C ASP B 412 9.85 -13.43 42.94
N PHE B 413 10.40 -12.52 43.74
CA PHE B 413 11.53 -11.68 43.33
C PHE B 413 12.77 -12.47 42.96
N GLU B 414 13.03 -13.56 43.67
CA GLU B 414 14.18 -14.39 43.40
C GLU B 414 14.16 -14.97 41.97
N PHE B 415 12.97 -15.33 41.47
CA PHE B 415 12.84 -15.82 40.09
C PHE B 415 12.81 -14.64 39.09
N VAL B 416 12.02 -13.61 39.41
CA VAL B 416 11.74 -12.52 38.45
C VAL B 416 12.92 -11.56 38.25
N MET B 417 13.51 -11.06 39.33
CA MET B 417 14.55 -10.03 39.21
C MET B 417 15.73 -10.38 38.32
N PRO B 418 16.29 -11.61 38.42
CA PRO B 418 17.39 -11.90 37.48
C PRO B 418 16.95 -11.97 36.01
N ARG B 419 15.65 -12.06 35.72
CA ARG B 419 15.18 -12.11 34.32
C ARG B 419 14.63 -10.77 33.85
N ALA B 420 14.59 -9.76 34.73
CA ALA B 420 13.77 -8.61 34.46
C ALA B 420 14.47 -7.47 33.70
N GLY B 421 15.78 -7.38 33.84
CA GLY B 421 16.55 -6.22 33.39
C GLY B 421 16.20 -5.03 34.27
N GLY B 422 16.64 -3.87 33.88
CA GLY B 422 16.36 -2.66 34.63
C GLY B 422 15.84 -1.56 33.75
N GLY B 423 15.46 -0.47 34.41
CA GLY B 423 15.19 0.79 33.75
C GLY B 423 13.72 1.21 33.77
N ALA B 424 12.83 0.28 34.17
CA ALA B 424 11.39 0.49 34.06
C ALA B 424 10.71 0.20 35.40
N PRO B 425 9.57 0.82 35.66
CA PRO B 425 8.85 0.58 36.89
C PRO B 425 8.19 -0.80 36.91
N MET B 426 7.99 -1.34 38.10
CA MET B 426 7.33 -2.63 38.26
C MET B 426 5.98 -2.45 38.92
N SER B 427 5.01 -3.22 38.43
CA SER B 427 3.67 -3.25 38.94
C SER B 427 3.24 -4.74 38.99
N ASN B 428 2.75 -5.21 40.14
CA ASN B 428 2.36 -6.62 40.28
C ASN B 428 0.86 -6.83 40.49
N GLY B 429 0.09 -5.81 40.20
CA GLY B 429 -1.34 -5.92 40.15
C GLY B 429 -2.03 -4.68 39.65
N LEU B 430 -3.35 -4.79 39.52
CA LEU B 430 -4.23 -3.66 39.29
C LEU B 430 -5.20 -3.56 40.44
N ALA B 431 -5.65 -2.34 40.72
CA ALA B 431 -6.69 -2.15 41.74
C ALA B 431 -7.80 -1.30 41.16
N HIS B 432 -9.02 -1.56 41.62
CA HIS B 432 -10.17 -0.75 41.32
C HIS B 432 -10.71 -0.16 42.63
N LEU B 433 -10.72 1.16 42.73
CA LEU B 433 -11.31 1.87 43.85
C LEU B 433 -12.65 2.41 43.44
N ASN B 434 -13.68 2.04 44.20
CA ASN B 434 -14.97 2.73 44.16
C ASN B 434 -14.90 3.84 45.18
N HIS B 435 -14.98 5.09 44.72
CA HIS B 435 -14.77 6.24 45.59
C HIS B 435 -15.97 6.52 46.52
N GLU B 436 -17.18 6.15 46.14
CA GLU B 436 -18.35 6.30 47.01
C GLU B 436 -18.28 5.33 48.17
N THR B 437 -18.15 4.05 47.89
CA THR B 437 -18.16 3.03 48.93
C THR B 437 -16.83 2.79 49.63
N GLY B 438 -15.73 3.20 49.00
CA GLY B 438 -14.38 2.82 49.48
C GLY B 438 -13.96 1.38 49.22
N ASP B 439 -14.80 0.55 48.61
CA ASP B 439 -14.38 -0.83 48.28
C ASP B 439 -13.26 -0.85 47.22
N ILE B 440 -12.31 -1.75 47.40
CA ILE B 440 -11.19 -1.91 46.49
C ILE B 440 -11.14 -3.35 46.08
N GLN B 441 -11.10 -3.64 44.79
CA GLN B 441 -10.78 -4.99 44.32
C GLN B 441 -9.37 -4.98 43.72
N ARG B 442 -8.66 -6.09 43.87
CA ARG B 442 -7.31 -6.20 43.40
C ARG B 442 -7.14 -7.41 42.50
N TYR B 443 -6.56 -7.19 41.32
CA TYR B 443 -6.17 -8.24 40.39
C TYR B 443 -4.68 -8.52 40.55
N LEU B 444 -4.34 -9.78 40.84
CA LEU B 444 -2.97 -10.27 40.95
C LEU B 444 -2.74 -11.27 39.86
N PRO B 445 -1.98 -10.91 38.81
CA PRO B 445 -1.78 -11.89 37.74
C PRO B 445 -1.02 -13.12 38.16
N GLY B 446 -0.17 -13.00 39.17
CA GLY B 446 0.59 -14.16 39.67
C GLY B 446 1.97 -13.78 40.12
N PRO B 447 2.62 -14.69 40.84
CA PRO B 447 3.93 -14.39 41.42
C PRO B 447 5.04 -14.18 40.41
N ARG B 448 4.90 -14.70 39.18
CA ARG B 448 5.91 -14.53 38.16
C ARG B 448 5.46 -13.70 36.97
N LYS B 449 4.49 -12.84 37.21
CA LYS B 449 3.97 -11.94 36.19
C LYS B 449 3.92 -10.51 36.73
N LEU B 450 4.16 -9.54 35.84
CA LEU B 450 4.03 -8.12 36.16
C LEU B 450 3.11 -7.46 35.11
N THR B 451 2.62 -6.27 35.39
CA THR B 451 1.64 -5.64 34.52
C THR B 451 2.15 -4.31 33.99
N GLY B 452 1.52 -3.88 32.89
CA GLY B 452 1.58 -2.49 32.40
C GLY B 452 0.39 -1.67 32.83
N GLU B 453 0.23 -0.54 32.17
CA GLU B 453 -0.92 0.35 32.38
C GLU B 453 -2.14 -0.27 31.74
N CYS B 454 -3.28 -0.18 32.43
CA CYS B 454 -4.51 -0.80 31.94
C CYS B 454 -5.27 0.18 31.08
N ILE B 455 -6.26 -0.35 30.38
CA ILE B 455 -7.33 0.46 29.74
C ILE B 455 -8.67 0.00 30.25
N PHE B 456 -9.61 0.93 30.24
CA PHE B 456 -11.00 0.65 30.58
C PHE B 456 -11.88 0.81 29.36
N ILE B 457 -12.83 -0.13 29.22
CA ILE B 457 -13.75 -0.18 28.08
C ILE B 457 -15.19 -0.22 28.61
N PRO B 458 -16.00 0.80 28.33
CA PRO B 458 -17.42 0.72 28.72
C PRO B 458 -18.09 -0.55 28.16
N ARG B 459 -18.90 -1.20 28.96
CA ARG B 459 -19.60 -2.43 28.53
C ARG B 459 -20.36 -2.25 27.23
N ASN B 460 -21.00 -1.08 27.08
CA ASN B 460 -21.79 -0.70 25.88
C ASN B 460 -22.08 0.77 26.11
N SER B 461 -22.77 1.42 25.19
CA SER B 461 -22.99 2.87 25.36
C SER B 461 -24.01 3.23 26.47
N GLU B 462 -24.75 2.27 27.04
CA GLU B 462 -25.63 2.53 28.19
C GLU B 462 -24.98 2.23 29.52
N ALA B 463 -23.78 1.70 29.52
CA ALA B 463 -23.19 1.21 30.77
C ALA B 463 -22.97 2.37 31.74
N ALA B 464 -23.15 2.04 33.02
CA ALA B 464 -22.89 3.00 34.09
C ALA B 464 -21.37 3.25 34.19
N GLU B 465 -21.03 4.32 34.89
CA GLU B 465 -19.65 4.68 35.07
C GLU B 465 -18.84 3.52 35.61
N GLY B 466 -17.74 3.22 34.94
CA GLY B 466 -16.83 2.22 35.43
C GLY B 466 -17.30 0.80 35.30
N ASP B 467 -18.37 0.57 34.53
CA ASP B 467 -18.87 -0.79 34.30
C ASP B 467 -18.46 -1.25 32.88
N GLY B 468 -17.72 -2.34 32.83
CA GLY B 468 -17.29 -2.89 31.56
C GLY B 468 -16.07 -3.79 31.71
N TYR B 469 -15.08 -3.57 30.86
CA TYR B 469 -13.91 -4.43 30.82
C TYR B 469 -12.64 -3.64 31.05
N VAL B 470 -11.65 -4.33 31.61
CA VAL B 470 -10.32 -3.80 31.76
C VAL B 470 -9.38 -4.74 31.04
N MET B 471 -8.45 -4.17 30.25
CA MET B 471 -7.38 -4.96 29.62
C MET B 471 -6.03 -4.48 30.14
N VAL B 472 -5.09 -5.40 30.23
CA VAL B 472 -3.74 -5.06 30.68
C VAL B 472 -2.76 -6.05 30.12
N LEU B 473 -1.64 -5.52 29.65
CA LEU B 473 -0.56 -6.39 29.16
C LEU B 473 0.27 -6.91 30.34
N LEU B 474 0.58 -8.20 30.27
CA LEU B 474 1.36 -8.86 31.30
C LEU B 474 2.70 -9.28 30.74
N ALA B 475 3.73 -9.16 31.57
CA ALA B 475 5.02 -9.81 31.30
C ALA B 475 5.03 -11.13 32.09
N ASN B 476 5.13 -12.26 31.40
CA ASN B 476 5.21 -13.58 32.06
C ASN B 476 6.68 -14.01 32.07
N TYR B 477 7.31 -13.93 33.25
CA TYR B 477 8.73 -14.20 33.37
C TYR B 477 9.04 -15.70 33.29
N GLU B 478 8.06 -16.56 33.51
CA GLU B 478 8.28 -18.00 33.30
C GLU B 478 8.48 -18.38 31.86
N ASP B 479 7.60 -17.89 30.99
CA ASP B 479 7.67 -18.12 29.54
C ASP B 479 8.56 -17.12 28.83
N MET B 480 8.88 -16.00 29.48
CA MET B 480 9.48 -14.84 28.81
C MET B 480 8.68 -14.45 27.58
N CYS B 481 7.37 -14.42 27.77
CA CYS B 481 6.41 -14.00 26.74
C CYS B 481 5.51 -12.94 27.34
N SER B 482 4.81 -12.22 26.48
CA SER B 482 3.80 -11.32 26.90
C SER B 482 2.41 -11.95 26.77
N GLU B 483 1.48 -11.44 27.58
CA GLU B 483 0.07 -11.85 27.55
C GLU B 483 -0.79 -10.62 27.65
N LEU B 484 -1.99 -10.70 27.11
CA LEU B 484 -2.98 -9.63 27.24
C LEU B 484 -4.21 -10.17 28.00
N ALA B 485 -4.41 -9.64 29.23
CA ALA B 485 -5.50 -10.05 30.10
C ALA B 485 -6.74 -9.21 29.91
N VAL B 486 -7.90 -9.88 29.89
CA VAL B 486 -9.21 -9.23 29.80
C VAL B 486 -9.98 -9.58 31.07
N LEU B 487 -10.43 -8.55 31.77
CA LEU B 487 -11.13 -8.65 33.04
C LEU B 487 -12.48 -7.97 32.89
N ASP B 488 -13.46 -8.47 33.65
CA ASP B 488 -14.77 -7.80 33.78
C ASP B 488 -14.75 -7.02 35.09
N THR B 489 -15.19 -5.77 35.07
CA THR B 489 -15.13 -4.94 36.29
C THR B 489 -16.04 -5.43 37.41
N LYS B 490 -17.01 -6.27 37.10
CA LYS B 490 -17.80 -6.98 38.11
C LYS B 490 -16.98 -7.85 39.01
N ASP B 491 -15.85 -8.36 38.53
CA ASP B 491 -14.96 -9.15 39.38
C ASP B 491 -13.56 -9.05 38.82
N LEU B 492 -12.86 -8.02 39.29
CA LEU B 492 -11.53 -7.74 38.80
C LEU B 492 -10.51 -8.83 39.09
N THR B 493 -10.80 -9.72 40.04
CA THR B 493 -9.86 -10.78 40.41
C THR B 493 -9.76 -11.91 39.40
N ASN B 494 -10.70 -12.00 38.47
CA ASN B 494 -10.77 -13.13 37.53
C ASN B 494 -10.53 -12.70 36.06
N GLU B 495 -9.66 -13.41 35.36
CA GLU B 495 -9.45 -13.22 33.94
C GLU B 495 -10.58 -13.92 33.22
N VAL B 496 -11.30 -13.17 32.41
CA VAL B 496 -12.27 -13.71 31.50
C VAL B 496 -11.56 -14.35 30.28
N ALA B 497 -10.48 -13.74 29.85
CA ALA B 497 -9.66 -14.25 28.77
C ALA B 497 -8.20 -13.89 29.00
N LEU B 498 -7.31 -14.75 28.54
CA LEU B 498 -5.89 -14.50 28.60
C LEU B 498 -5.34 -14.77 27.20
N ILE B 499 -4.92 -13.70 26.53
CA ILE B 499 -4.41 -13.77 25.19
C ILE B 499 -2.91 -14.01 25.26
N LYS B 500 -2.42 -15.06 24.62
CA LYS B 500 -1.07 -15.59 24.86
C LYS B 500 -0.20 -15.25 23.67
N LEU B 501 0.65 -14.23 23.81
CA LEU B 501 1.57 -13.85 22.73
C LEU B 501 2.83 -14.74 22.77
N PRO B 502 3.33 -15.15 21.60
CA PRO B 502 4.54 -16.00 21.53
C PRO B 502 5.87 -15.22 21.47
N VAL B 503 5.80 -13.90 21.61
CA VAL B 503 6.97 -13.00 21.63
C VAL B 503 6.84 -12.09 22.87
N ARG B 504 7.91 -11.34 23.18
CA ARG B 504 7.86 -10.31 24.21
C ARG B 504 7.55 -8.98 23.57
N LEU B 505 6.63 -8.28 24.22
CA LEU B 505 6.49 -6.86 24.09
C LEU B 505 7.14 -6.29 25.33
N ARG B 506 8.26 -5.61 25.08
CA ARG B 506 9.04 -4.94 26.10
C ARG B 506 8.14 -3.99 26.92
N PRO B 507 8.43 -3.79 28.22
CA PRO B 507 7.65 -2.85 29.01
C PRO B 507 7.50 -1.50 28.29
N GLY B 508 6.28 -1.01 28.30
CA GLY B 508 5.88 0.17 27.60
C GLY B 508 5.42 1.32 28.45
N LEU B 509 4.93 2.35 27.79
CA LEU B 509 4.40 3.52 28.45
C LEU B 509 2.89 3.47 28.27
N HIS B 510 2.29 4.46 27.65
CA HIS B 510 0.83 4.61 27.73
C HIS B 510 0.11 3.93 26.57
N GLY B 511 -1.19 3.75 26.74
CA GLY B 511 -2.04 3.13 25.75
C GLY B 511 -3.48 3.57 25.91
N ASN B 512 -4.27 3.31 24.87
CA ASN B 512 -5.65 3.76 24.80
C ASN B 512 -6.52 2.80 24.01
N TRP B 513 -7.81 2.80 24.36
CA TRP B 513 -8.85 2.06 23.66
C TRP B 513 -9.56 3.02 22.74
N VAL B 514 -9.76 2.56 21.50
CA VAL B 514 -10.57 3.25 20.51
C VAL B 514 -11.71 2.30 20.14
N ASP B 515 -12.90 2.61 20.65
CA ASP B 515 -14.09 1.76 20.45
C ASP B 515 -14.65 1.95 19.06
N LYS B 516 -14.98 0.83 18.40
CA LYS B 516 -15.53 0.91 17.04
C LYS B 516 -16.83 1.69 16.97
N SER B 517 -17.62 1.73 18.04
CA SER B 517 -18.88 2.46 18.03
C SER B 517 -18.75 3.98 18.16
N ASP B 518 -17.56 4.50 18.41
CA ASP B 518 -17.35 5.95 18.62
C ASP B 518 -16.82 6.57 17.35
N VAL B 519 -17.64 7.40 16.69
CA VAL B 519 -17.27 7.99 15.42
C VAL B 519 -15.98 8.81 15.52
N ASP B 520 -15.80 9.58 16.59
CA ASP B 520 -14.56 10.38 16.75
C ASP B 520 -13.48 9.68 17.60
N GLY B 521 -13.67 8.39 17.90
CA GLY B 521 -12.71 7.57 18.61
C GLY B 521 -12.74 7.64 20.11
N HIS B 522 -13.58 8.54 20.65
CA HIS B 522 -13.69 8.78 22.08
C HIS B 522 -15.13 8.51 22.57
N PRO B 523 -15.28 7.98 23.78
CA PRO B 523 -16.62 7.64 24.28
C PRO B 523 -17.51 8.85 24.60
N ALA B 524 -18.82 8.61 24.57
CA ALA B 524 -19.87 9.62 24.76
C ALA B 524 -19.97 10.02 26.22
N PRO B 525 -20.35 11.27 26.51
CA PRO B 525 -20.41 11.70 27.91
C PRO B 525 -21.48 10.94 28.69
N LEU B 526 -21.22 10.74 29.99
CA LEU B 526 -22.26 10.24 30.90
C LEU B 526 -23.16 11.39 31.32
N GLN C 26 -25.67 -31.67 18.62
CA GLN C 26 -25.96 -30.36 17.98
C GLN C 26 -25.92 -30.49 16.43
N PRO C 27 -27.09 -30.39 15.75
CA PRO C 27 -27.39 -31.02 14.45
C PRO C 27 -26.23 -31.27 13.43
N GLU C 28 -25.54 -30.21 12.99
CA GLU C 28 -24.60 -30.31 11.86
C GLU C 28 -23.45 -29.29 11.90
N GLU C 29 -22.80 -29.19 13.06
CA GLU C 29 -21.65 -28.29 13.21
C GLU C 29 -20.33 -29.04 12.97
N LEU C 30 -19.33 -28.29 12.53
CA LEU C 30 -18.00 -28.79 12.13
C LEU C 30 -17.24 -29.29 13.39
N PRO C 31 -16.16 -30.12 13.23
CA PRO C 31 -15.28 -30.42 14.39
C PRO C 31 -14.79 -29.11 15.03
N PRO C 32 -14.79 -29.03 16.38
CA PRO C 32 -14.60 -27.69 17.00
C PRO C 32 -13.19 -27.12 16.70
N ALA C 33 -13.12 -25.79 16.58
CA ALA C 33 -11.85 -25.11 16.26
C ALA C 33 -11.15 -24.71 17.58
N PRO C 34 -10.09 -25.43 18.02
CA PRO C 34 -9.38 -24.98 19.25
C PRO C 34 -8.76 -23.55 19.09
N ARG C 35 -8.71 -22.81 20.20
CA ARG C 35 -8.29 -21.40 20.19
C ARG C 35 -6.87 -21.17 20.73
N TYR C 36 -6.21 -22.26 21.14
CA TYR C 36 -4.79 -22.25 21.43
C TYR C 36 -4.22 -23.59 21.08
N PHE C 37 -2.91 -23.64 20.89
CA PHE C 37 -2.24 -24.87 20.44
C PHE C 37 -2.08 -25.85 21.60
N GLN C 38 -2.26 -27.13 21.30
CA GLN C 38 -2.19 -28.21 22.31
C GLN C 38 -1.56 -29.42 21.65
N GLY C 39 -0.89 -30.23 22.46
CA GLY C 39 -0.19 -31.39 21.94
C GLY C 39 1.29 -31.16 21.87
N GLU C 40 2.03 -32.27 21.90
N GLU C 40 2.04 -32.26 21.91
CA GLU C 40 3.48 -32.25 21.90
CA GLU C 40 3.50 -32.24 21.91
C GLU C 40 4.09 -31.61 20.62
C GLU C 40 4.09 -31.61 20.62
N ASN C 41 3.44 -31.78 19.47
CA ASN C 41 3.92 -31.20 18.21
C ASN C 41 3.89 -29.68 18.14
N THR C 42 3.21 -29.03 19.08
CA THR C 42 3.15 -27.59 19.16
C THR C 42 3.56 -27.07 20.53
N ALA C 43 4.30 -27.87 21.31
CA ALA C 43 4.76 -27.49 22.68
C ALA C 43 6.24 -27.03 22.68
N GLY C 44 6.59 -26.23 23.67
CA GLY C 44 7.98 -25.80 23.85
C GLY C 44 8.50 -25.06 22.64
N PHE C 45 9.67 -25.46 22.15
CA PHE C 45 10.30 -24.81 21.00
C PHE C 45 9.47 -25.03 19.71
N MET C 46 8.59 -26.04 19.71
CA MET C 46 7.68 -26.28 18.59
C MET C 46 6.43 -25.39 18.58
N ARG C 47 6.20 -24.62 19.62
CA ARG C 47 5.05 -23.73 19.65
C ARG C 47 5.10 -22.75 18.49
N PRO C 48 4.04 -22.72 17.65
CA PRO C 48 4.00 -21.71 16.60
C PRO C 48 4.07 -20.27 17.11
N VAL C 49 4.82 -19.46 16.38
CA VAL C 49 4.93 -18.03 16.67
C VAL C 49 3.99 -17.29 15.73
N ARG C 50 4.12 -17.59 14.43
CA ARG C 50 3.17 -17.14 13.39
C ARG C 50 3.31 -15.67 13.04
N PHE C 51 4.50 -15.16 13.25
CA PHE C 51 4.74 -13.77 12.92
C PHE C 51 5.11 -13.64 11.44
N GLU C 52 4.69 -12.54 10.82
CA GLU C 52 5.17 -12.12 9.52
C GLU C 52 5.58 -10.66 9.61
N GLY C 53 6.69 -10.30 8.97
CA GLY C 53 7.15 -8.89 8.97
C GLY C 53 8.65 -8.81 8.86
N ASP C 54 9.23 -7.82 9.56
CA ASP C 54 10.66 -7.51 9.41
C ASP C 54 11.32 -7.30 10.75
N ILE C 55 12.56 -7.74 10.85
CA ILE C 55 13.48 -7.38 11.95
C ILE C 55 14.78 -7.04 11.22
N THR C 56 15.08 -5.74 11.14
CA THR C 56 16.30 -5.30 10.44
C THR C 56 17.47 -5.18 11.42
N ASN C 57 18.67 -5.14 10.87
CA ASN C 57 19.88 -4.90 11.67
C ASN C 57 20.01 -5.85 12.82
N LEU C 58 19.99 -7.15 12.51
CA LEU C 58 20.04 -8.15 13.56
C LEU C 58 21.33 -8.03 14.39
N GLU C 59 21.21 -8.33 15.67
CA GLU C 59 22.33 -8.35 16.60
C GLU C 59 23.33 -9.42 16.17
N VAL C 60 24.61 -9.04 16.22
CA VAL C 60 25.68 -9.91 15.79
C VAL C 60 26.78 -9.94 16.83
N VAL C 61 27.16 -11.15 17.26
CA VAL C 61 28.37 -11.40 18.05
C VAL C 61 29.43 -11.90 17.08
N GLY C 62 30.62 -11.32 17.15
CA GLY C 62 31.66 -11.58 16.19
C GLY C 62 31.46 -10.62 15.03
N GLU C 63 31.83 -11.08 13.83
CA GLU C 63 31.83 -10.26 12.65
C GLU C 63 31.46 -11.07 11.42
N ILE C 64 30.44 -10.65 10.71
CA ILE C 64 30.06 -11.30 9.47
C ILE C 64 31.02 -10.79 8.38
N PRO C 65 31.70 -11.71 7.67
CA PRO C 65 32.59 -11.34 6.58
C PRO C 65 31.91 -10.38 5.63
N LYS C 66 32.56 -9.23 5.40
CA LYS C 66 31.98 -8.16 4.64
C LYS C 66 31.80 -8.46 3.18
N SER C 67 32.55 -9.42 2.64
CA SER C 67 32.38 -9.81 1.25
C SER C 67 31.13 -10.68 1.00
N ILE C 68 30.50 -11.22 2.04
CA ILE C 68 29.26 -12.05 1.83
C ILE C 68 28.14 -11.12 1.39
N GLU C 69 27.55 -11.43 0.24
CA GLU C 69 26.42 -10.68 -0.24
C GLU C 69 25.40 -11.59 -0.92
N GLY C 70 24.17 -11.58 -0.42
CA GLY C 70 23.09 -12.42 -0.97
C GLY C 70 22.10 -12.72 0.13
N THR C 71 21.28 -13.74 -0.09
CA THR C 71 20.17 -14.04 0.79
C THR C 71 20.05 -15.55 1.07
N PHE C 72 19.87 -15.85 2.35
CA PHE C 72 19.59 -17.21 2.81
C PHE C 72 18.07 -17.29 3.00
N TYR C 73 17.40 -18.10 2.17
CA TYR C 73 15.95 -18.31 2.30
C TYR C 73 15.76 -19.68 2.93
N ARG C 74 14.84 -19.82 3.88
CA ARG C 74 14.50 -21.13 4.44
C ARG C 74 12.97 -21.17 4.63
N VAL C 75 12.42 -22.37 4.65
CA VAL C 75 10.98 -22.55 4.89
C VAL C 75 10.76 -23.44 6.09
N MET C 76 9.80 -23.05 6.91
CA MET C 76 9.36 -23.88 8.02
C MET C 76 7.86 -24.15 7.93
N PRO C 77 7.46 -25.37 8.28
CA PRO C 77 6.06 -25.57 8.60
C PRO C 77 5.70 -24.83 9.88
N GLU C 78 4.60 -24.09 9.87
CA GLU C 78 4.19 -23.33 11.02
C GLU C 78 2.68 -23.10 10.98
N PRO C 79 1.90 -24.00 11.59
CA PRO C 79 0.44 -23.87 11.51
C PRO C 79 -0.05 -22.48 11.86
N HIS C 80 -0.83 -21.88 10.97
CA HIS C 80 -1.34 -20.53 11.23
C HIS C 80 -2.53 -20.52 12.17
N LEU C 81 -3.27 -21.63 12.19
CA LEU C 81 -4.43 -21.82 13.07
C LEU C 81 -4.36 -23.21 13.70
N PRO C 82 -4.81 -23.35 14.95
CA PRO C 82 -4.81 -24.70 15.51
C PRO C 82 -5.66 -25.68 14.68
N SER C 83 -5.08 -26.84 14.47
CA SER C 83 -5.68 -27.89 13.67
C SER C 83 -6.84 -28.53 14.41
N PHE C 84 -7.86 -28.95 13.69
CA PHE C 84 -8.89 -29.84 14.25
C PHE C 84 -8.45 -31.29 14.26
N ILE C 85 -7.31 -31.60 13.67
CA ILE C 85 -6.70 -32.92 13.74
C ILE C 85 -5.75 -33.00 14.92
N PRO C 86 -6.00 -33.93 15.87
CA PRO C 86 -5.07 -34.00 17.01
C PRO C 86 -3.72 -34.60 16.58
N ASN C 87 -2.65 -34.10 17.15
CA ASN C 87 -1.29 -34.52 16.76
C ASN C 87 -1.04 -34.52 15.26
N ASP C 88 -1.51 -33.47 14.58
CA ASP C 88 -1.30 -33.33 13.15
C ASP C 88 0.24 -33.34 12.92
N PRO C 89 0.73 -34.14 11.97
CA PRO C 89 2.18 -34.16 11.79
C PRO C 89 2.81 -32.80 11.40
N TRP C 90 4.06 -32.64 11.81
CA TRP C 90 4.90 -31.48 11.50
C TRP C 90 4.86 -31.11 10.00
N PHE C 91 4.91 -32.13 9.13
CA PHE C 91 4.87 -31.93 7.69
C PHE C 91 3.60 -31.28 7.15
N ASN C 92 2.56 -31.16 7.96
CA ASN C 92 1.31 -30.57 7.46
C ASN C 92 1.10 -29.08 7.80
N GLY C 93 2.14 -28.39 8.28
CA GLY C 93 2.03 -27.01 8.72
C GLY C 93 2.25 -26.01 7.58
N ASP C 94 1.49 -24.92 7.63
CA ASP C 94 1.58 -23.83 6.64
C ASP C 94 3.03 -23.35 6.49
N GLY C 95 3.47 -23.23 5.23
CA GLY C 95 4.83 -22.83 4.95
C GLY C 95 5.02 -21.33 5.23
N ASN C 96 6.02 -21.03 6.07
CA ASN C 96 6.41 -19.62 6.37
C ASN C 96 7.88 -19.46 5.94
N ILE C 97 8.13 -18.45 5.10
CA ILE C 97 9.43 -18.22 4.48
C ILE C 97 10.21 -17.17 5.23
N SER C 98 11.45 -17.48 5.59
CA SER C 98 12.40 -16.53 6.19
C SER C 98 13.45 -16.20 5.15
N GLY C 99 13.76 -14.92 5.03
CA GLY C 99 14.88 -14.46 4.19
C GLY C 99 15.86 -13.66 5.06
N PHE C 100 17.14 -14.03 5.01
CA PHE C 100 18.21 -13.33 5.73
C PHE C 100 19.07 -12.63 4.66
N TYR C 101 18.97 -11.31 4.59
CA TYR C 101 19.53 -10.53 3.48
C TYR C 101 20.85 -9.92 3.99
N PHE C 102 21.97 -10.32 3.39
CA PHE C 102 23.31 -9.96 3.89
C PHE C 102 23.97 -8.95 2.92
N LYS C 103 24.55 -7.90 3.49
CA LYS C 103 25.40 -6.99 2.72
C LYS C 103 26.33 -6.22 3.68
N ASP C 104 27.63 -6.16 3.34
CA ASP C 104 28.65 -5.37 4.06
C ASP C 104 28.67 -5.66 5.56
N GLY C 105 28.48 -6.92 5.93
CA GLY C 105 28.50 -7.30 7.31
C GLY C 105 27.27 -7.02 8.14
N HIS C 106 26.21 -6.51 7.49
CA HIS C 106 24.88 -6.27 8.12
C HIS C 106 23.89 -7.32 7.60
N VAL C 107 22.89 -7.64 8.42
CA VAL C 107 21.88 -8.65 8.02
C VAL C 107 20.48 -8.24 8.52
N ASP C 108 19.51 -8.32 7.62
CA ASP C 108 18.11 -8.11 7.94
C ASP C 108 17.28 -9.40 7.71
N LEU C 109 16.26 -9.61 8.56
CA LEU C 109 15.26 -10.69 8.41
C LEU C 109 13.96 -10.14 7.86
N LYS C 110 13.46 -10.79 6.81
CA LYS C 110 12.09 -10.63 6.37
C LYS C 110 11.42 -12.02 6.43
N GLN C 111 10.14 -12.03 6.82
N GLN C 111 10.14 -12.03 6.81
CA GLN C 111 9.44 -13.29 7.10
CA GLN C 111 9.43 -13.27 7.10
C GLN C 111 7.99 -13.15 6.63
C GLN C 111 7.98 -13.14 6.64
N ARG C 112 7.50 -14.13 5.89
CA ARG C 112 6.13 -14.08 5.39
C ARG C 112 5.58 -15.46 4.99
N TYR C 113 4.34 -15.70 5.34
CA TYR C 113 3.66 -16.96 4.96
C TYR C 113 3.37 -17.01 3.46
N VAL C 114 3.49 -18.20 2.87
CA VAL C 114 3.04 -18.42 1.49
C VAL C 114 1.53 -18.30 1.48
N ARG C 115 0.99 -17.52 0.54
CA ARG C 115 -0.46 -17.40 0.40
C ARG C 115 -1.01 -18.57 -0.43
N THR C 116 -1.00 -19.75 0.16
CA THR C 116 -1.62 -20.90 -0.46
C THR C 116 -3.15 -20.74 -0.43
N GLU C 117 -3.81 -21.58 -1.22
CA GLU C 117 -5.26 -21.64 -1.12
C GLU C 117 -5.69 -21.96 0.32
N LYS C 118 -5.02 -22.92 0.93
CA LYS C 118 -5.29 -23.30 2.30
C LYS C 118 -5.14 -22.11 3.26
N PHE C 119 -3.98 -21.47 3.17
CA PHE C 119 -3.71 -20.30 4.06
C PHE C 119 -4.81 -19.23 3.96
N VAL C 120 -5.14 -18.87 2.73
CA VAL C 120 -6.13 -17.80 2.46
C VAL C 120 -7.53 -18.18 2.95
N ARG C 121 -7.98 -19.40 2.64
CA ARG C 121 -9.34 -19.79 3.02
C ARG C 121 -9.46 -19.94 4.50
N GLU C 122 -8.43 -20.50 5.12
CA GLU C 122 -8.46 -20.61 6.59
C GLU C 122 -8.36 -19.24 7.28
N ALA C 123 -7.59 -18.32 6.69
CA ALA C 123 -7.51 -16.95 7.21
C ALA C 123 -8.85 -16.23 7.13
N GLU C 124 -9.56 -16.38 6.00
CA GLU C 124 -10.92 -15.84 5.85
C GLU C 124 -11.87 -16.41 6.89
N ALA C 125 -11.81 -17.70 7.13
CA ALA C 125 -12.72 -18.37 8.08
C ALA C 125 -12.29 -18.23 9.53
N ARG C 126 -11.02 -17.87 9.78
CA ARG C 126 -10.44 -17.82 11.11
C ARG C 126 -10.53 -19.18 11.83
N ARG C 127 -10.34 -20.25 11.06
CA ARG C 127 -10.30 -21.58 11.63
C ARG C 127 -9.72 -22.54 10.59
N SER C 128 -9.20 -23.66 11.08
CA SER C 128 -8.68 -24.67 10.21
C SER C 128 -9.80 -25.42 9.47
N LEU C 129 -9.51 -25.78 8.23
CA LEU C 129 -10.48 -26.35 7.28
C LEU C 129 -9.88 -27.58 6.60
N LEU C 130 -8.59 -27.51 6.24
CA LEU C 130 -7.87 -28.66 5.72
C LEU C 130 -7.60 -29.66 6.84
N GLY C 131 -7.86 -30.93 6.56
CA GLY C 131 -7.70 -32.00 7.54
C GLY C 131 -6.37 -32.71 7.58
N LYS C 132 -6.40 -34.04 7.53
CA LYS C 132 -5.17 -34.83 7.64
C LYS C 132 -4.23 -34.65 6.49
N TYR C 133 -2.95 -34.89 6.77
CA TYR C 133 -1.90 -34.84 5.78
C TYR C 133 -2.27 -35.65 4.55
N ARG C 134 -2.34 -34.97 3.40
CA ARG C 134 -2.60 -35.60 2.11
C ARG C 134 -3.85 -36.52 2.10
N ASN C 135 -4.86 -36.14 2.88
CA ASN C 135 -6.15 -36.85 2.86
C ASN C 135 -7.31 -35.91 2.67
N ARG C 136 -7.65 -35.68 1.41
CA ARG C 136 -8.72 -34.74 1.06
C ARG C 136 -10.08 -35.16 1.60
N TYR C 137 -10.26 -36.47 1.89
CA TYR C 137 -11.55 -36.94 2.40
C TYR C 137 -11.81 -36.42 3.80
N THR C 138 -10.80 -35.92 4.48
CA THR C 138 -10.97 -35.35 5.82
C THR C 138 -11.09 -33.81 5.87
N ASP C 139 -11.04 -33.18 4.72
CA ASP C 139 -11.17 -31.70 4.63
C ASP C 139 -12.59 -31.25 4.88
N LEU C 140 -12.77 -30.08 5.46
CA LEU C 140 -14.10 -29.53 5.74
C LEU C 140 -14.69 -28.78 4.57
N VAL C 141 -13.90 -28.44 3.58
CA VAL C 141 -14.35 -27.82 2.35
C VAL C 141 -13.54 -28.47 1.27
N GLU C 142 -13.95 -28.25 0.03
CA GLU C 142 -13.24 -28.82 -1.09
C GLU C 142 -12.16 -27.86 -1.52
N PHE C 143 -10.90 -28.32 -1.46
CA PHE C 143 -9.76 -27.55 -1.94
C PHE C 143 -9.41 -27.96 -3.35
N LYS C 144 -9.04 -26.99 -4.19
CA LYS C 144 -8.44 -27.33 -5.47
C LYS C 144 -6.97 -27.67 -5.33
N ILE C 145 -6.22 -26.88 -4.56
CA ILE C 145 -4.81 -27.08 -4.29
C ILE C 145 -4.66 -27.23 -2.77
N ARG C 146 -4.02 -28.31 -2.32
CA ARG C 146 -3.90 -28.55 -0.88
C ARG C 146 -2.50 -28.22 -0.34
N SER C 147 -1.63 -27.67 -1.18
CA SER C 147 -0.27 -27.31 -0.78
C SER C 147 -0.22 -26.47 0.50
N THR C 148 0.70 -26.85 1.36
CA THR C 148 1.24 -25.96 2.41
C THR C 148 2.53 -25.22 2.00
N ALA C 149 3.07 -25.54 0.83
CA ALA C 149 4.26 -24.93 0.28
C ALA C 149 5.36 -24.80 1.33
N ASN C 150 5.61 -25.88 2.06
CA ASN C 150 6.36 -25.80 3.30
C ASN C 150 7.65 -26.55 3.36
N THR C 151 8.11 -27.07 2.23
CA THR C 151 9.20 -28.05 2.24
C THR C 151 10.51 -27.54 1.67
N ASN C 152 10.47 -26.81 0.55
CA ASN C 152 11.69 -26.17 0.04
C ASN C 152 11.34 -24.81 -0.58
N ILE C 153 12.36 -23.97 -0.74
CA ILE C 153 12.20 -22.62 -1.27
C ILE C 153 13.42 -22.38 -2.14
N VAL C 154 13.22 -22.40 -3.46
CA VAL C 154 14.30 -22.35 -4.42
C VAL C 154 14.18 -21.11 -5.32
N TYR C 155 15.28 -20.79 -6.01
CA TYR C 155 15.29 -19.61 -6.88
C TYR C 155 15.27 -20.07 -8.32
N TRP C 156 14.39 -19.50 -9.14
CA TRP C 156 14.34 -19.87 -10.55
C TRP C 156 13.82 -18.69 -11.39
N ARG C 157 14.67 -18.21 -12.31
CA ARG C 157 14.26 -17.18 -13.27
C ARG C 157 13.58 -15.99 -12.63
N GLY C 158 14.22 -15.46 -11.58
CA GLY C 158 13.76 -14.20 -10.96
C GLY C 158 12.66 -14.31 -9.95
N GLN C 159 12.23 -15.53 -9.61
CA GLN C 159 11.18 -15.75 -8.59
C GLN C 159 11.70 -16.79 -7.59
N LEU C 160 11.07 -16.83 -6.44
CA LEU C 160 11.23 -17.97 -5.54
C LEU C 160 10.11 -18.94 -5.88
N LEU C 161 10.38 -20.23 -5.71
CA LEU C 161 9.36 -21.26 -5.87
C LEU C 161 9.29 -22.00 -4.54
N ALA C 162 8.11 -21.95 -3.92
CA ALA C 162 7.84 -22.56 -2.61
C ALA C 162 7.21 -23.95 -2.91
N LEU C 163 7.92 -24.99 -2.52
CA LEU C 163 7.69 -26.35 -3.01
C LEU C 163 7.00 -27.25 -2.00
N LYS C 164 6.17 -28.15 -2.53
CA LYS C 164 5.48 -29.14 -1.75
C LYS C 164 5.06 -30.29 -2.66
N GLU C 165 5.52 -31.50 -2.34
CA GLU C 165 5.54 -32.62 -3.30
C GLU C 165 4.17 -33.15 -3.75
N ASP C 166 3.09 -32.68 -3.14
CA ASP C 166 1.72 -33.04 -3.55
C ASP C 166 1.11 -32.01 -4.49
N SER C 167 1.89 -31.02 -4.92
CA SER C 167 1.34 -29.83 -5.55
C SER C 167 2.29 -29.20 -6.56
N PRO C 168 1.76 -28.32 -7.42
CA PRO C 168 2.66 -27.42 -8.13
C PRO C 168 3.32 -26.41 -7.16
N PRO C 169 4.37 -25.73 -7.62
CA PRO C 169 4.97 -24.69 -6.76
C PRO C 169 4.08 -23.47 -6.61
N TYR C 170 4.34 -22.70 -5.56
CA TYR C 170 3.85 -21.32 -5.47
C TYR C 170 5.01 -20.34 -5.75
N ALA C 171 4.79 -19.42 -6.65
CA ALA C 171 5.80 -18.43 -7.05
C ALA C 171 5.74 -17.22 -6.10
N MET C 172 6.91 -16.70 -5.74
CA MET C 172 7.01 -15.59 -4.80
C MET C 172 8.10 -14.59 -5.21
N ASP C 173 7.96 -13.37 -4.70
CA ASP C 173 8.90 -12.27 -4.98
C ASP C 173 10.13 -12.42 -4.03
N PRO C 174 11.34 -12.55 -4.58
CA PRO C 174 12.53 -12.71 -3.71
C PRO C 174 12.83 -11.51 -2.77
N GLU C 175 12.37 -10.33 -3.15
CA GLU C 175 12.65 -9.12 -2.38
C GLU C 175 11.60 -8.88 -1.29
N THR C 176 10.33 -9.03 -1.60
CA THR C 176 9.23 -8.68 -0.66
C THR C 176 8.58 -9.90 -0.05
N LEU C 177 8.85 -11.09 -0.61
CA LEU C 177 8.17 -12.35 -0.22
C LEU C 177 6.65 -12.34 -0.41
N GLU C 178 6.17 -11.46 -1.30
CA GLU C 178 4.79 -11.50 -1.77
C GLU C 178 4.57 -12.82 -2.52
N THR C 179 3.38 -13.37 -2.43
CA THR C 179 3.05 -14.59 -3.17
C THR C 179 2.38 -14.19 -4.48
N PHE C 180 2.91 -14.59 -5.63
CA PHE C 180 2.22 -14.32 -6.90
C PHE C 180 1.09 -15.32 -7.13
N GLY C 181 1.26 -16.59 -6.75
CA GLY C 181 0.23 -17.60 -6.97
C GLY C 181 0.82 -18.92 -7.35
N VAL C 182 -0.03 -19.90 -7.59
CA VAL C 182 0.35 -21.20 -8.08
C VAL C 182 1.05 -21.00 -9.40
N TYR C 183 2.12 -21.74 -9.62
CA TYR C 183 2.95 -21.52 -10.79
C TYR C 183 2.96 -22.74 -11.71
N ASP C 184 2.65 -22.55 -12.98
CA ASP C 184 2.58 -23.65 -13.95
C ASP C 184 3.54 -23.52 -15.12
N PHE C 185 4.60 -22.71 -14.95
CA PHE C 185 5.66 -22.61 -15.94
C PHE C 185 5.09 -22.24 -17.35
N ASP C 186 4.31 -21.16 -17.37
CA ASP C 186 3.68 -20.63 -18.59
C ASP C 186 2.80 -21.69 -19.24
N GLY C 187 2.06 -22.42 -18.44
CA GLY C 187 1.19 -23.48 -18.94
C GLY C 187 1.88 -24.76 -19.38
N GLN C 188 3.19 -24.91 -19.17
CA GLN C 188 3.89 -26.08 -19.63
C GLN C 188 3.94 -27.24 -18.60
N LEU C 189 3.61 -26.97 -17.33
CA LEU C 189 3.81 -27.95 -16.28
C LEU C 189 2.98 -29.20 -16.64
N PRO C 190 3.62 -30.34 -16.80
CA PRO C 190 2.80 -31.49 -17.27
C PRO C 190 2.16 -32.34 -16.19
N SER C 191 2.50 -32.09 -14.93
CA SER C 191 2.25 -32.97 -13.82
C SER C 191 1.39 -32.23 -12.78
N LEU C 192 0.56 -32.94 -12.03
CA LEU C 192 -0.13 -32.37 -10.86
C LEU C 192 0.82 -32.04 -9.72
N THR C 193 2.02 -32.63 -9.73
CA THR C 193 2.94 -32.58 -8.60
C THR C 193 4.34 -32.20 -9.06
N PHE C 194 5.01 -31.47 -8.18
CA PHE C 194 6.37 -30.94 -8.43
C PHE C 194 7.18 -31.19 -7.17
N THR C 195 8.22 -31.97 -7.31
CA THR C 195 9.06 -32.42 -6.19
C THR C 195 9.61 -31.23 -5.38
N ALA C 196 9.86 -31.45 -4.10
CA ALA C 196 10.59 -30.49 -3.31
C ALA C 196 12.07 -30.49 -3.58
N HIS C 197 12.59 -31.44 -4.37
CA HIS C 197 14.02 -31.51 -4.62
C HIS C 197 14.41 -31.48 -6.11
N PRO C 198 14.07 -30.41 -6.83
CA PRO C 198 14.65 -30.29 -8.16
C PRO C 198 16.17 -30.13 -8.08
N LYS C 199 16.90 -30.49 -9.14
CA LYS C 199 18.36 -30.30 -9.20
C LYS C 199 18.72 -29.24 -10.24
N PHE C 200 19.70 -28.42 -9.93
CA PHE C 200 20.17 -27.37 -10.85
C PHE C 200 21.52 -27.79 -11.43
N ASP C 201 21.50 -28.07 -12.72
CA ASP C 201 22.72 -28.49 -13.43
C ASP C 201 23.59 -27.24 -13.62
N PRO C 202 24.78 -27.22 -13.02
CA PRO C 202 25.61 -26.01 -13.12
C PRO C 202 26.22 -25.78 -14.50
N VAL C 203 26.27 -26.82 -15.35
CA VAL C 203 26.81 -26.69 -16.69
C VAL C 203 25.72 -26.31 -17.67
N THR C 204 24.61 -27.05 -17.72
CA THR C 204 23.56 -26.75 -18.68
C THR C 204 22.60 -25.65 -18.22
N ARG C 205 22.61 -25.35 -16.91
CA ARG C 205 21.69 -24.40 -16.30
C ARG C 205 20.23 -24.86 -16.35
N GLU C 206 20.01 -26.16 -16.58
CA GLU C 206 18.68 -26.73 -16.49
C GLU C 206 18.24 -26.91 -15.05
N MET C 207 16.94 -26.77 -14.85
CA MET C 207 16.28 -27.27 -13.65
C MET C 207 15.65 -28.64 -13.99
N VAL C 208 16.12 -29.67 -13.31
CA VAL C 208 15.70 -31.07 -13.58
C VAL C 208 14.74 -31.48 -12.46
N CYS C 209 13.54 -31.92 -12.84
CA CYS C 209 12.40 -32.04 -11.95
C CYS C 209 11.68 -33.41 -12.11
N PHE C 210 10.78 -33.69 -11.19
CA PHE C 210 9.80 -34.74 -11.38
C PHE C 210 8.65 -34.52 -10.43
N GLY C 211 7.61 -35.30 -10.62
CA GLY C 211 6.54 -35.43 -9.63
C GLY C 211 6.12 -36.90 -9.54
N TYR C 212 5.81 -37.40 -8.35
CA TYR C 212 5.18 -38.73 -8.18
C TYR C 212 3.71 -38.50 -7.77
N GLU C 213 2.94 -39.59 -7.78
CA GLU C 213 1.47 -39.50 -7.77
C GLU C 213 1.02 -38.44 -8.77
N ALA C 214 1.64 -38.43 -9.94
CA ALA C 214 1.53 -37.31 -10.87
C ALA C 214 0.17 -37.16 -11.54
N LYS C 215 -0.67 -38.19 -11.44
CA LYS C 215 -2.06 -38.11 -11.90
C LYS C 215 -3.08 -38.17 -10.78
N GLY C 216 -2.66 -37.95 -9.54
CA GLY C 216 -3.60 -37.88 -8.43
C GLY C 216 -3.31 -38.90 -7.35
N ASP C 217 -4.15 -38.83 -6.32
CA ASP C 217 -4.03 -39.65 -5.12
C ASP C 217 -3.90 -41.13 -5.50
N GLY C 218 -2.85 -41.79 -5.00
CA GLY C 218 -2.70 -43.21 -5.16
C GLY C 218 -2.18 -43.66 -6.52
N THR C 219 -1.95 -42.74 -7.46
CA THR C 219 -1.45 -43.12 -8.77
C THR C 219 0.03 -43.49 -8.70
N ARG C 220 0.42 -44.44 -9.57
CA ARG C 220 1.80 -44.88 -9.66
C ARG C 220 2.57 -44.14 -10.75
N ASP C 221 1.95 -43.12 -11.32
CA ASP C 221 2.56 -42.35 -12.37
C ASP C 221 3.62 -41.41 -11.85
N ILE C 222 4.79 -41.48 -12.45
CA ILE C 222 5.86 -40.51 -12.22
C ILE C 222 6.03 -39.74 -13.53
N CYS C 223 6.06 -38.41 -13.44
CA CYS C 223 6.39 -37.56 -14.58
C CYS C 223 7.74 -36.94 -14.34
N TYR C 224 8.69 -37.25 -15.22
CA TYR C 224 10.05 -36.72 -15.21
C TYR C 224 10.07 -35.58 -16.24
N TYR C 225 10.52 -34.41 -15.82
CA TYR C 225 10.51 -33.24 -16.72
C TYR C 225 11.58 -32.24 -16.34
N SER C 226 11.99 -31.44 -17.32
CA SER C 226 13.10 -30.48 -17.11
C SER C 226 12.82 -29.17 -17.84
N PHE C 227 13.50 -28.12 -17.41
CA PHE C 227 13.37 -26.81 -18.05
C PHE C 227 14.76 -26.28 -18.35
N GLY C 228 14.94 -25.75 -19.56
CA GLY C 228 16.15 -25.06 -19.89
C GLY C 228 16.18 -23.69 -19.18
N PRO C 229 17.34 -23.04 -19.19
CA PRO C 229 17.48 -21.73 -18.51
C PRO C 229 16.61 -20.63 -19.08
N ASP C 230 16.16 -20.79 -20.33
CA ASP C 230 15.20 -19.87 -20.92
C ASP C 230 13.77 -20.10 -20.46
N GLY C 231 13.51 -21.11 -19.61
CA GLY C 231 12.19 -21.39 -19.11
C GLY C 231 11.37 -22.38 -19.96
N LYS C 232 11.90 -22.84 -21.09
CA LYS C 232 11.17 -23.77 -21.95
C LYS C 232 11.32 -25.20 -21.47
N ILE C 233 10.22 -25.94 -21.48
CA ILE C 233 10.26 -27.35 -21.08
C ILE C 233 11.11 -28.12 -22.08
N ALA C 234 11.91 -29.06 -21.58
CA ALA C 234 12.83 -29.83 -22.41
C ALA C 234 12.38 -31.31 -22.33
N GLU C 235 12.79 -32.06 -21.32
CA GLU C 235 12.27 -33.44 -21.16
C GLU C 235 10.83 -33.47 -20.64
N THR C 236 10.05 -34.47 -21.09
CA THR C 236 8.86 -34.89 -20.38
C THR C 236 8.66 -36.41 -20.62
N VAL C 237 8.83 -37.23 -19.57
CA VAL C 237 8.71 -38.68 -19.69
C VAL C 237 7.78 -39.17 -18.61
N TRP C 238 6.76 -39.94 -19.02
CA TRP C 238 5.86 -40.60 -18.09
C TRP C 238 6.33 -42.01 -17.80
N LEU C 239 6.49 -42.37 -16.54
CA LEU C 239 6.86 -43.72 -16.15
C LEU C 239 5.99 -44.20 -15.01
N VAL C 240 6.16 -45.46 -14.65
CA VAL C 240 5.32 -46.13 -13.69
C VAL C 240 6.21 -46.73 -12.60
N SER C 241 5.85 -46.38 -11.36
CA SER C 241 6.51 -46.82 -10.16
C SER C 241 5.97 -48.26 -9.85
N PRO C 242 6.81 -49.17 -9.30
CA PRO C 242 6.22 -50.53 -9.00
C PRO C 242 5.18 -50.53 -7.89
N VAL C 243 5.29 -49.58 -6.96
CA VAL C 243 4.28 -49.37 -5.92
C VAL C 243 4.00 -47.87 -5.88
N CYS C 244 2.87 -47.47 -5.27
CA CYS C 244 2.61 -46.04 -5.03
C CYS C 244 3.32 -45.67 -3.72
N GLY C 245 4.59 -45.38 -3.87
CA GLY C 245 5.51 -45.16 -2.76
C GLY C 245 6.02 -43.70 -2.77
N MET C 246 6.43 -43.23 -1.61
CA MET C 246 6.89 -41.84 -1.47
C MET C 246 8.29 -41.69 -2.08
N ILE C 247 8.41 -40.78 -3.06
CA ILE C 247 9.70 -40.48 -3.67
C ILE C 247 10.03 -39.01 -3.32
N HIS C 248 10.63 -38.83 -2.14
CA HIS C 248 10.85 -37.50 -1.60
C HIS C 248 11.96 -36.75 -2.29
N ASP C 249 13.03 -37.47 -2.64
CA ASP C 249 14.24 -36.86 -3.23
C ASP C 249 14.59 -37.75 -4.46
N PHE C 250 15.44 -37.22 -5.33
CA PHE C 250 15.98 -37.96 -6.46
C PHE C 250 17.40 -37.50 -6.75
N ALA C 251 18.00 -38.12 -7.75
CA ALA C 251 19.38 -37.81 -8.13
C ALA C 251 19.49 -37.70 -9.64
N VAL C 252 20.45 -36.88 -10.06
CA VAL C 252 20.66 -36.55 -11.45
C VAL C 252 22.17 -36.63 -11.70
N THR C 253 22.55 -37.37 -12.74
CA THR C 253 23.93 -37.45 -13.22
C THR C 253 23.95 -36.90 -14.64
N GLU C 254 25.13 -36.97 -15.28
CA GLU C 254 25.24 -36.46 -16.65
C GLU C 254 24.23 -37.11 -17.60
N ASN C 255 24.09 -38.43 -17.49
CA ASN C 255 23.26 -39.21 -18.42
C ASN C 255 22.06 -39.94 -17.81
N PHE C 256 21.87 -39.87 -16.49
CA PHE C 256 20.77 -40.58 -15.83
C PHE C 256 20.02 -39.72 -14.83
N VAL C 257 18.77 -40.09 -14.60
CA VAL C 257 18.02 -39.67 -13.42
C VAL C 257 17.61 -40.91 -12.62
N ILE C 258 17.58 -40.76 -11.30
CA ILE C 258 17.53 -41.86 -10.36
C ILE C 258 16.49 -41.57 -9.28
N PHE C 259 15.54 -42.50 -9.09
CA PHE C 259 14.39 -42.34 -8.20
C PHE C 259 14.40 -43.39 -7.05
N PRO C 260 14.89 -43.02 -5.86
CA PRO C 260 14.82 -43.90 -4.71
C PRO C 260 13.47 -43.79 -4.00
N ILE C 261 12.82 -44.93 -3.79
CA ILE C 261 11.45 -44.97 -3.24
C ILE C 261 11.48 -45.40 -1.79
N ILE C 262 10.92 -44.54 -0.94
CA ILE C 262 10.78 -44.83 0.47
C ILE C 262 9.63 -45.83 0.59
N PRO C 263 9.80 -46.89 1.41
CA PRO C 263 8.70 -47.89 1.58
C PRO C 263 7.46 -47.43 2.35
N LEU C 264 7.06 -46.16 2.19
CA LEU C 264 5.74 -45.67 2.59
C LEU C 264 4.86 -45.79 1.40
N VAL C 265 3.69 -46.41 1.59
CA VAL C 265 2.82 -46.74 0.48
C VAL C 265 1.41 -46.23 0.72
N CYS C 266 0.77 -45.76 -0.36
CA CYS C 266 -0.54 -45.18 -0.33
C CYS C 266 -1.62 -46.10 -0.93
N ASP C 267 -2.70 -46.25 -0.18
N ASP C 267 -2.69 -46.28 -0.17
CA ASP C 267 -3.93 -46.96 -0.59
CA ASP C 267 -3.91 -46.93 -0.59
C ASP C 267 -5.11 -45.97 -0.40
C ASP C 267 -5.10 -45.96 -0.40
N VAL C 268 -5.74 -45.59 -1.49
CA VAL C 268 -6.84 -44.61 -1.43
C VAL C 268 -8.06 -45.13 -0.65
N GLU C 269 -8.29 -46.46 -0.65
CA GLU C 269 -9.40 -47.01 0.14
C GLU C 269 -9.22 -46.81 1.63
N ARG C 270 -7.98 -46.97 2.10
CA ARG C 270 -7.69 -46.64 3.48
C ARG C 270 -7.97 -45.13 3.77
N MET C 271 -7.56 -44.26 2.85
CA MET C 271 -7.83 -42.80 2.98
C MET C 271 -9.32 -42.46 3.07
N LYS C 272 -10.13 -43.12 2.22
CA LYS C 272 -11.58 -42.89 2.22
C LYS C 272 -12.23 -43.27 3.55
N GLN C 273 -11.63 -44.16 4.31
CA GLN C 273 -12.08 -44.42 5.67
C GLN C 273 -11.51 -43.51 6.75
N GLY C 274 -10.74 -42.49 6.38
CA GLY C 274 -10.14 -41.58 7.38
C GLY C 274 -8.71 -41.95 7.75
N GLY C 275 -8.10 -42.92 7.05
CA GLY C 275 -6.77 -43.39 7.37
C GLY C 275 -5.66 -42.50 6.81
N ASP C 276 -4.42 -42.86 7.09
CA ASP C 276 -3.27 -42.10 6.63
C ASP C 276 -2.98 -42.33 5.17
N HIS C 277 -2.49 -41.26 4.51
CA HIS C 277 -2.02 -41.38 3.15
C HIS C 277 -0.88 -42.37 3.04
N TRP C 278 0.01 -42.37 4.03
CA TRP C 278 1.22 -43.18 3.99
C TRP C 278 1.18 -44.25 5.08
N GLN C 279 1.60 -45.45 4.70
CA GLN C 279 1.74 -46.57 5.63
C GLN C 279 2.96 -47.38 5.25
N TRP C 280 3.84 -47.65 6.22
CA TRP C 280 5.04 -48.43 5.93
C TRP C 280 4.71 -49.86 5.47
N ASP C 281 5.56 -50.38 4.58
CA ASP C 281 5.41 -51.72 4.03
C ASP C 281 6.77 -52.43 4.23
N TYR C 282 6.81 -53.31 5.23
CA TYR C 282 8.03 -54.07 5.56
C TYR C 282 8.36 -55.16 4.53
N SER C 283 7.47 -55.45 3.57
CA SER C 283 7.69 -56.52 2.62
C SER C 283 8.42 -56.15 1.36
N ILE C 284 8.74 -54.87 1.14
CA ILE C 284 9.26 -54.47 -0.19
C ILE C 284 10.70 -54.02 -0.06
N PRO C 285 11.44 -54.09 -1.15
CA PRO C 285 12.76 -53.50 -1.13
C PRO C 285 12.69 -51.94 -1.12
N MET C 286 13.86 -51.31 -0.94
CA MET C 286 13.97 -49.90 -1.30
C MET C 286 14.25 -49.86 -2.81
N TYR C 287 13.21 -49.61 -3.60
CA TYR C 287 13.38 -49.49 -5.03
C TYR C 287 14.24 -48.28 -5.40
N ILE C 288 15.10 -48.45 -6.42
CA ILE C 288 15.89 -47.33 -7.00
C ILE C 288 15.75 -47.44 -8.49
N GLY C 289 14.94 -46.56 -9.07
CA GLY C 289 14.74 -46.52 -10.52
C GLY C 289 15.85 -45.73 -11.20
N VAL C 290 16.29 -46.21 -12.36
CA VAL C 290 17.27 -45.48 -13.18
C VAL C 290 16.68 -45.33 -14.56
N LEU C 291 16.67 -44.10 -15.06
CA LEU C 291 16.14 -43.75 -16.37
C LEU C 291 17.18 -42.93 -17.12
N PRO C 292 17.34 -43.15 -18.43
CA PRO C 292 18.22 -42.23 -19.15
C PRO C 292 17.68 -40.80 -19.10
N ARG C 293 18.61 -39.86 -18.94
CA ARG C 293 18.29 -38.46 -18.72
C ARG C 293 17.65 -37.78 -19.90
N ARG C 294 18.06 -38.16 -21.11
CA ARG C 294 17.58 -37.49 -22.33
C ARG C 294 17.00 -38.48 -23.32
N GLY C 295 15.85 -38.16 -23.89
CA GLY C 295 15.30 -38.93 -24.99
C GLY C 295 14.63 -40.26 -24.63
N ALA C 296 14.42 -40.57 -23.36
CA ALA C 296 13.91 -41.91 -22.97
C ALA C 296 12.41 -42.03 -23.14
N GLN C 297 11.93 -43.28 -23.17
CA GLN C 297 10.52 -43.59 -22.91
C GLN C 297 10.41 -44.17 -21.52
N GLY C 298 9.19 -44.23 -21.03
CA GLY C 298 8.88 -44.73 -19.73
C GLY C 298 9.29 -46.16 -19.48
N SER C 299 9.20 -46.99 -20.51
CA SER C 299 9.66 -48.39 -20.42
C SER C 299 11.16 -48.54 -20.33
N ASP C 300 11.94 -47.47 -20.52
CA ASP C 300 13.40 -47.57 -20.32
C ASP C 300 13.85 -47.58 -18.85
N VAL C 301 12.94 -47.27 -17.93
CA VAL C 301 13.31 -47.28 -16.52
C VAL C 301 13.63 -48.70 -16.07
N LYS C 302 14.70 -48.87 -15.29
CA LYS C 302 15.00 -50.11 -14.60
C LYS C 302 14.82 -49.88 -13.09
N TRP C 303 13.96 -50.70 -12.48
CA TRP C 303 13.76 -50.69 -11.03
C TRP C 303 14.68 -51.66 -10.28
N PHE C 304 15.86 -51.15 -9.92
CA PHE C 304 16.77 -51.87 -9.02
C PHE C 304 16.17 -51.96 -7.63
N GLU C 305 16.66 -52.93 -6.86
CA GLU C 305 16.08 -53.29 -5.58
C GLU C 305 17.14 -53.30 -4.53
N ALA C 306 17.24 -52.21 -3.77
CA ALA C 306 18.18 -52.14 -2.69
C ALA C 306 17.57 -52.84 -1.51
N PRO C 307 18.40 -53.28 -0.55
CA PRO C 307 17.84 -53.86 0.67
C PRO C 307 16.88 -52.89 1.36
N HIS C 308 15.85 -53.46 1.94
CA HIS C 308 14.82 -52.72 2.61
C HIS C 308 15.38 -51.67 3.54
N GLY C 309 14.86 -50.46 3.40
CA GLY C 309 15.33 -49.34 4.23
C GLY C 309 14.69 -48.05 3.79
N PHE C 310 15.10 -46.97 4.46
CA PHE C 310 14.54 -45.63 4.25
C PHE C 310 15.45 -44.84 3.33
N ALA C 311 14.88 -44.36 2.22
CA ALA C 311 15.61 -43.49 1.29
C ALA C 311 15.62 -42.05 1.81
N GLY C 312 16.72 -41.67 2.44
CA GLY C 312 16.90 -40.30 2.95
C GLY C 312 17.45 -39.38 1.88
N HIS C 313 17.85 -38.17 2.27
CA HIS C 313 18.26 -37.19 1.29
C HIS C 313 19.49 -37.56 0.49
N VAL C 314 19.45 -37.19 -0.77
CA VAL C 314 20.56 -37.39 -1.67
C VAL C 314 21.59 -36.25 -1.50
N ALA C 315 22.84 -36.59 -1.28
CA ALA C 315 23.91 -35.61 -1.24
C ALA C 315 24.16 -35.17 -2.67
N ASN C 316 24.45 -36.16 -3.50
CA ASN C 316 24.74 -35.97 -4.93
C ASN C 316 24.96 -37.34 -5.57
N ALA C 317 24.80 -37.41 -6.87
CA ALA C 317 25.17 -38.59 -7.62
C ALA C 317 25.99 -38.20 -8.82
N PHE C 318 26.87 -39.11 -9.25
CA PHE C 318 27.68 -38.90 -10.43
C PHE C 318 28.05 -40.17 -11.11
N GLU C 319 28.42 -40.08 -12.38
CA GLU C 319 29.01 -41.21 -13.12
C GLU C 319 30.52 -41.27 -12.98
N ASP C 320 31.06 -42.43 -12.60
CA ASP C 320 32.52 -42.66 -12.57
C ASP C 320 33.05 -42.98 -13.97
N ASP C 321 34.36 -43.24 -14.09
CA ASP C 321 34.98 -43.54 -15.42
C ASP C 321 34.46 -44.81 -16.14
N LYS C 322 33.89 -45.76 -15.40
CA LYS C 322 33.18 -46.90 -16.03
C LYS C 322 31.75 -46.62 -16.44
N GLY C 323 31.24 -45.41 -16.21
CA GLY C 323 29.84 -45.10 -16.52
C GLY C 323 28.85 -45.61 -15.48
N HIS C 324 29.36 -46.08 -14.34
CA HIS C 324 28.52 -46.50 -13.21
C HIS C 324 28.12 -45.31 -12.34
N ILE C 325 26.91 -45.38 -11.80
CA ILE C 325 26.35 -44.29 -10.99
C ILE C 325 26.79 -44.53 -9.56
N GLN C 326 27.45 -43.53 -8.97
CA GLN C 326 27.74 -43.50 -7.55
C GLN C 326 26.66 -42.60 -6.93
N LEU C 327 25.74 -43.21 -6.18
CA LEU C 327 24.63 -42.51 -5.54
C LEU C 327 24.92 -42.39 -4.06
N GLN C 328 25.13 -41.16 -3.61
CA GLN C 328 25.51 -40.91 -2.20
C GLN C 328 24.35 -40.25 -1.47
N MET C 329 23.88 -40.87 -0.41
CA MET C 329 22.60 -40.52 0.22
C MET C 329 22.53 -41.03 1.65
N ALA C 330 21.71 -40.36 2.44
CA ALA C 330 21.39 -40.83 3.77
C ALA C 330 20.50 -42.06 3.61
N TYR C 331 20.74 -43.08 4.44
CA TYR C 331 20.04 -44.36 4.31
C TYR C 331 19.91 -45.00 5.67
N ALA C 332 18.68 -45.37 6.03
CA ALA C 332 18.42 -46.02 7.31
C ALA C 332 17.83 -47.40 7.05
N LYS C 333 17.88 -48.24 8.08
CA LYS C 333 17.38 -49.61 8.04
C LYS C 333 15.97 -49.78 8.56
N ASP C 334 15.34 -48.70 8.99
CA ASP C 334 13.94 -48.74 9.42
C ASP C 334 13.27 -47.39 9.11
N ASN C 335 12.01 -47.27 9.49
CA ASN C 335 11.13 -46.16 9.14
C ASN C 335 11.44 -44.91 10.00
N VAL C 336 12.13 -43.96 9.37
CA VAL C 336 12.42 -42.66 9.97
C VAL C 336 11.14 -41.91 10.31
N PHE C 337 10.11 -42.06 9.47
CA PHE C 337 8.83 -41.39 9.71
C PHE C 337 7.91 -42.34 10.53
N PHE C 338 8.33 -42.53 11.77
CA PHE C 338 7.73 -43.54 12.70
C PHE C 338 6.26 -43.29 13.08
N TRP C 339 5.78 -42.06 12.90
CA TRP C 339 4.37 -41.72 13.09
C TRP C 339 3.49 -42.27 11.96
N TRP C 340 4.07 -42.79 10.89
CA TRP C 340 3.31 -43.53 9.88
C TRP C 340 3.82 -44.97 9.83
N PRO C 341 3.37 -45.79 10.80
CA PRO C 341 3.89 -47.15 10.92
C PRO C 341 3.24 -48.09 9.90
N ASP C 342 3.47 -49.41 10.04
CA ASP C 342 2.87 -50.35 9.10
C ASP C 342 1.39 -50.58 9.43
N ALA C 343 0.74 -51.48 8.71
CA ALA C 343 -0.68 -51.76 8.92
C ALA C 343 -1.05 -52.20 10.33
N ASN C 344 -0.10 -52.82 11.05
CA ASN C 344 -0.36 -53.26 12.41
C ASN C 344 0.17 -52.29 13.47
N GLY C 345 0.49 -51.05 13.06
CA GLY C 345 1.03 -50.10 14.00
C GLY C 345 2.48 -50.38 14.36
N LYS C 346 3.17 -51.23 13.60
CA LYS C 346 4.55 -51.58 13.95
C LYS C 346 5.55 -50.58 13.35
N GLY C 347 6.52 -50.20 14.17
CA GLY C 347 7.60 -49.37 13.78
C GLY C 347 8.38 -48.90 14.98
N PRO C 348 9.44 -48.09 14.71
CA PRO C 348 10.32 -47.65 15.77
C PRO C 348 9.76 -46.54 16.62
N ARG C 349 10.51 -46.19 17.64
CA ARG C 349 10.15 -45.11 18.55
C ARG C 349 10.98 -43.86 18.16
N PRO C 350 10.57 -42.69 18.66
CA PRO C 350 11.35 -41.47 18.38
C PRO C 350 12.81 -41.65 18.83
N GLY C 351 13.76 -41.21 18.02
CA GLY C 351 15.17 -41.25 18.40
C GLY C 351 15.90 -42.55 18.23
N GLU C 352 15.22 -43.60 17.83
CA GLU C 352 15.79 -44.93 17.72
C GLU C 352 16.51 -45.17 16.38
N VAL C 353 15.97 -44.67 15.29
CA VAL C 353 16.51 -44.99 13.98
C VAL C 353 17.61 -44.03 13.60
N GLU C 354 18.77 -44.57 13.24
CA GLU C 354 19.86 -43.76 12.71
C GLU C 354 19.91 -43.91 11.20
N ALA C 355 20.26 -42.82 10.51
CA ALA C 355 20.57 -42.88 9.09
C ALA C 355 22.04 -42.65 8.89
N HIS C 356 22.59 -43.29 7.88
CA HIS C 356 24.01 -43.26 7.62
C HIS C 356 24.29 -42.89 6.18
N PHE C 357 25.50 -42.36 5.98
CA PHE C 357 25.90 -41.83 4.71
C PHE C 357 26.37 -42.94 3.78
N ALA C 358 25.50 -43.33 2.87
CA ALA C 358 25.66 -44.52 2.05
C ALA C 358 26.08 -44.19 0.65
N ASN C 359 26.85 -45.10 0.05
CA ASN C 359 27.18 -45.07 -1.36
C ASN C 359 26.60 -46.32 -2.02
N PHE C 360 25.66 -46.14 -2.95
CA PHE C 360 25.11 -47.23 -3.76
C PHE C 360 25.72 -47.15 -5.14
N VAL C 361 26.13 -48.29 -5.71
CA VAL C 361 26.69 -48.34 -7.06
C VAL C 361 25.63 -48.92 -7.98
N LEU C 362 25.29 -48.22 -9.06
CA LEU C 362 24.30 -48.74 -10.00
C LEU C 362 24.89 -48.74 -11.40
N ASP C 363 24.53 -49.75 -12.17
CA ASP C 363 24.95 -49.91 -13.53
C ASP C 363 23.70 -50.07 -14.35
N TYR C 364 23.35 -49.06 -15.13
CA TYR C 364 22.15 -49.11 -15.93
C TYR C 364 22.12 -50.32 -16.91
N GLN C 365 23.29 -50.74 -17.36
CA GLN C 365 23.44 -51.89 -18.27
C GLN C 365 23.10 -53.23 -17.60
N SER C 366 23.27 -53.36 -16.29
CA SER C 366 23.07 -54.62 -15.58
C SER C 366 21.61 -55.03 -15.60
N ASP C 367 21.38 -56.34 -15.71
CA ASP C 367 20.06 -56.90 -15.61
C ASP C 367 19.83 -57.53 -14.27
N LYS C 368 20.82 -57.50 -13.40
CA LYS C 368 20.64 -57.93 -12.05
C LYS C 368 19.90 -56.82 -11.21
N LEU C 369 18.66 -57.07 -10.79
CA LEU C 369 17.89 -56.05 -10.07
C LEU C 369 18.29 -55.87 -8.60
N PRO C 370 18.48 -56.97 -7.84
CA PRO C 370 18.94 -56.81 -6.47
C PRO C 370 20.30 -56.13 -6.36
N LEU C 371 20.45 -55.21 -5.39
CA LEU C 371 21.69 -54.49 -5.16
C LEU C 371 22.26 -54.91 -3.83
N ALA C 372 23.58 -54.86 -3.71
CA ALA C 372 24.23 -55.17 -2.44
C ALA C 372 23.95 -54.06 -1.42
N GLU C 373 24.18 -54.38 -0.16
CA GLU C 373 24.25 -53.41 0.90
C GLU C 373 25.21 -52.31 0.44
N PRO C 374 24.88 -51.04 0.71
CA PRO C 374 25.83 -49.99 0.30
C PRO C 374 27.05 -49.99 1.18
N THR C 375 28.11 -49.29 0.77
CA THR C 375 29.19 -48.92 1.69
C THR C 375 28.83 -47.61 2.37
N TYR C 376 29.49 -47.35 3.49
CA TYR C 376 29.22 -46.17 4.31
C TYR C 376 30.44 -45.25 4.39
N LEU C 377 30.24 -43.96 4.19
CA LEU C 377 31.35 -43.01 4.10
C LEU C 377 31.81 -42.55 5.46
N VAL C 378 30.94 -42.54 6.46
CA VAL C 378 31.30 -42.15 7.81
C VAL C 378 30.41 -42.95 8.73
N ASP C 379 30.72 -42.91 10.03
CA ASP C 379 29.94 -43.58 11.06
C ASP C 379 28.75 -42.82 11.62
N ASP C 380 28.78 -41.48 11.53
CA ASP C 380 27.80 -40.63 12.21
C ASP C 380 26.37 -40.92 11.81
N ASP C 381 25.46 -40.80 12.78
CA ASP C 381 24.04 -40.67 12.49
C ASP C 381 23.86 -39.26 11.85
N MET C 382 23.43 -39.23 10.60
CA MET C 382 23.43 -38.02 9.82
C MET C 382 22.19 -37.85 8.94
N GLU C 383 22.08 -36.65 8.35
CA GLU C 383 21.05 -36.31 7.34
C GLU C 383 21.32 -34.90 6.80
N PHE C 384 20.45 -34.46 5.90
N PHE C 384 20.45 -34.47 5.89
CA PHE C 384 20.46 -33.11 5.32
CA PHE C 384 20.46 -33.11 5.31
C PHE C 384 21.85 -32.75 4.74
C PHE C 384 21.84 -32.74 4.73
N PRO C 385 22.37 -33.60 3.84
CA PRO C 385 23.64 -33.35 3.23
C PRO C 385 23.58 -32.27 2.14
N ARG C 386 24.60 -31.42 2.12
CA ARG C 386 24.78 -30.40 1.10
C ARG C 386 26.16 -30.57 0.48
N ILE C 387 26.21 -30.29 -0.81
CA ILE C 387 27.50 -30.21 -1.49
C ILE C 387 27.71 -28.80 -2.02
N ASP C 388 28.87 -28.58 -2.60
CA ASP C 388 29.13 -27.38 -3.41
C ASP C 388 28.38 -27.60 -4.72
N ASP C 389 27.28 -26.87 -4.91
CA ASP C 389 26.40 -27.12 -6.02
C ASP C 389 26.99 -26.74 -7.39
N ARG C 390 28.18 -26.15 -7.38
CA ARG C 390 28.94 -25.96 -8.61
C ARG C 390 29.42 -27.27 -9.27
N VAL C 391 29.43 -28.38 -8.51
CA VAL C 391 29.70 -29.70 -9.10
C VAL C 391 28.51 -30.65 -9.04
N ALA C 392 27.32 -30.15 -8.81
CA ALA C 392 26.10 -30.98 -8.79
C ALA C 392 25.98 -31.78 -10.08
N THR C 393 25.68 -33.08 -9.93
CA THR C 393 25.56 -34.03 -11.05
C THR C 393 26.90 -34.56 -11.59
N ARG C 394 28.02 -34.07 -11.05
CA ARG C 394 29.36 -34.48 -11.40
C ARG C 394 30.02 -34.90 -10.11
N LYS C 395 31.26 -35.37 -10.21
CA LYS C 395 31.95 -35.86 -9.03
C LYS C 395 32.14 -34.74 -8.02
N HIS C 396 31.82 -34.99 -6.77
CA HIS C 396 31.99 -34.02 -5.71
C HIS C 396 32.96 -34.65 -4.72
N LYS C 397 33.70 -33.82 -4.00
CA LYS C 397 34.60 -34.33 -2.96
C LYS C 397 34.45 -33.67 -1.59
N HIS C 398 33.41 -32.87 -1.42
CA HIS C 398 33.06 -32.31 -0.14
C HIS C 398 31.56 -32.46 0.10
N THR C 399 31.22 -32.87 1.31
CA THR C 399 29.86 -32.89 1.81
C THR C 399 29.79 -32.29 3.19
N PHE C 400 28.76 -31.47 3.39
CA PHE C 400 28.43 -30.88 4.68
C PHE C 400 27.08 -31.47 5.12
N PHE C 401 26.97 -31.92 6.36
CA PHE C 401 25.73 -32.55 6.77
C PHE C 401 25.46 -32.40 8.24
N CYS C 402 24.20 -32.60 8.60
CA CYS C 402 23.78 -32.62 10.00
C CYS C 402 24.20 -33.95 10.63
N ILE C 403 24.53 -33.90 11.91
CA ILE C 403 24.84 -35.11 12.69
C ILE C 403 24.07 -35.05 13.98
N PHE C 404 23.82 -36.24 14.54
CA PHE C 404 23.28 -36.39 15.87
C PHE C 404 24.19 -37.36 16.65
N ASP C 405 24.97 -36.78 17.55
CA ASP C 405 25.97 -37.49 18.33
C ASP C 405 25.36 -37.82 19.71
N ARG C 406 25.20 -39.13 19.94
CA ARG C 406 24.61 -39.65 21.16
C ARG C 406 25.59 -39.81 22.32
N LYS C 407 26.88 -39.52 22.10
CA LYS C 407 27.87 -39.59 23.16
C LYS C 407 27.40 -38.81 24.40
N PRO C 408 27.48 -39.41 25.60
CA PRO C 408 26.93 -38.73 26.77
C PRO C 408 27.47 -37.31 26.95
N GLY C 409 26.53 -36.38 27.15
CA GLY C 409 26.87 -34.99 27.41
C GLY C 409 26.94 -34.05 26.22
N VAL C 410 27.03 -34.56 25.00
CA VAL C 410 27.08 -33.67 23.82
C VAL C 410 25.79 -32.85 23.69
N THR C 411 24.64 -33.50 23.88
CA THR C 411 23.38 -32.79 24.18
C THR C 411 22.96 -33.05 25.64
N ASP C 412 22.67 -31.97 26.34
CA ASP C 412 22.07 -32.03 27.66
C ASP C 412 20.58 -32.35 27.53
N PHE C 413 20.26 -33.63 27.37
CA PHE C 413 18.88 -34.07 27.13
C PHE C 413 17.93 -33.72 28.27
N GLU C 414 18.42 -33.79 29.49
CA GLU C 414 17.61 -33.45 30.65
C GLU C 414 17.09 -32.00 30.60
N PHE C 415 17.90 -31.07 30.12
CA PHE C 415 17.49 -29.67 29.95
C PHE C 415 16.66 -29.48 28.67
N VAL C 416 17.13 -30.06 27.56
CA VAL C 416 16.54 -29.82 26.23
C VAL C 416 15.18 -30.48 26.03
N MET C 417 15.08 -31.78 26.30
CA MET C 417 13.86 -32.54 25.96
C MET C 417 12.56 -31.99 26.56
N PRO C 418 12.54 -31.59 27.82
CA PRO C 418 11.28 -30.98 28.30
C PRO C 418 10.92 -29.63 27.62
N ARG C 419 11.85 -28.99 26.93
CA ARG C 419 11.57 -27.72 26.25
C ARG C 419 11.41 -27.89 24.76
N ALA C 420 11.56 -29.11 24.25
CA ALA C 420 11.78 -29.28 22.81
C ALA C 420 10.49 -29.47 21.99
N GLY C 421 9.45 -30.01 22.62
CA GLY C 421 8.27 -30.50 21.91
C GLY C 421 8.64 -31.71 21.06
N GLY C 422 7.74 -32.14 20.23
CA GLY C 422 7.96 -33.32 19.39
C GLY C 422 7.63 -33.03 17.93
N GLY C 423 7.96 -33.98 17.08
CA GLY C 423 7.48 -34.01 15.72
C GLY C 423 8.57 -33.81 14.67
N ALA C 424 9.75 -33.36 15.09
CA ALA C 424 10.82 -32.96 14.17
C ALA C 424 12.14 -33.67 14.50
N PRO C 425 13.00 -33.86 13.52
CA PRO C 425 14.27 -34.55 13.77
C PRO C 425 15.25 -33.70 14.54
N MET C 426 16.16 -34.34 15.26
CA MET C 426 17.16 -33.62 16.05
C MET C 426 18.55 -33.80 15.46
N SER C 427 19.26 -32.66 15.39
CA SER C 427 20.63 -32.62 14.92
C SER C 427 21.41 -31.74 15.92
N ASN C 428 22.54 -32.23 16.44
CA ASN C 428 23.32 -31.47 17.43
C ASN C 428 24.68 -31.03 16.91
N GLY C 429 24.89 -31.15 15.61
CA GLY C 429 26.08 -30.63 14.99
C GLY C 429 26.00 -30.65 13.48
N LEU C 430 27.04 -30.10 12.86
CA LEU C 430 27.31 -30.28 11.45
C LEU C 430 28.67 -30.97 11.31
N ALA C 431 28.84 -31.64 10.18
CA ALA C 431 30.12 -32.24 9.85
C ALA C 431 30.48 -31.88 8.43
N HIS C 432 31.80 -31.75 8.21
CA HIS C 432 32.34 -31.59 6.88
C HIS C 432 33.24 -32.78 6.57
N LEU C 433 32.89 -33.56 5.55
CA LEU C 433 33.72 -34.65 5.05
C LEU C 433 34.45 -34.20 3.82
N ASN C 434 35.78 -34.31 3.86
CA ASN C 434 36.61 -34.27 2.65
C ASN C 434 36.72 -35.70 2.13
N HIS C 435 36.18 -35.96 0.95
CA HIS C 435 36.11 -37.32 0.41
C HIS C 435 37.44 -37.86 -0.08
N GLU C 436 38.35 -36.99 -0.53
CA GLU C 436 39.69 -37.41 -0.95
C GLU C 436 40.50 -37.85 0.24
N THR C 437 40.64 -37.00 1.25
CA THR C 437 41.50 -37.29 2.39
C THR C 437 40.82 -38.12 3.48
N GLY C 438 39.49 -38.15 3.51
CA GLY C 438 38.76 -38.74 4.63
C GLY C 438 38.71 -37.91 5.90
N ASP C 439 39.32 -36.73 5.93
CA ASP C 439 39.24 -35.86 7.14
C ASP C 439 37.81 -35.35 7.37
N ILE C 440 37.39 -35.31 8.63
CA ILE C 440 36.07 -34.84 9.01
C ILE C 440 36.26 -33.77 10.06
N GLN C 441 35.66 -32.60 9.89
CA GLN C 441 35.55 -31.66 10.99
C GLN C 441 34.13 -31.60 11.48
N ARG C 442 33.96 -31.36 12.78
CA ARG C 442 32.64 -31.29 13.38
C ARG C 442 32.40 -30.00 14.10
N TYR C 443 31.28 -29.36 13.79
CA TYR C 443 30.82 -28.14 14.49
C TYR C 443 29.76 -28.57 15.50
N LEU C 444 29.99 -28.29 16.78
CA LEU C 444 29.06 -28.61 17.86
C LEU C 444 28.68 -27.26 18.49
N PRO C 445 27.44 -26.77 18.21
CA PRO C 445 27.11 -25.47 18.74
C PRO C 445 27.03 -25.43 20.26
N GLY C 446 26.77 -26.56 20.91
CA GLY C 446 26.77 -26.59 22.37
C GLY C 446 25.74 -27.58 22.91
N PRO C 447 25.82 -27.87 24.20
CA PRO C 447 24.95 -28.88 24.80
C PRO C 447 23.47 -28.52 24.83
N ARG C 448 23.14 -27.24 24.77
CA ARG C 448 21.74 -26.81 24.80
C ARG C 448 21.31 -26.13 23.50
N LYS C 449 21.97 -26.48 22.41
CA LYS C 449 21.61 -26.01 21.08
C LYS C 449 21.48 -27.16 20.12
N LEU C 450 20.56 -27.04 19.16
CA LEU C 450 20.41 -27.99 18.06
C LEU C 450 20.42 -27.20 16.74
N THR C 451 20.64 -27.88 15.62
CA THR C 451 20.81 -27.22 14.33
C THR C 451 19.72 -27.63 13.34
N GLY C 452 19.55 -26.78 12.33
CA GLY C 452 18.85 -27.12 11.08
C GLY C 452 19.77 -27.54 9.98
N GLU C 453 19.22 -27.56 8.76
CA GLU C 453 19.99 -27.84 7.56
C GLU C 453 20.85 -26.61 7.23
N CYS C 454 22.09 -26.86 6.83
CA CYS C 454 23.04 -25.81 6.54
C CYS C 454 22.95 -25.42 5.08
N ILE C 455 23.56 -24.29 4.78
CA ILE C 455 23.88 -23.87 3.40
C ILE C 455 25.37 -23.66 3.26
N PHE C 456 25.84 -23.87 2.05
CA PHE C 456 27.21 -23.58 1.66
C PHE C 456 27.26 -22.42 0.70
N ILE C 457 28.23 -21.53 0.90
CA ILE C 457 28.42 -20.31 0.11
C ILE C 457 29.89 -20.28 -0.39
N PRO C 458 30.10 -20.35 -1.72
CA PRO C 458 31.47 -20.18 -2.23
C PRO C 458 32.11 -18.87 -1.76
N ARG C 459 33.37 -18.92 -1.38
CA ARG C 459 34.09 -17.73 -0.90
C ARG C 459 33.99 -16.55 -1.88
N ASN C 460 34.06 -16.86 -3.17
CA ASN C 460 33.99 -15.89 -4.28
C ASN C 460 33.90 -16.76 -5.51
N SER C 461 33.80 -16.16 -6.70
CA SER C 461 33.63 -16.99 -7.89
C SER C 461 34.92 -17.75 -8.32
N GLU C 462 36.08 -17.46 -7.74
CA GLU C 462 37.32 -18.24 -8.01
C GLU C 462 37.55 -19.36 -6.99
N ALA C 463 36.74 -19.44 -5.96
CA ALA C 463 37.03 -20.36 -4.87
C ALA C 463 37.03 -21.81 -5.34
N ALA C 464 37.90 -22.59 -4.74
CA ALA C 464 37.95 -24.03 -4.97
C ALA C 464 36.71 -24.69 -4.38
N GLU C 465 36.46 -25.92 -4.83
CA GLU C 465 35.32 -26.67 -4.37
C GLU C 465 35.27 -26.72 -2.86
N GLY C 466 34.14 -26.34 -2.30
CA GLY C 466 33.93 -26.48 -0.87
C GLY C 466 34.67 -25.48 -0.02
N ASP C 467 35.21 -24.44 -0.64
CA ASP C 467 35.91 -23.38 0.11
C ASP C 467 35.02 -22.14 0.20
N GLY C 468 34.71 -21.74 1.43
CA GLY C 468 33.88 -20.58 1.67
C GLY C 468 33.23 -20.57 3.04
N TYR C 469 31.94 -20.33 3.08
CA TYR C 469 31.21 -20.19 4.33
C TYR C 469 30.05 -21.18 4.42
N VAL C 470 29.74 -21.57 5.64
CA VAL C 470 28.58 -22.36 5.95
C VAL C 470 27.73 -21.57 6.92
N MET C 471 26.42 -21.53 6.69
CA MET C 471 25.48 -20.94 7.65
C MET C 471 24.47 -21.99 8.12
N VAL C 472 24.03 -21.86 9.36
CA VAL C 472 23.09 -22.82 9.92
C VAL C 472 22.31 -22.14 11.02
N LEU C 473 21.00 -22.38 11.03
CA LEU C 473 20.15 -21.88 12.08
C LEU C 473 20.23 -22.80 13.29
N LEU C 474 20.32 -22.18 14.47
CA LEU C 474 20.40 -22.89 15.71
C LEU C 474 19.15 -22.61 16.53
N ALA C 475 18.67 -23.65 17.20
CA ALA C 475 17.68 -23.51 18.27
C ALA C 475 18.46 -23.46 19.60
N ASN C 476 18.36 -22.35 20.33
CA ASN C 476 19.02 -22.21 21.63
C ASN C 476 17.97 -22.44 22.72
N TYR C 477 18.03 -23.60 23.37
CA TYR C 477 17.01 -23.98 24.34
C TYR C 477 17.17 -23.22 25.66
N GLU C 478 18.36 -22.65 25.92
CA GLU C 478 18.53 -21.79 27.11
C GLU C 478 17.76 -20.51 27.04
N ASP C 479 17.89 -19.81 25.91
CA ASP C 479 17.19 -18.54 25.65
C ASP C 479 15.80 -18.76 25.09
N MET C 480 15.51 -19.96 24.58
CA MET C 480 14.35 -20.21 23.73
C MET C 480 14.28 -19.18 22.59
N CYS C 481 15.42 -18.97 21.96
CA CYS C 481 15.57 -18.07 20.82
C CYS C 481 16.29 -18.84 19.73
N SER C 482 16.20 -18.34 18.51
CA SER C 482 16.95 -18.86 17.41
C SER C 482 18.20 -17.98 17.17
N GLU C 483 19.21 -18.60 16.57
CA GLU C 483 20.46 -17.93 16.20
C GLU C 483 20.87 -18.41 14.84
N LEU C 484 21.60 -17.58 14.13
CA LEU C 484 22.12 -17.94 12.81
C LEU C 484 23.66 -17.90 12.86
N ALA C 485 24.28 -19.06 12.71
CA ALA C 485 25.74 -19.21 12.84
C ALA C 485 26.39 -19.13 11.48
N VAL C 486 27.52 -18.42 11.43
CA VAL C 486 28.31 -18.30 10.21
C VAL C 486 29.70 -18.87 10.49
N LEU C 487 30.09 -19.84 9.66
CA LEU C 487 31.31 -20.62 9.80
C LEU C 487 32.13 -20.44 8.54
N ASP C 488 33.45 -20.48 8.70
CA ASP C 488 34.39 -20.55 7.58
C ASP C 488 34.79 -21.99 7.40
N THR C 489 34.78 -22.49 6.16
CA THR C 489 35.09 -23.92 5.93
C THR C 489 36.52 -24.29 6.26
N LYS C 490 37.41 -23.29 6.35
CA LYS C 490 38.76 -23.51 6.86
C LYS C 490 38.80 -24.04 8.27
N ASP C 491 37.80 -23.74 9.08
CA ASP C 491 37.71 -24.26 10.42
C ASP C 491 36.27 -24.28 10.86
N LEU C 492 35.61 -25.39 10.56
CA LEU C 492 34.20 -25.53 10.85
C LEU C 492 33.84 -25.43 12.31
N THR C 493 34.81 -25.62 13.22
CA THR C 493 34.52 -25.64 14.66
C THR C 493 34.29 -24.22 15.23
N ASN C 494 34.66 -23.16 14.48
CA ASN C 494 34.61 -21.81 15.01
C ASN C 494 33.53 -20.94 14.32
N GLU C 495 32.70 -20.32 15.15
CA GLU C 495 31.72 -19.37 14.66
C GLU C 495 32.45 -18.07 14.42
N VAL C 496 32.43 -17.62 13.17
CA VAL C 496 32.98 -16.32 12.82
C VAL C 496 32.00 -15.24 13.23
N ALA C 497 30.71 -15.53 13.10
CA ALA C 497 29.67 -14.65 13.63
C ALA C 497 28.53 -15.52 14.17
N LEU C 498 27.82 -14.99 15.17
CA LEU C 498 26.64 -15.61 15.69
C LEU C 498 25.58 -14.51 15.73
N ILE C 499 24.57 -14.66 14.86
CA ILE C 499 23.52 -13.68 14.73
C ILE C 499 22.40 -14.09 15.67
N LYS C 500 22.01 -13.18 16.56
CA LYS C 500 21.19 -13.51 17.72
C LYS C 500 19.79 -13.00 17.50
N LEU C 501 18.86 -13.90 17.15
CA LEU C 501 17.46 -13.49 16.94
C LEU C 501 16.73 -13.43 18.30
N PRO C 502 15.87 -12.44 18.48
CA PRO C 502 15.09 -12.30 19.73
C PRO C 502 13.74 -13.06 19.74
N VAL C 503 13.47 -13.83 18.69
CA VAL C 503 12.28 -14.65 18.53
C VAL C 503 12.71 -16.08 18.21
N ARG C 504 11.75 -17.03 18.26
CA ARG C 504 11.99 -18.40 17.77
C ARG C 504 11.54 -18.49 16.34
N LEU C 505 12.40 -19.11 15.54
CA LEU C 505 12.04 -19.70 14.28
C LEU C 505 11.94 -21.19 14.57
N ARG C 506 10.70 -21.67 14.48
CA ARG C 506 10.38 -23.09 14.65
C ARG C 506 11.25 -23.95 13.75
N PRO C 507 11.63 -25.17 14.18
CA PRO C 507 12.38 -26.08 13.30
C PRO C 507 11.75 -26.18 11.92
N GLY C 508 12.60 -26.07 10.92
CA GLY C 508 12.19 -25.99 9.52
C GLY C 508 12.63 -27.12 8.64
N LEU C 509 12.37 -26.98 7.36
CA LEU C 509 12.79 -27.95 6.37
C LEU C 509 13.93 -27.31 5.59
N HIS C 510 13.82 -27.16 4.29
CA HIS C 510 14.99 -26.87 3.46
C HIS C 510 15.20 -25.39 3.26
N GLY C 511 16.39 -25.05 2.80
CA GLY C 511 16.78 -23.66 2.55
C GLY C 511 17.90 -23.60 1.54
N ASN C 512 18.11 -22.40 1.01
CA ASN C 512 19.05 -22.18 -0.07
C ASN C 512 19.65 -20.77 -0.01
N TRP C 513 20.86 -20.67 -0.55
CA TRP C 513 21.60 -19.41 -0.69
C TRP C 513 21.44 -18.95 -2.12
N VAL C 514 21.11 -17.66 -2.25
CA VAL C 514 21.08 -16.99 -3.54
C VAL C 514 22.11 -15.85 -3.47
N ASP C 515 23.23 -16.06 -4.14
CA ASP C 515 24.34 -15.11 -4.10
C ASP C 515 24.05 -13.90 -4.99
N LYS C 516 24.33 -12.71 -4.49
CA LYS C 516 24.13 -11.50 -5.27
C LYS C 516 24.94 -11.45 -6.56
N SER C 517 26.10 -12.10 -6.59
CA SER C 517 26.97 -12.07 -7.79
C SER C 517 26.52 -13.08 -8.86
N ASP C 518 25.51 -13.91 -8.60
CA ASP C 518 25.00 -14.86 -9.62
C ASP C 518 23.75 -14.28 -10.21
N VAL C 519 23.80 -13.85 -11.47
CA VAL C 519 22.68 -13.15 -12.08
C VAL C 519 21.41 -14.00 -12.09
N ASP C 520 21.53 -15.31 -12.37
CA ASP C 520 20.38 -16.21 -12.38
C ASP C 520 20.12 -16.93 -11.03
N GLY C 521 20.82 -16.50 -9.98
CA GLY C 521 20.63 -16.99 -8.64
C GLY C 521 21.39 -18.24 -8.27
N HIS C 522 22.07 -18.86 -9.25
CA HIS C 522 22.78 -20.10 -9.10
C HIS C 522 24.26 -19.97 -9.44
N PRO C 523 25.15 -20.69 -8.72
CA PRO C 523 26.58 -20.51 -8.93
C PRO C 523 27.10 -21.09 -10.25
N ALA C 524 28.23 -20.56 -10.69
CA ALA C 524 28.90 -20.94 -11.96
C ALA C 524 29.57 -22.29 -11.80
N PRO C 525 29.65 -23.08 -12.88
CA PRO C 525 30.28 -24.39 -12.80
C PRO C 525 31.75 -24.30 -12.43
N LEU C 526 32.25 -25.27 -11.66
CA LEU C 526 33.69 -25.44 -11.46
C LEU C 526 34.31 -26.07 -12.72
N LEU D 30 7.66 37.11 -3.31
CA LEU D 30 8.15 36.17 -4.37
C LEU D 30 7.51 36.58 -5.73
N PRO D 31 8.11 36.20 -6.89
CA PRO D 31 7.39 36.37 -8.18
C PRO D 31 6.00 35.70 -8.10
N PRO D 32 4.96 36.36 -8.65
CA PRO D 32 3.59 35.90 -8.34
C PRO D 32 3.32 34.49 -8.91
N ALA D 33 2.50 33.72 -8.20
CA ALA D 33 2.16 32.34 -8.62
C ALA D 33 0.87 32.36 -9.47
N PRO D 34 0.97 32.24 -10.82
CA PRO D 34 -0.29 32.22 -11.62
C PRO D 34 -1.18 30.97 -11.26
N ARG D 35 -2.48 31.14 -11.39
CA ARG D 35 -3.46 30.12 -10.96
C ARG D 35 -4.12 29.35 -12.13
N TYR D 36 -3.75 29.72 -13.36
CA TYR D 36 -4.06 28.91 -14.54
C TYR D 36 -2.91 29.05 -15.53
N PHE D 37 -2.82 28.12 -16.46
CA PHE D 37 -1.70 28.11 -17.42
C PHE D 37 -1.92 29.14 -18.52
N GLN D 38 -0.84 29.79 -18.94
CA GLN D 38 -0.86 30.84 -19.97
C GLN D 38 0.37 30.72 -20.83
N GLY D 39 0.29 31.13 -22.07
CA GLY D 39 1.42 31.03 -23.01
C GLY D 39 1.24 29.86 -23.96
N GLU D 40 1.93 29.96 -25.08
CA GLU D 40 1.81 28.99 -26.17
C GLU D 40 2.25 27.56 -25.78
N ASN D 41 3.25 27.45 -24.90
CA ASN D 41 3.77 26.16 -24.44
C ASN D 41 2.81 25.36 -23.59
N THR D 42 1.72 25.98 -23.13
CA THR D 42 0.70 25.30 -22.36
C THR D 42 -0.69 25.49 -22.95
N ALA D 43 -0.76 25.83 -24.26
CA ALA D 43 -2.07 26.06 -24.95
C ALA D 43 -2.49 24.84 -25.82
N GLY D 44 -3.77 24.70 -26.06
CA GLY D 44 -4.28 23.67 -26.93
C GLY D 44 -3.93 22.27 -26.44
N PHE D 45 -3.37 21.45 -27.32
CA PHE D 45 -3.01 20.07 -26.98
C PHE D 45 -1.84 20.06 -25.97
N MET D 46 -1.12 21.18 -25.83
CA MET D 46 -0.07 21.30 -24.82
C MET D 46 -0.54 21.68 -23.43
N ARG D 47 -1.82 21.97 -23.26
CA ARG D 47 -2.34 22.28 -21.94
C ARG D 47 -2.15 21.09 -21.02
N PRO D 48 -1.46 21.32 -19.86
CA PRO D 48 -1.33 20.25 -18.90
C PRO D 48 -2.71 19.70 -18.42
N VAL D 49 -2.76 18.40 -18.25
CA VAL D 49 -3.92 17.71 -17.69
C VAL D 49 -3.66 17.44 -16.21
N ARG D 50 -2.52 16.84 -15.94
CA ARG D 50 -1.97 16.69 -14.56
C ARG D 50 -2.69 15.63 -13.76
N PHE D 51 -3.27 14.66 -14.47
CA PHE D 51 -3.92 13.58 -13.79
C PHE D 51 -2.95 12.51 -13.37
N GLU D 52 -3.20 11.89 -12.21
CA GLU D 52 -2.52 10.63 -11.84
C GLU D 52 -3.58 9.64 -11.41
N GLY D 53 -3.42 8.38 -11.77
CA GLY D 53 -4.40 7.34 -11.38
C GLY D 53 -4.47 6.22 -12.41
N ASP D 54 -5.66 5.70 -12.65
CA ASP D 54 -5.85 4.49 -13.47
C ASP D 54 -7.04 4.68 -14.39
N ILE D 55 -6.90 4.16 -15.61
CA ILE D 55 -7.99 3.92 -16.52
C ILE D 55 -7.79 2.49 -17.03
N THR D 56 -8.57 1.54 -16.50
CA THR D 56 -8.42 0.14 -16.88
C THR D 56 -9.29 -0.19 -18.09
N ASN D 57 -9.01 -1.31 -18.73
CA ASN D 57 -9.86 -1.82 -19.80
C ASN D 57 -10.13 -0.76 -20.87
N LEU D 58 -9.03 -0.24 -21.45
CA LEU D 58 -9.16 0.81 -22.44
C LEU D 58 -9.95 0.31 -23.65
N GLU D 59 -10.70 1.23 -24.26
CA GLU D 59 -11.44 0.99 -25.48
C GLU D 59 -10.46 0.66 -26.60
N VAL D 60 -10.83 -0.35 -27.39
CA VAL D 60 -10.00 -0.83 -28.48
C VAL D 60 -10.84 -0.97 -29.74
N VAL D 61 -10.38 -0.35 -30.84
CA VAL D 61 -10.87 -0.60 -32.18
C VAL D 61 -9.88 -1.55 -32.84
N GLY D 62 -10.41 -2.60 -33.48
CA GLY D 62 -9.57 -3.65 -34.03
C GLY D 62 -9.31 -4.66 -32.92
N GLU D 63 -8.14 -5.28 -32.96
CA GLU D 63 -7.78 -6.35 -32.06
C GLU D 63 -6.29 -6.34 -31.72
N ILE D 64 -5.99 -6.27 -30.43
CA ILE D 64 -4.62 -6.32 -29.96
C ILE D 64 -4.21 -7.80 -29.98
N PRO D 65 -3.10 -8.15 -30.67
CA PRO D 65 -2.59 -9.51 -30.67
C PRO D 65 -2.48 -10.07 -29.27
N LYS D 66 -3.10 -11.22 -29.08
CA LYS D 66 -3.25 -11.81 -27.77
C LYS D 66 -1.97 -12.32 -27.16
N SER D 67 -0.97 -12.60 -27.97
CA SER D 67 0.33 -13.03 -27.49
C SER D 67 1.17 -11.86 -26.92
N ILE D 68 0.81 -10.60 -27.17
CA ILE D 68 1.59 -9.47 -26.60
C ILE D 68 1.36 -9.45 -25.08
N GLU D 69 2.44 -9.50 -24.33
CA GLU D 69 2.39 -9.40 -22.90
C GLU D 69 3.58 -8.60 -22.35
N GLY D 70 3.27 -7.53 -21.63
CA GLY D 70 4.31 -6.65 -21.07
C GLY D 70 3.76 -5.26 -20.93
N THR D 71 4.66 -4.29 -20.78
CA THR D 71 4.28 -2.93 -20.48
C THR D 71 5.07 -1.91 -21.28
N PHE D 72 4.35 -0.95 -21.84
CA PHE D 72 4.92 0.20 -22.53
C PHE D 72 4.93 1.36 -21.51
N TYR D 73 6.12 1.80 -21.11
CA TYR D 73 6.26 2.93 -20.20
C TYR D 73 6.73 4.12 -21.02
N ARG D 74 6.16 5.31 -20.80
CA ARG D 74 6.64 6.53 -21.46
C ARG D 74 6.63 7.66 -20.42
N VAL D 75 7.43 8.68 -20.66
CA VAL D 75 7.47 9.83 -19.77
C VAL D 75 7.18 11.09 -20.57
N MET D 76 6.39 11.98 -19.97
CA MET D 76 6.15 13.29 -20.54
C MET D 76 6.49 14.38 -19.54
N PRO D 77 7.05 15.49 -20.04
CA PRO D 77 7.04 16.69 -19.21
C PRO D 77 5.62 17.20 -19.08
N GLU D 78 5.22 17.54 -17.87
CA GLU D 78 3.87 18.02 -17.62
C GLU D 78 3.85 18.86 -16.35
N PRO D 79 4.05 20.20 -16.48
CA PRO D 79 4.12 21.04 -15.30
C PRO D 79 2.96 20.79 -14.34
N HIS D 80 3.28 20.51 -13.09
CA HIS D 80 2.23 20.29 -12.10
C HIS D 80 1.60 21.59 -11.59
N LEU D 81 2.37 22.67 -11.62
CA LEU D 81 1.93 24.00 -11.23
C LEU D 81 2.38 25.04 -12.27
N PRO D 82 1.59 26.08 -12.50
CA PRO D 82 2.04 27.09 -13.43
C PRO D 82 3.38 27.72 -13.00
N SER D 83 4.26 27.85 -13.96
CA SER D 83 5.63 28.36 -13.74
C SER D 83 5.58 29.86 -13.50
N PHE D 84 6.49 30.35 -12.67
CA PHE D 84 6.74 31.80 -12.60
C PHE D 84 7.67 32.29 -13.69
N ILE D 85 8.22 31.39 -14.49
CA ILE D 85 9.04 31.71 -15.64
C ILE D 85 8.18 31.78 -16.90
N PRO D 86 8.15 32.94 -17.58
CA PRO D 86 7.34 33.00 -18.78
C PRO D 86 7.94 32.18 -19.93
N ASN D 87 7.10 31.53 -20.71
CA ASN D 87 7.56 30.64 -21.78
C ASN D 87 8.62 29.64 -21.36
N ASP D 88 8.43 29.04 -20.19
CA ASP D 88 9.39 28.05 -19.69
C ASP D 88 9.46 26.93 -20.73
N PRO D 89 10.65 26.50 -21.14
CA PRO D 89 10.69 25.47 -22.18
C PRO D 89 10.01 24.13 -21.75
N TRP D 90 9.52 23.43 -22.76
CA TRP D 90 8.92 22.08 -22.60
C TRP D 90 9.81 21.13 -21.79
N PHE D 91 11.13 21.19 -22.03
CA PHE D 91 12.09 20.37 -21.32
C PHE D 91 12.12 20.58 -19.79
N ASN D 92 11.51 21.64 -19.28
CA ASN D 92 11.56 21.88 -17.83
C ASN D 92 10.34 21.41 -17.03
N GLY D 93 9.44 20.63 -17.64
CA GLY D 93 8.19 20.23 -16.99
C GLY D 93 8.35 18.94 -16.18
N ASP D 94 7.66 18.87 -15.06
CA ASP D 94 7.64 17.68 -14.18
C ASP D 94 7.36 16.41 -14.93
N GLY D 95 8.17 15.39 -14.68
CA GLY D 95 8.02 14.10 -15.37
C GLY D 95 6.81 13.34 -14.84
N ASN D 96 5.93 12.96 -15.75
CA ASN D 96 4.75 12.11 -15.44
C ASN D 96 4.85 10.82 -16.26
N ILE D 97 4.79 9.68 -15.58
CA ILE D 97 5.02 8.37 -16.18
C ILE D 97 3.69 7.69 -16.52
N SER D 98 3.55 7.23 -17.76
CA SER D 98 2.40 6.41 -18.20
C SER D 98 2.90 4.99 -18.39
N GLY D 99 2.14 4.02 -17.88
CA GLY D 99 2.38 2.62 -18.16
C GLY D 99 1.13 1.99 -18.81
N PHE D 100 1.33 1.32 -19.93
CA PHE D 100 0.25 0.63 -20.66
C PHE D 100 0.54 -0.88 -20.50
N TYR D 101 -0.28 -1.55 -19.69
CA TYR D 101 -0.03 -2.91 -19.24
C TYR D 101 -0.91 -3.84 -20.12
N PHE D 102 -0.26 -4.71 -20.91
CA PHE D 102 -0.94 -5.53 -21.91
C PHE D 102 -0.95 -6.99 -21.48
N LYS D 103 -2.11 -7.63 -21.57
CA LYS D 103 -2.21 -9.07 -21.40
C LYS D 103 -3.50 -9.59 -22.08
N ASP D 104 -3.35 -10.67 -22.87
CA ASP D 104 -4.45 -11.39 -23.51
C ASP D 104 -5.36 -10.48 -24.32
N GLY D 105 -4.79 -9.50 -25.00
CA GLY D 105 -5.56 -8.58 -25.81
C GLY D 105 -6.30 -7.46 -25.08
N HIS D 106 -6.10 -7.36 -23.76
CA HIS D 106 -6.64 -6.27 -22.92
C HIS D 106 -5.49 -5.32 -22.53
N VAL D 107 -5.83 -4.06 -22.25
CA VAL D 107 -4.82 -3.08 -21.85
C VAL D 107 -5.36 -2.11 -20.80
N ASP D 108 -4.56 -1.88 -19.78
CA ASP D 108 -4.83 -0.89 -18.73
C ASP D 108 -3.77 0.22 -18.71
N LEU D 109 -4.19 1.43 -18.38
CA LEU D 109 -3.30 2.59 -18.14
C LEU D 109 -3.17 2.85 -16.66
N LYS D 110 -1.93 2.97 -16.20
CA LYS D 110 -1.63 3.57 -14.91
C LYS D 110 -0.71 4.78 -15.17
N GLN D 111 -0.90 5.85 -14.40
N GLN D 111 -0.92 5.83 -14.39
CA GLN D 111 -0.25 7.12 -14.64
CA GLN D 111 -0.22 7.10 -14.62
C GLN D 111 0.11 7.76 -13.31
C GLN D 111 0.10 7.79 -13.32
N ARG D 112 1.37 8.17 -13.16
CA ARG D 112 1.80 8.81 -11.90
C ARG D 112 3.03 9.70 -12.06
N TYR D 113 3.01 10.87 -11.42
CA TYR D 113 4.17 11.78 -11.41
C TYR D 113 5.35 11.19 -10.62
N VAL D 114 6.56 11.41 -11.10
CA VAL D 114 7.75 11.10 -10.32
C VAL D 114 7.79 12.01 -9.12
N ARG D 115 8.00 11.45 -7.92
CA ARG D 115 8.14 12.28 -6.71
C ARG D 115 9.55 12.82 -6.58
N THR D 116 9.90 13.73 -7.46
CA THR D 116 11.17 14.44 -7.34
C THR D 116 11.16 15.38 -6.12
N GLU D 117 12.32 15.86 -5.75
CA GLU D 117 12.40 16.88 -4.72
C GLU D 117 11.57 18.08 -5.13
N LYS D 118 11.71 18.49 -6.39
CA LYS D 118 10.95 19.60 -6.92
C LYS D 118 9.44 19.36 -6.81
N PHE D 119 9.01 18.21 -7.32
CA PHE D 119 7.55 17.89 -7.27
C PHE D 119 6.98 17.98 -5.83
N VAL D 120 7.68 17.36 -4.90
CA VAL D 120 7.23 17.29 -3.49
C VAL D 120 7.20 18.69 -2.83
N ARG D 121 8.27 19.44 -3.00
CA ARG D 121 8.32 20.76 -2.36
C ARG D 121 7.34 21.71 -2.97
N GLU D 122 7.19 21.67 -4.27
CA GLU D 122 6.18 22.53 -4.91
C GLU D 122 4.75 22.11 -4.56
N ALA D 123 4.52 20.81 -4.42
CA ALA D 123 3.20 20.31 -3.99
C ALA D 123 2.86 20.78 -2.56
N GLU D 124 3.84 20.71 -1.65
CA GLU D 124 3.68 21.23 -0.28
C GLU D 124 3.37 22.72 -0.29
N ALA D 125 4.05 23.50 -1.12
CA ALA D 125 3.86 24.95 -1.16
C ALA D 125 2.65 25.37 -2.00
N ARG D 126 2.17 24.49 -2.87
CA ARG D 126 1.11 24.80 -3.83
C ARG D 126 1.49 25.95 -4.76
N ARG D 127 2.75 25.99 -5.14
CA ARG D 127 3.24 26.97 -6.10
C ARG D 127 4.60 26.53 -6.63
N SER D 128 4.94 27.05 -7.79
CA SER D 128 6.24 26.76 -8.38
C SER D 128 7.36 27.50 -7.63
N LEU D 129 8.49 26.83 -7.52
CA LEU D 129 9.63 27.27 -6.70
C LEU D 129 10.93 27.17 -7.51
N LEU D 130 11.06 26.11 -8.31
CA LEU D 130 12.17 25.97 -9.25
C LEU D 130 11.99 26.92 -10.42
N GLY D 131 13.07 27.60 -10.77
CA GLY D 131 13.06 28.62 -11.84
C GLY D 131 13.43 28.13 -13.23
N LYS D 132 14.36 28.81 -13.87
CA LYS D 132 14.74 28.51 -15.24
C LYS D 132 15.41 27.17 -15.39
N TYR D 133 15.26 26.62 -16.59
CA TYR D 133 15.88 25.37 -16.98
C TYR D 133 17.36 25.36 -16.62
N ARG D 134 17.75 24.41 -15.76
CA ARG D 134 19.12 24.18 -15.38
C ARG D 134 19.85 25.45 -14.88
N ASN D 135 19.10 26.33 -14.22
CA ASN D 135 19.70 27.51 -13.60
C ASN D 135 19.28 27.67 -12.15
N ARG D 136 20.07 27.08 -11.27
CA ARG D 136 19.75 27.13 -9.83
C ARG D 136 19.72 28.51 -9.24
N TYR D 137 20.39 29.47 -9.89
CA TYR D 137 20.47 30.84 -9.36
C TYR D 137 19.15 31.53 -9.51
N THR D 138 18.21 30.97 -10.27
CA THR D 138 16.86 31.54 -10.39
C THR D 138 15.79 30.86 -9.52
N ASP D 139 16.20 29.86 -8.76
CA ASP D 139 15.26 29.13 -7.90
C ASP D 139 14.86 29.98 -6.70
N LEU D 140 13.64 29.79 -6.19
CA LEU D 140 13.17 30.53 -5.04
C LEU D 140 13.57 29.91 -3.72
N VAL D 141 14.02 28.67 -3.73
CA VAL D 141 14.55 28.01 -2.56
C VAL D 141 15.72 27.23 -3.06
N GLU D 142 16.53 26.73 -2.14
CA GLU D 142 17.70 25.98 -2.50
C GLU D 142 17.31 24.52 -2.65
N PHE D 143 17.50 23.95 -3.85
CA PHE D 143 17.27 22.54 -4.09
C PHE D 143 18.56 21.76 -3.98
N LYS D 144 18.50 20.56 -3.45
CA LYS D 144 19.62 19.64 -3.55
C LYS D 144 19.63 18.95 -4.91
N ILE D 145 18.48 18.46 -5.36
CA ILE D 145 18.34 17.78 -6.65
C ILE D 145 17.31 18.56 -7.45
N ARG D 146 17.65 18.95 -8.70
CA ARG D 146 16.73 19.76 -9.50
C ARG D 146 16.02 18.95 -10.59
N SER D 147 16.24 17.63 -10.60
CA SER D 147 15.58 16.76 -11.57
C SER D 147 14.08 16.98 -11.70
N THR D 148 13.62 17.05 -12.94
CA THR D 148 12.22 16.77 -13.29
C THR D 148 11.94 15.31 -13.70
N ALA D 149 13.01 14.52 -13.83
CA ALA D 149 12.90 13.09 -14.17
C ALA D 149 11.97 12.87 -15.33
N ASN D 150 12.13 13.68 -16.38
CA ASN D 150 11.12 13.82 -17.41
C ASN D 150 11.52 13.39 -18.80
N THR D 151 12.68 12.75 -18.95
CA THR D 151 13.23 12.53 -20.27
C THR D 151 13.24 11.09 -20.74
N ASN D 152 13.56 10.13 -19.89
CA ASN D 152 13.43 8.71 -20.26
C ASN D 152 13.02 7.88 -19.03
N ILE D 153 12.54 6.67 -19.28
CA ILE D 153 12.03 5.79 -18.21
C ILE D 153 12.44 4.38 -18.64
N VAL D 154 13.44 3.84 -17.96
CA VAL D 154 14.03 2.56 -18.34
C VAL D 154 13.90 1.52 -17.23
N TYR D 155 14.09 0.26 -17.57
CA TYR D 155 13.99 -0.86 -16.63
C TYR D 155 15.39 -1.34 -16.29
N TRP D 156 15.70 -1.49 -15.02
CA TRP D 156 17.00 -1.99 -14.60
C TRP D 156 16.85 -2.73 -13.26
N ARG D 157 17.16 -4.03 -13.28
CA ARG D 157 17.21 -4.88 -12.10
C ARG D 157 16.00 -4.70 -11.20
N GLY D 158 14.83 -4.83 -11.78
CA GLY D 158 13.56 -4.87 -11.03
C GLY D 158 12.93 -3.54 -10.69
N GLN D 159 13.53 -2.43 -11.12
CA GLN D 159 12.98 -1.09 -10.87
C GLN D 159 12.92 -0.32 -12.19
N LEU D 160 12.10 0.73 -12.22
CA LEU D 160 12.17 1.70 -13.30
C LEU D 160 13.14 2.78 -12.84
N LEU D 161 13.85 3.39 -13.80
CA LEU D 161 14.73 4.52 -13.53
C LEU D 161 14.25 5.66 -14.40
N ALA D 162 13.84 6.74 -13.75
CA ALA D 162 13.28 7.93 -14.40
C ALA D 162 14.44 8.91 -14.53
N LEU D 163 14.79 9.22 -15.78
CA LEU D 163 16.07 9.84 -16.13
C LEU D 163 15.97 11.30 -16.52
N LYS D 164 17.00 12.04 -16.13
CA LYS D 164 17.12 13.46 -16.50
C LYS D 164 18.62 13.82 -16.40
N GLU D 165 19.17 14.32 -17.50
CA GLU D 165 20.64 14.37 -17.70
C GLU D 165 21.42 15.31 -16.76
N ASP D 166 20.70 16.10 -15.97
CA ASP D 166 21.35 17.00 -14.97
C ASP D 166 21.40 16.37 -13.58
N SER D 167 21.02 15.10 -13.47
CA SER D 167 20.71 14.51 -12.18
C SER D 167 20.98 13.00 -12.15
N PRO D 168 21.05 12.45 -10.94
CA PRO D 168 20.90 10.99 -10.85
C PRO D 168 19.49 10.54 -11.20
N PRO D 169 19.30 9.23 -11.44
CA PRO D 169 17.95 8.73 -11.69
C PRO D 169 17.10 8.76 -10.45
N TYR D 170 15.77 8.73 -10.65
CA TYR D 170 14.81 8.38 -9.59
C TYR D 170 14.33 6.95 -9.83
N ALA D 171 14.37 6.13 -8.80
CA ALA D 171 13.93 4.75 -8.87
C ALA D 171 12.43 4.65 -8.56
N MET D 172 11.73 3.81 -9.33
CA MET D 172 10.30 3.66 -9.22
C MET D 172 9.88 2.18 -9.34
N ASP D 173 8.71 1.88 -8.80
CA ASP D 173 8.13 0.53 -8.84
C ASP D 173 7.45 0.29 -10.20
N PRO D 174 7.86 -0.74 -10.94
CA PRO D 174 7.24 -1.00 -12.26
C PRO D 174 5.72 -1.32 -12.24
N GLU D 175 5.23 -1.82 -11.11
CA GLU D 175 3.83 -2.24 -11.01
C GLU D 175 2.95 -1.08 -10.55
N THR D 176 3.37 -0.32 -9.55
CA THR D 176 2.51 0.70 -8.92
C THR D 176 2.92 2.11 -9.35
N LEU D 177 4.11 2.27 -9.95
CA LEU D 177 4.69 3.58 -10.25
C LEU D 177 4.91 4.48 -9.03
N GLU D 178 5.02 3.88 -7.85
N GLU D 178 5.03 3.89 -7.85
CA GLU D 178 5.47 4.55 -6.64
CA GLU D 178 5.36 4.67 -6.69
C GLU D 178 6.92 4.98 -6.86
C GLU D 178 6.87 4.96 -6.79
N THR D 179 7.28 6.13 -6.29
CA THR D 179 8.68 6.58 -6.40
C THR D 179 9.41 6.12 -5.14
N PHE D 180 10.49 5.38 -5.27
CA PHE D 180 11.32 5.01 -4.11
C PHE D 180 12.22 6.17 -3.69
N GLY D 181 12.77 6.94 -4.62
CA GLY D 181 13.66 8.09 -4.28
C GLY D 181 14.79 8.15 -5.27
N VAL D 182 15.69 9.10 -5.04
N VAL D 182 15.61 9.17 -5.11
CA VAL D 182 16.90 9.26 -5.83
CA VAL D 182 16.79 9.33 -5.92
C VAL D 182 17.68 7.99 -5.75
C VAL D 182 17.70 8.09 -5.76
N TYR D 183 18.27 7.57 -6.85
CA TYR D 183 18.96 6.28 -6.87
C TYR D 183 20.43 6.44 -7.15
N ASP D 184 21.27 5.89 -6.28
CA ASP D 184 22.73 6.00 -6.42
C ASP D 184 23.44 4.67 -6.59
N PHE D 185 22.73 3.65 -7.01
CA PHE D 185 23.34 2.35 -7.34
C PHE D 185 24.11 1.78 -6.14
N ASP D 186 23.45 1.72 -4.99
CA ASP D 186 24.02 1.22 -3.73
C ASP D 186 25.28 1.98 -3.36
N GLY D 187 25.23 3.30 -3.52
CA GLY D 187 26.40 4.14 -3.22
C GLY D 187 27.52 4.11 -4.22
N GLN D 188 27.36 3.46 -5.38
CA GLN D 188 28.44 3.36 -6.34
C GLN D 188 28.49 4.51 -7.38
N LEU D 189 27.40 5.26 -7.52
CA LEU D 189 27.25 6.20 -8.62
C LEU D 189 28.41 7.21 -8.54
N PRO D 190 29.26 7.28 -9.55
CA PRO D 190 30.41 8.17 -9.38
C PRO D 190 30.25 9.61 -9.78
N SER D 191 29.13 9.94 -10.43
CA SER D 191 28.92 11.18 -11.13
C SER D 191 27.71 11.90 -10.51
N LEU D 192 27.67 13.22 -10.60
CA LEU D 192 26.47 14.00 -10.24
C LEU D 192 25.33 13.78 -11.24
N THR D 193 25.66 13.30 -12.45
CA THR D 193 24.73 13.29 -13.57
C THR D 193 24.73 11.92 -14.23
N PHE D 194 23.53 11.55 -14.71
CA PHE D 194 23.28 10.26 -15.35
C PHE D 194 22.46 10.53 -16.61
N THR D 195 23.03 10.18 -17.73
CA THR D 195 22.42 10.43 -19.05
C THR D 195 20.99 9.88 -19.16
N ALA D 196 20.19 10.52 -20.00
CA ALA D 196 18.90 9.95 -20.32
C ALA D 196 18.98 8.82 -21.33
N HIS D 197 20.15 8.54 -21.89
CA HIS D 197 20.30 7.50 -22.89
C HIS D 197 21.35 6.44 -22.59
N PRO D 198 21.20 5.71 -21.47
CA PRO D 198 22.11 4.59 -21.29
C PRO D 198 21.82 3.51 -22.36
N LYS D 199 22.79 2.65 -22.66
CA LYS D 199 22.60 1.56 -23.62
C LYS D 199 22.68 0.22 -22.91
N PHE D 200 21.84 -0.72 -23.36
CA PHE D 200 21.82 -2.07 -22.80
C PHE D 200 22.45 -3.03 -23.79
N ASP D 201 23.60 -3.57 -23.40
CA ASP D 201 24.32 -4.53 -24.22
C ASP D 201 23.57 -5.87 -24.14
N PRO D 202 23.03 -6.34 -25.27
CA PRO D 202 22.23 -7.57 -25.21
C PRO D 202 23.05 -8.84 -25.00
N VAL D 203 24.35 -8.79 -25.22
CA VAL D 203 25.22 -9.95 -25.01
C VAL D 203 25.77 -9.97 -23.59
N THR D 204 26.36 -8.89 -23.12
CA THR D 204 26.92 -8.87 -21.78
C THR D 204 25.91 -8.55 -20.70
N ARG D 205 24.74 -8.01 -21.08
CA ARG D 205 23.71 -7.54 -20.13
C ARG D 205 24.17 -6.36 -19.27
N GLU D 206 25.23 -5.69 -19.68
CA GLU D 206 25.64 -4.44 -19.03
C GLU D 206 24.74 -3.28 -19.38
N MET D 207 24.59 -2.38 -18.42
CA MET D 207 24.07 -1.04 -18.67
C MET D 207 25.26 -0.08 -18.78
N VAL D 208 25.41 0.54 -19.96
CA VAL D 208 26.55 1.40 -20.26
C VAL D 208 26.07 2.85 -20.21
N CYS D 209 26.74 3.67 -19.40
CA CYS D 209 26.24 4.97 -18.98
C CYS D 209 27.30 6.07 -19.10
N PHE D 210 26.86 7.31 -18.91
CA PHE D 210 27.77 8.41 -18.70
C PHE D 210 27.01 9.56 -18.10
N GLY D 211 27.75 10.57 -17.66
CA GLY D 211 27.18 11.86 -17.34
C GLY D 211 28.11 12.97 -17.83
N TYR D 212 27.56 14.06 -18.34
CA TYR D 212 28.35 15.28 -18.63
C TYR D 212 28.02 16.34 -17.59
N GLU D 213 28.80 17.41 -17.57
CA GLU D 213 28.83 18.33 -16.43
C GLU D 213 28.90 17.52 -15.13
N ALA D 214 29.72 16.50 -15.12
CA ALA D 214 29.67 15.48 -14.08
C ALA D 214 30.18 15.92 -12.72
N LYS D 215 30.86 17.07 -12.65
CA LYS D 215 31.27 17.70 -11.40
C LYS D 215 30.56 19.00 -11.12
N GLY D 216 29.45 19.28 -11.81
CA GLY D 216 28.66 20.44 -11.50
C GLY D 216 28.49 21.36 -12.69
N ASP D 217 27.69 22.41 -12.47
CA ASP D 217 27.33 23.39 -13.48
C ASP D 217 28.60 23.89 -14.21
N GLY D 218 28.59 23.81 -15.53
CA GLY D 218 29.64 24.33 -16.38
C GLY D 218 30.90 23.55 -16.44
N THR D 219 30.99 22.42 -15.73
CA THR D 219 32.21 21.61 -15.77
C THR D 219 32.31 20.87 -17.10
N ARG D 220 33.56 20.65 -17.54
CA ARG D 220 33.85 19.93 -18.76
C ARG D 220 34.11 18.45 -18.51
N ASP D 221 33.90 18.03 -17.28
CA ASP D 221 34.08 16.65 -16.90
C ASP D 221 32.98 15.76 -17.41
N ILE D 222 33.39 14.70 -18.09
CA ILE D 222 32.50 13.60 -18.46
C ILE D 222 32.95 12.39 -17.65
N CYS D 223 32.00 11.71 -17.00
CA CYS D 223 32.25 10.45 -16.34
C CYS D 223 31.58 9.36 -17.11
N TYR D 224 32.39 8.42 -17.64
CA TYR D 224 31.93 7.26 -18.35
C TYR D 224 31.93 6.09 -17.35
N TYR D 225 30.80 5.40 -17.26
CA TYR D 225 30.68 4.31 -16.27
C TYR D 225 29.67 3.28 -16.69
N SER D 226 29.83 2.05 -16.18
CA SER D 226 28.97 0.94 -16.57
C SER D 226 28.67 0.06 -15.37
N PHE D 227 27.60 -0.73 -15.51
CA PHE D 227 27.21 -1.68 -14.48
C PHE D 227 27.00 -3.03 -15.10
N GLY D 228 27.54 -4.07 -14.45
CA GLY D 228 27.28 -5.43 -14.86
C GLY D 228 25.86 -5.81 -14.46
N PRO D 229 25.37 -6.94 -14.99
CA PRO D 229 23.99 -7.37 -14.71
C PRO D 229 23.73 -7.71 -13.24
N ASP D 230 24.79 -7.97 -12.48
CA ASP D 230 24.64 -8.14 -11.04
C ASP D 230 24.51 -6.83 -10.27
N GLY D 231 24.58 -5.68 -10.95
CA GLY D 231 24.45 -4.39 -10.29
C GLY D 231 25.77 -3.75 -9.84
N LYS D 232 26.89 -4.44 -10.03
CA LYS D 232 28.19 -3.88 -9.61
C LYS D 232 28.78 -2.97 -10.67
N ILE D 233 29.34 -1.86 -10.23
CA ILE D 233 30.00 -0.95 -11.16
C ILE D 233 31.20 -1.63 -11.82
N ALA D 234 31.41 -1.39 -13.11
CA ALA D 234 32.50 -2.03 -13.88
C ALA D 234 33.43 -0.93 -14.35
N GLU D 235 33.16 -0.27 -15.47
CA GLU D 235 34.00 0.91 -15.87
C GLU D 235 33.72 2.15 -15.02
N THR D 236 34.76 2.94 -14.77
CA THR D 236 34.61 4.34 -14.39
C THR D 236 35.81 5.14 -14.92
N VAL D 237 35.58 6.01 -15.92
CA VAL D 237 36.67 6.77 -16.53
C VAL D 237 36.25 8.23 -16.59
N TRP D 238 37.10 9.09 -16.07
CA TRP D 238 36.89 10.54 -16.12
C TRP D 238 37.62 11.11 -17.33
N LEU D 239 36.90 11.86 -18.16
CA LEU D 239 37.50 12.54 -19.28
C LEU D 239 37.05 13.98 -19.34
N VAL D 240 37.66 14.72 -20.26
CA VAL D 240 37.45 16.15 -20.37
C VAL D 240 37.02 16.45 -21.81
N SER D 241 35.90 17.16 -21.87
CA SER D 241 35.27 17.59 -23.10
C SER D 241 36.04 18.86 -23.57
N PRO D 242 36.21 19.09 -24.89
CA PRO D 242 36.93 20.34 -25.29
C PRO D 242 36.18 21.62 -24.99
N VAL D 243 34.84 21.54 -24.96
CA VAL D 243 33.99 22.65 -24.53
C VAL D 243 32.96 22.06 -23.56
N CYS D 244 32.30 22.91 -22.77
CA CYS D 244 31.19 22.45 -21.91
C CYS D 244 29.95 22.47 -22.78
N GLY D 245 29.78 21.40 -23.54
CA GLY D 245 28.70 21.26 -24.48
C GLY D 245 27.70 20.17 -24.10
N MET D 246 26.49 20.29 -24.63
CA MET D 246 25.42 19.34 -24.31
C MET D 246 25.66 18.02 -25.02
N ILE D 247 25.76 16.95 -24.23
CA ILE D 247 25.91 15.59 -24.79
C ILE D 247 24.63 14.82 -24.40
N HIS D 248 23.61 14.95 -25.22
CA HIS D 248 22.29 14.42 -24.92
C HIS D 248 22.22 12.91 -25.08
N ASP D 249 22.90 12.40 -26.11
CA ASP D 249 22.88 10.98 -26.44
C ASP D 249 24.33 10.55 -26.66
N PHE D 250 24.57 9.24 -26.68
CA PHE D 250 25.88 8.66 -27.00
C PHE D 250 25.70 7.33 -27.67
N ALA D 251 26.80 6.70 -28.05
CA ALA D 251 26.78 5.45 -28.76
C ALA D 251 27.80 4.49 -28.16
N VAL D 252 27.48 3.20 -28.27
CA VAL D 252 28.28 2.14 -27.70
C VAL D 252 28.44 1.05 -28.75
N THR D 253 29.68 0.62 -28.99
CA THR D 253 29.99 -0.51 -29.86
C THR D 253 30.66 -1.58 -29.02
N GLU D 254 31.07 -2.67 -29.65
CA GLU D 254 31.74 -3.75 -28.91
C GLU D 254 32.95 -3.25 -28.14
N ASN D 255 33.77 -2.41 -28.77
CA ASN D 255 35.03 -1.93 -28.18
C ASN D 255 35.16 -0.44 -27.91
N PHE D 256 34.15 0.35 -28.27
CA PHE D 256 34.24 1.82 -28.09
C PHE D 256 32.97 2.41 -27.50
N VAL D 257 33.14 3.56 -26.86
CA VAL D 257 32.04 4.46 -26.55
C VAL D 257 32.32 5.81 -27.23
N ILE D 258 31.23 6.46 -27.66
CA ILE D 258 31.28 7.58 -28.59
C ILE D 258 30.37 8.70 -28.08
N PHE D 259 30.92 9.91 -27.96
CA PHE D 259 30.25 11.07 -27.40
C PHE D 259 30.10 12.21 -28.42
N PRO D 260 28.93 12.33 -29.07
CA PRO D 260 28.68 13.47 -29.96
C PRO D 260 28.18 14.67 -29.17
N ILE D 261 28.82 15.82 -29.38
CA ILE D 261 28.54 17.03 -28.62
C ILE D 261 27.76 18.03 -29.46
N ILE D 262 26.60 18.42 -28.92
CA ILE D 262 25.78 19.43 -29.55
C ILE D 262 26.46 20.78 -29.26
N PRO D 263 26.57 21.66 -30.27
CA PRO D 263 27.21 22.99 -30.04
C PRO D 263 26.44 23.99 -29.18
N LEU D 264 25.72 23.51 -28.17
CA LEU D 264 25.18 24.35 -27.11
C LEU D 264 26.19 24.32 -26.00
N VAL D 265 26.56 25.49 -25.52
CA VAL D 265 27.64 25.63 -24.57
C VAL D 265 27.20 26.41 -23.33
N CYS D 266 27.69 25.96 -22.19
CA CYS D 266 27.33 26.48 -20.90
C CYS D 266 28.48 27.33 -20.29
N ASP D 267 28.10 28.52 -19.84
CA ASP D 267 28.91 29.45 -19.07
C ASP D 267 28.19 29.72 -17.75
N VAL D 268 28.78 29.29 -16.64
CA VAL D 268 28.16 29.46 -15.33
C VAL D 268 28.07 30.91 -14.90
N GLU D 269 28.99 31.75 -15.37
CA GLU D 269 28.91 33.20 -15.05
C GLU D 269 27.70 33.84 -15.67
N ARG D 270 27.37 33.46 -16.88
CA ARG D 270 26.13 33.92 -17.52
C ARG D 270 24.92 33.47 -16.65
N MET D 271 24.93 32.21 -16.21
CA MET D 271 23.85 31.68 -15.34
C MET D 271 23.68 32.45 -14.04
N LYS D 272 24.79 32.81 -13.40
CA LYS D 272 24.76 33.61 -12.16
C LYS D 272 24.10 34.93 -12.31
N GLN D 273 24.14 35.49 -13.52
CA GLN D 273 23.38 36.71 -13.82
C GLN D 273 21.94 36.50 -14.25
N GLY D 274 21.43 35.28 -14.24
CA GLY D 274 20.05 35.01 -14.67
C GLY D 274 19.92 34.53 -16.11
N GLY D 275 21.05 34.26 -16.78
CA GLY D 275 21.05 33.87 -18.16
C GLY D 275 20.76 32.39 -18.40
N ASP D 276 20.73 32.00 -19.68
CA ASP D 276 20.44 30.60 -20.03
C ASP D 276 21.61 29.68 -19.79
N HIS D 277 21.29 28.44 -19.42
CA HIS D 277 22.29 27.42 -19.25
C HIS D 277 23.01 27.16 -20.58
N TRP D 278 22.24 27.16 -21.66
CA TRP D 278 22.74 26.78 -22.99
C TRP D 278 22.73 27.96 -23.95
N GLN D 279 23.78 28.07 -24.75
CA GLN D 279 23.91 29.10 -25.78
C GLN D 279 24.65 28.50 -26.97
N TRP D 280 24.09 28.61 -28.16
CA TRP D 280 24.72 28.07 -29.35
C TRP D 280 26.05 28.75 -29.67
N ASP D 281 26.97 27.98 -30.23
CA ASP D 281 28.27 28.48 -30.67
C ASP D 281 28.50 28.05 -32.12
N TYR D 282 28.33 29.01 -33.04
CA TYR D 282 28.51 28.76 -34.49
C TYR D 282 29.97 28.53 -34.91
N SER D 283 30.93 28.76 -34.03
CA SER D 283 32.34 28.68 -34.39
C SER D 283 32.99 27.33 -34.17
N ILE D 284 32.28 26.35 -33.63
CA ILE D 284 32.92 25.08 -33.25
C ILE D 284 32.40 23.96 -34.11
N PRO D 285 33.19 22.89 -34.23
CA PRO D 285 32.66 21.73 -34.93
C PRO D 285 31.61 20.98 -34.07
N MET D 286 30.96 19.99 -34.68
CA MET D 286 30.27 18.99 -33.87
C MET D 286 31.32 17.97 -33.45
N TYR D 287 31.81 18.09 -32.22
CA TYR D 287 32.78 17.14 -31.71
C TYR D 287 32.18 15.75 -31.56
N ILE D 288 32.97 14.72 -31.86
CA ILE D 288 32.59 13.30 -31.64
C ILE D 288 33.79 12.64 -30.97
N GLY D 289 33.68 12.42 -29.65
CA GLY D 289 34.74 11.75 -28.90
C GLY D 289 34.63 10.25 -29.04
N VAL D 290 35.78 9.57 -29.14
CA VAL D 290 35.82 8.10 -29.16
C VAL D 290 36.80 7.67 -28.09
N LEU D 291 36.34 6.77 -27.23
CA LEU D 291 37.11 6.24 -26.11
C LEU D 291 37.02 4.72 -26.14
N PRO D 292 38.14 4.04 -25.85
CA PRO D 292 38.00 2.58 -25.73
C PRO D 292 37.05 2.21 -24.58
N ARG D 293 36.23 1.20 -24.85
CA ARG D 293 35.12 0.84 -23.96
C ARG D 293 35.60 0.26 -22.64
N ARG D 294 36.70 -0.47 -22.66
CA ARG D 294 37.18 -1.17 -21.46
C ARG D 294 38.64 -0.81 -21.15
N GLY D 295 38.93 -0.51 -19.90
CA GLY D 295 40.30 -0.35 -19.47
C GLY D 295 40.98 0.97 -19.81
N ALA D 296 40.26 1.97 -20.31
CA ALA D 296 40.93 3.22 -20.79
C ALA D 296 41.23 4.17 -19.66
N GLN D 297 42.08 5.14 -19.94
CA GLN D 297 42.21 6.36 -19.15
C GLN D 297 41.56 7.49 -19.94
N GLY D 298 41.32 8.59 -19.24
CA GLY D 298 40.70 9.76 -19.83
C GLY D 298 41.46 10.37 -20.98
N SER D 299 42.80 10.31 -20.94
CA SER D 299 43.62 10.82 -22.04
C SER D 299 43.56 9.93 -23.28
N ASP D 300 42.94 8.75 -23.23
CA ASP D 300 42.76 7.95 -24.45
C ASP D 300 41.65 8.45 -25.40
N VAL D 301 40.83 9.39 -24.95
CA VAL D 301 39.77 9.89 -25.79
C VAL D 301 40.37 10.67 -26.96
N LYS D 302 39.83 10.48 -28.16
CA LYS D 302 40.13 11.28 -29.33
C LYS D 302 38.89 12.09 -29.70
N TRP D 303 39.04 13.40 -29.75
CA TRP D 303 37.96 14.31 -30.15
C TRP D 303 38.00 14.63 -31.65
N PHE D 304 37.31 13.76 -32.42
CA PHE D 304 37.10 14.00 -33.85
C PHE D 304 36.16 15.18 -34.03
N GLU D 305 36.22 15.77 -35.21
CA GLU D 305 35.55 17.04 -35.48
C GLU D 305 34.71 16.91 -36.72
N ALA D 306 33.41 16.66 -36.53
CA ALA D 306 32.49 16.57 -37.62
C ALA D 306 32.12 17.98 -38.03
N PRO D 307 31.65 18.17 -39.26
CA PRO D 307 31.18 19.49 -39.65
C PRO D 307 30.10 20.01 -38.71
N HIS D 308 30.14 21.30 -38.48
CA HIS D 308 29.24 21.96 -37.60
C HIS D 308 27.80 21.56 -37.84
N GLY D 309 27.12 21.21 -36.75
CA GLY D 309 25.75 20.75 -36.82
C GLY D 309 25.25 20.29 -35.47
N PHE D 310 24.00 19.82 -35.47
CA PHE D 310 23.29 19.42 -34.26
C PHE D 310 23.35 17.91 -34.16
N ALA D 311 23.88 17.41 -33.03
CA ALA D 311 23.91 15.99 -32.76
C ALA D 311 22.56 15.51 -32.22
N GLY D 312 21.75 14.94 -33.09
CA GLY D 312 20.45 14.38 -32.72
C GLY D 312 20.58 12.95 -32.20
N HIS D 313 19.45 12.27 -32.00
CA HIS D 313 19.49 10.94 -31.40
C HIS D 313 20.24 9.90 -32.20
N VAL D 314 20.92 9.04 -31.47
CA VAL D 314 21.61 7.91 -32.05
C VAL D 314 20.65 6.73 -32.28
N ALA D 315 20.65 6.19 -33.49
CA ALA D 315 19.86 4.96 -33.77
C ALA D 315 20.63 3.82 -33.17
N ASN D 316 21.90 3.71 -33.56
CA ASN D 316 22.80 2.67 -33.09
C ASN D 316 24.18 2.88 -33.73
N ALA D 317 25.20 2.33 -33.11
CA ALA D 317 26.53 2.30 -33.70
C ALA D 317 27.09 0.93 -33.59
N PHE D 318 27.96 0.59 -34.55
CA PHE D 318 28.63 -0.72 -34.55
C PHE D 318 29.96 -0.65 -35.24
N GLU D 319 30.82 -1.63 -34.95
CA GLU D 319 32.08 -1.80 -35.69
C GLU D 319 31.88 -2.71 -36.89
N ASP D 320 32.33 -2.25 -38.07
CA ASP D 320 32.34 -3.08 -39.29
C ASP D 320 33.56 -4.03 -39.28
N ASP D 321 33.71 -4.83 -40.33
CA ASP D 321 34.85 -5.80 -40.45
C ASP D 321 36.26 -5.20 -40.43
N LYS D 322 36.43 -3.91 -40.79
CA LYS D 322 37.70 -3.20 -40.61
C LYS D 322 37.92 -2.63 -39.21
N GLY D 323 36.97 -2.81 -38.29
CA GLY D 323 37.11 -2.20 -36.96
C GLY D 323 36.75 -0.71 -36.91
N HIS D 324 36.19 -0.18 -38.00
CA HIS D 324 35.72 1.19 -38.04
C HIS D 324 34.30 1.32 -37.49
N ILE D 325 34.03 2.46 -36.83
CA ILE D 325 32.74 2.70 -36.20
C ILE D 325 31.81 3.29 -37.25
N GLN D 326 30.66 2.62 -37.46
CA GLN D 326 29.57 3.20 -38.23
C GLN D 326 28.56 3.77 -37.22
N LEU D 327 28.48 5.09 -37.17
CA LEU D 327 27.63 5.83 -36.23
C LEU D 327 26.43 6.36 -36.99
N GLN D 328 25.25 5.83 -36.69
CA GLN D 328 24.03 6.23 -37.37
C GLN D 328 23.14 7.03 -36.44
N MET D 329 22.81 8.25 -36.85
CA MET D 329 22.20 9.23 -35.98
C MET D 329 21.51 10.34 -36.76
N ALA D 330 20.51 10.94 -36.12
CA ALA D 330 19.87 12.12 -36.67
C ALA D 330 20.88 13.28 -36.58
N TYR D 331 20.92 14.09 -37.63
CA TYR D 331 21.94 15.15 -37.75
C TYR D 331 21.38 16.31 -38.55
N ALA D 332 21.47 17.50 -37.98
CA ALA D 332 20.97 18.72 -38.59
C ALA D 332 22.15 19.69 -38.76
N LYS D 333 21.96 20.68 -39.63
CA LYS D 333 22.99 21.65 -39.96
C LYS D 333 22.87 22.96 -39.20
N ASP D 334 21.88 23.08 -38.31
CA ASP D 334 21.69 24.28 -37.51
C ASP D 334 21.01 23.87 -36.17
N ASN D 335 20.72 24.86 -35.34
CA ASN D 335 20.32 24.71 -33.97
C ASN D 335 18.84 24.33 -33.87
N VAL D 336 18.60 23.04 -33.62
CA VAL D 336 17.26 22.50 -33.42
C VAL D 336 16.59 23.18 -32.22
N PHE D 337 17.36 23.48 -31.18
CA PHE D 337 16.84 24.11 -29.98
C PHE D 337 16.98 25.64 -30.13
N PHE D 338 16.19 26.17 -31.05
CA PHE D 338 16.28 27.58 -31.52
C PHE D 338 15.97 28.65 -30.45
N TRP D 339 15.28 28.26 -29.39
CA TRP D 339 15.00 29.12 -28.25
C TRP D 339 16.27 29.34 -27.39
N TRP D 340 17.36 28.63 -27.66
CA TRP D 340 18.65 28.92 -27.06
C TRP D 340 19.65 29.33 -28.16
N PRO D 341 19.56 30.58 -28.63
CA PRO D 341 20.35 31.01 -29.79
C PRO D 341 21.81 31.34 -29.39
N ASP D 342 22.57 31.93 -30.31
CA ASP D 342 23.96 32.24 -30.00
C ASP D 342 24.11 33.48 -29.15
N ALA D 343 25.33 33.90 -28.87
CA ALA D 343 25.59 35.08 -28.02
C ALA D 343 24.93 36.36 -28.51
N ASN D 344 24.74 36.48 -29.82
CA ASN D 344 24.10 37.68 -30.38
C ASN D 344 22.61 37.46 -30.70
N GLY D 345 22.00 36.43 -30.11
CA GLY D 345 20.60 36.13 -30.34
C GLY D 345 20.32 35.54 -31.71
N LYS D 346 21.33 35.07 -32.41
CA LYS D 346 21.14 34.56 -33.78
C LYS D 346 20.75 33.08 -33.79
N GLY D 347 19.78 32.76 -34.64
CA GLY D 347 19.47 31.34 -34.93
C GLY D 347 18.21 31.19 -35.76
N PRO D 348 17.78 29.95 -35.99
CA PRO D 348 16.62 29.72 -36.84
C PRO D 348 15.28 29.97 -36.17
N ARG D 349 14.22 29.85 -36.97
CA ARG D 349 12.85 29.99 -36.50
C ARG D 349 12.23 28.62 -36.32
N PRO D 350 11.08 28.57 -35.64
CA PRO D 350 10.39 27.28 -35.49
C PRO D 350 10.09 26.66 -36.85
N GLY D 351 10.30 25.36 -37.00
CA GLY D 351 9.95 24.62 -38.22
C GLY D 351 10.92 24.73 -39.38
N GLU D 352 12.00 25.46 -39.20
CA GLU D 352 12.98 25.69 -40.24
C GLU D 352 14.01 24.55 -40.36
N VAL D 353 14.49 24.05 -39.23
CA VAL D 353 15.62 23.13 -39.27
C VAL D 353 15.15 21.71 -39.43
N GLU D 354 15.65 21.01 -40.42
CA GLU D 354 15.36 19.57 -40.60
C GLU D 354 16.57 18.78 -40.13
N ALA D 355 16.33 17.58 -39.61
CA ALA D 355 17.39 16.64 -39.27
C ALA D 355 17.26 15.43 -40.18
N HIS D 356 18.39 14.84 -40.51
CA HIS D 356 18.46 13.75 -41.44
C HIS D 356 19.25 12.60 -40.89
N PHE D 357 18.94 11.42 -41.42
CA PHE D 357 19.50 10.17 -40.91
C PHE D 357 20.90 9.95 -41.50
N ALA D 358 21.92 10.24 -40.70
CA ALA D 358 23.28 10.28 -41.12
C ALA D 358 24.07 9.07 -40.69
N ASN D 359 25.07 8.71 -41.49
CA ASN D 359 26.06 7.70 -41.15
C ASN D 359 27.42 8.39 -41.11
N PHE D 360 28.07 8.43 -39.94
CA PHE D 360 29.45 8.91 -39.80
C PHE D 360 30.38 7.72 -39.64
N VAL D 361 31.54 7.75 -40.31
CA VAL D 361 32.55 6.69 -40.19
C VAL D 361 33.67 7.19 -39.33
N LEU D 362 34.03 6.46 -38.28
CA LEU D 362 35.15 6.88 -37.41
C LEU D 362 36.14 5.76 -37.25
N ASP D 363 37.41 6.12 -37.18
CA ASP D 363 38.48 5.13 -37.04
C ASP D 363 39.30 5.61 -35.87
N TYR D 364 39.22 4.88 -34.75
CA TYR D 364 39.95 5.32 -33.57
C TYR D 364 41.48 5.39 -33.78
N GLN D 365 42.00 4.57 -34.69
CA GLN D 365 43.43 4.56 -35.06
C GLN D 365 43.88 5.83 -35.78
N SER D 366 42.99 6.50 -36.50
CA SER D 366 43.35 7.71 -37.27
C SER D 366 43.76 8.86 -36.36
N ASP D 367 44.72 9.65 -36.82
CA ASP D 367 45.11 10.88 -36.13
C ASP D 367 44.55 12.07 -36.84
N LYS D 368 43.84 11.87 -37.94
CA LYS D 368 43.15 12.95 -38.59
C LYS D 368 41.83 13.29 -37.82
N LEU D 369 41.77 14.48 -37.20
CA LEU D 369 40.60 14.87 -36.40
C LEU D 369 39.36 15.29 -37.24
N PRO D 370 39.55 16.13 -38.29
CA PRO D 370 38.38 16.49 -39.10
C PRO D 370 37.74 15.30 -39.80
N LEU D 371 36.40 15.25 -39.82
CA LEU D 371 35.66 14.15 -40.45
C LEU D 371 34.91 14.69 -41.65
N ALA D 372 34.72 13.85 -42.67
CA ALA D 372 33.90 14.22 -43.81
C ALA D 372 32.43 14.38 -43.44
N GLU D 373 31.70 15.09 -44.31
CA GLU D 373 30.26 15.13 -44.29
C GLU D 373 29.79 13.68 -44.24
N PRO D 374 28.75 13.39 -43.46
CA PRO D 374 28.25 12.02 -43.44
C PRO D 374 27.51 11.68 -44.73
N THR D 375 27.25 10.40 -44.97
CA THR D 375 26.25 9.98 -45.95
C THR D 375 24.90 9.88 -45.24
N TYR D 376 23.83 9.90 -46.02
CA TYR D 376 22.46 9.93 -45.54
C TYR D 376 21.70 8.69 -45.98
N LEU D 377 21.00 8.06 -45.05
CA LEU D 377 20.35 6.78 -45.31
C LEU D 377 18.99 6.93 -45.94
N VAL D 378 18.32 8.07 -45.71
CA VAL D 378 17.03 8.35 -46.35
C VAL D 378 16.97 9.84 -46.48
N ASP D 379 15.99 10.36 -47.20
CA ASP D 379 15.84 11.82 -47.35
C ASP D 379 14.92 12.49 -46.33
N ASP D 380 14.08 11.72 -45.62
CA ASP D 380 13.04 12.30 -44.74
C ASP D 380 13.63 13.18 -43.63
N ASP D 381 12.91 14.24 -43.30
CA ASP D 381 13.11 14.99 -42.07
C ASP D 381 12.66 14.05 -40.92
N MET D 382 13.61 13.65 -40.08
CA MET D 382 13.37 12.56 -39.15
C MET D 382 13.98 12.82 -37.75
N GLU D 383 13.60 11.96 -36.82
CA GLU D 383 14.17 11.91 -35.46
C GLU D 383 13.62 10.67 -34.73
N PHE D 384 14.07 10.52 -33.48
N PHE D 384 14.06 10.53 -33.47
CA PHE D 384 13.59 9.49 -32.56
CA PHE D 384 13.62 9.50 -32.53
C PHE D 384 13.70 8.08 -33.16
C PHE D 384 13.72 8.08 -33.11
N PRO D 385 14.90 7.70 -33.63
CA PRO D 385 15.10 6.40 -34.19
C PRO D 385 15.19 5.29 -33.14
N ARG D 386 14.58 4.16 -33.45
CA ARG D 386 14.69 2.96 -32.64
C ARG D 386 15.13 1.81 -33.49
N ILE D 387 15.85 0.88 -32.89
CA ILE D 387 16.21 -0.38 -33.53
C ILE D 387 15.66 -1.53 -32.74
N ASP D 388 15.86 -2.73 -33.26
CA ASP D 388 15.63 -3.96 -32.48
C ASP D 388 16.81 -4.05 -31.50
N ASP D 389 16.52 -3.80 -30.22
CA ASP D 389 17.58 -3.68 -29.22
C ASP D 389 18.29 -5.00 -28.91
N ARG D 390 17.82 -6.08 -29.50
CA ARG D 390 18.55 -7.37 -29.45
C ARG D 390 19.88 -7.34 -30.23
N VAL D 391 20.07 -6.37 -31.13
CA VAL D 391 21.36 -6.16 -31.78
C VAL D 391 22.02 -4.82 -31.42
N ALA D 392 21.59 -4.18 -30.35
CA ALA D 392 22.21 -2.91 -29.90
C ALA D 392 23.70 -3.09 -29.70
N THR D 393 24.48 -2.13 -30.19
CA THR D 393 25.96 -2.16 -30.15
C THR D 393 26.63 -3.06 -31.21
N ARG D 394 25.83 -3.76 -32.01
CA ARG D 394 26.26 -4.66 -33.07
C ARG D 394 25.56 -4.17 -34.33
N LYS D 395 25.89 -4.80 -35.45
CA LYS D 395 25.30 -4.41 -36.72
C LYS D 395 23.81 -4.58 -36.68
N HIS D 396 23.08 -3.54 -37.09
CA HIS D 396 21.62 -3.61 -37.13
C HIS D 396 21.24 -3.40 -38.59
N LYS D 397 20.10 -3.93 -38.99
CA LYS D 397 19.61 -3.70 -40.34
C LYS D 397 18.18 -3.21 -40.46
N HIS D 398 17.59 -2.84 -39.33
CA HIS D 398 16.28 -2.22 -39.30
C HIS D 398 16.30 -1.02 -38.35
N THR D 399 15.71 0.07 -38.80
CA THR D 399 15.46 1.24 -38.00
C THR D 399 14.01 1.72 -38.20
N PHE D 400 13.39 2.09 -37.09
CA PHE D 400 12.06 2.67 -37.05
C PHE D 400 12.19 4.11 -36.54
N PHE D 401 11.60 5.08 -37.20
CA PHE D 401 11.80 6.46 -36.77
C PHE D 401 10.62 7.35 -37.09
N CYS D 402 10.57 8.49 -36.41
CA CYS D 402 9.55 9.50 -36.66
C CYS D 402 9.96 10.27 -37.91
N ILE D 403 8.96 10.74 -38.64
CA ILE D 403 9.17 11.63 -39.78
C ILE D 403 8.25 12.79 -39.67
N PHE D 404 8.66 13.88 -40.30
CA PHE D 404 7.81 15.04 -40.48
C PHE D 404 7.81 15.41 -41.99
N ASP D 405 6.71 15.10 -42.61
CA ASP D 405 6.54 15.22 -44.05
C ASP D 405 5.72 16.43 -44.37
N ARG D 406 6.32 17.41 -45.02
CA ARG D 406 5.64 18.65 -45.46
C ARG D 406 4.86 18.51 -46.79
N LYS D 407 4.89 17.35 -47.42
CA LYS D 407 4.10 17.07 -48.60
C LYS D 407 2.64 17.52 -48.44
N PRO D 408 2.11 18.28 -49.42
CA PRO D 408 0.76 18.83 -49.24
C PRO D 408 -0.28 17.80 -48.87
N GLY D 409 -1.02 18.09 -47.80
CA GLY D 409 -2.11 17.22 -47.38
C GLY D 409 -1.81 16.12 -46.38
N VAL D 410 -0.54 15.83 -46.11
CA VAL D 410 -0.21 14.79 -45.11
C VAL D 410 -0.68 15.23 -43.71
N THR D 411 -0.40 16.47 -43.35
CA THR D 411 -0.99 17.11 -42.18
C THR D 411 -1.84 18.30 -42.65
N ASP D 412 -3.07 18.35 -42.17
CA ASP D 412 -3.94 19.51 -42.32
C ASP D 412 -3.51 20.58 -41.31
N PHE D 413 -2.49 21.35 -41.71
CA PHE D 413 -1.92 22.37 -40.81
C PHE D 413 -2.88 23.44 -40.38
N GLU D 414 -3.76 23.83 -41.28
CA GLU D 414 -4.77 24.83 -40.98
C GLU D 414 -5.68 24.41 -39.80
N PHE D 415 -6.04 23.12 -39.71
CA PHE D 415 -6.83 22.61 -38.60
C PHE D 415 -5.94 22.38 -37.34
N VAL D 416 -4.79 21.75 -37.53
CA VAL D 416 -3.94 21.27 -36.43
C VAL D 416 -3.22 22.41 -35.67
N MET D 417 -2.54 23.29 -36.40
CA MET D 417 -1.68 24.31 -35.77
C MET D 417 -2.40 25.21 -34.77
N PRO D 418 -3.60 25.71 -35.06
CA PRO D 418 -4.27 26.49 -34.01
C PRO D 418 -4.65 25.70 -32.75
N ARG D 419 -4.64 24.39 -32.80
CA ARG D 419 -4.99 23.56 -31.64
C ARG D 419 -3.78 22.97 -30.97
N ALA D 420 -2.60 23.20 -31.52
CA ALA D 420 -1.44 22.37 -31.15
C ALA D 420 -0.63 22.91 -29.97
N GLY D 421 -0.66 24.22 -29.76
CA GLY D 421 0.27 24.88 -28.85
C GLY D 421 1.66 24.82 -29.40
N GLY D 422 2.64 25.19 -28.60
CA GLY D 422 4.03 25.20 -29.05
C GLY D 422 4.93 24.50 -28.05
N GLY D 423 6.18 24.34 -28.45
CA GLY D 423 7.27 23.99 -27.59
C GLY D 423 7.84 22.62 -27.79
N ALA D 424 7.15 21.79 -28.58
CA ALA D 424 7.53 20.40 -28.80
C ALA D 424 7.66 20.10 -30.31
N PRO D 425 8.47 19.11 -30.65
CA PRO D 425 8.63 18.75 -32.05
C PRO D 425 7.38 18.01 -32.57
N MET D 426 7.15 18.10 -33.87
CA MET D 426 6.05 17.45 -34.52
C MET D 426 6.54 16.32 -35.42
N SER D 427 5.82 15.20 -35.33
CA SER D 427 6.01 14.05 -36.16
C SER D 427 4.65 13.63 -36.76
N ASN D 428 4.56 13.46 -38.08
CA ASN D 428 3.30 13.07 -38.71
C ASN D 428 3.32 11.68 -39.36
N GLY D 429 4.34 10.92 -39.01
CA GLY D 429 4.40 9.53 -39.39
C GLY D 429 5.54 8.80 -38.75
N LEU D 430 5.56 7.49 -38.98
CA LEU D 430 6.69 6.64 -38.67
C LEU D 430 7.17 6.02 -39.96
N ALA D 431 8.46 5.70 -39.99
CA ALA D 431 9.03 5.00 -41.13
C ALA D 431 9.82 3.82 -40.62
N HIS D 432 9.83 2.76 -41.43
CA HIS D 432 10.67 1.61 -41.21
C HIS D 432 11.64 1.48 -42.40
N LEU D 433 12.93 1.58 -42.12
CA LEU D 433 13.98 1.37 -43.12
C LEU D 433 14.55 -0.02 -42.94
N ASN D 434 14.51 -0.80 -44.01
CA ASN D 434 15.33 -2.02 -44.12
C ASN D 434 16.66 -1.63 -44.74
N HIS D 435 17.74 -1.77 -43.98
CA HIS D 435 19.07 -1.30 -44.42
C HIS D 435 19.71 -2.20 -45.49
N GLU D 436 19.37 -3.48 -45.55
CA GLU D 436 19.86 -4.37 -46.60
C GLU D 436 19.24 -4.01 -47.93
N THR D 437 17.92 -3.97 -48.01
CA THR D 437 17.22 -3.75 -49.28
C THR D 437 17.04 -2.28 -49.63
N GLY D 438 17.15 -1.38 -48.65
CA GLY D 438 16.75 0.03 -48.86
C GLY D 438 15.25 0.32 -48.92
N ASP D 439 14.39 -0.69 -48.79
CA ASP D 439 12.94 -0.44 -48.78
C ASP D 439 12.51 0.33 -47.51
N ILE D 440 11.56 1.24 -47.67
CA ILE D 440 11.01 2.01 -46.59
C ILE D 440 9.52 1.85 -46.59
N GLN D 441 8.91 1.51 -45.47
CA GLN D 441 7.45 1.61 -45.32
C GLN D 441 7.15 2.81 -44.41
N ARG D 442 6.06 3.50 -44.67
CA ARG D 442 5.63 4.65 -43.92
C ARG D 442 4.23 4.46 -43.36
N TYR D 443 4.08 4.71 -42.06
CA TYR D 443 2.80 4.76 -41.37
C TYR D 443 2.37 6.23 -41.22
N LEU D 444 1.19 6.57 -41.77
CA LEU D 444 0.62 7.90 -41.66
C LEU D 444 -0.67 7.78 -40.86
N PRO D 445 -0.67 8.25 -39.60
CA PRO D 445 -1.90 8.10 -38.82
C PRO D 445 -3.08 8.89 -39.35
N GLY D 446 -2.82 9.98 -40.06
CA GLY D 446 -3.90 10.74 -40.69
C GLY D 446 -3.67 12.24 -40.63
N PRO D 447 -4.47 12.98 -41.36
CA PRO D 447 -4.19 14.42 -41.53
C PRO D 447 -4.36 15.25 -40.28
N ARG D 448 -5.13 14.76 -39.29
CA ARG D 448 -5.33 15.50 -38.05
C ARG D 448 -4.77 14.76 -36.84
N LYS D 449 -3.75 13.94 -37.07
CA LYS D 449 -3.05 13.22 -36.02
C LYS D 449 -1.54 13.43 -36.14
N LEU D 450 -0.85 13.44 -35.01
CA LEU D 450 0.60 13.45 -34.92
C LEU D 450 1.06 12.32 -34.01
N THR D 451 2.34 11.95 -34.05
CA THR D 451 2.84 10.81 -33.29
C THR D 451 3.91 11.23 -32.30
N GLY D 452 4.15 10.35 -31.34
CA GLY D 452 5.35 10.35 -30.48
C GLY D 452 6.41 9.37 -30.97
N GLU D 453 7.36 9.10 -30.09
CA GLU D 453 8.39 8.10 -30.35
C GLU D 453 7.79 6.70 -30.22
N CYS D 454 8.17 5.82 -31.14
CA CYS D 454 7.64 4.46 -31.17
C CYS D 454 8.47 3.55 -30.29
N ILE D 455 7.89 2.37 -30.03
CA ILE D 455 8.62 1.25 -29.46
C ILE D 455 8.47 0.05 -30.39
N PHE D 456 9.48 -0.82 -30.33
CA PHE D 456 9.47 -2.07 -31.05
C PHE D 456 9.40 -3.25 -30.08
N ILE D 457 8.59 -4.25 -30.44
CA ILE D 457 8.36 -5.43 -29.64
C ILE D 457 8.61 -6.69 -30.49
N PRO D 458 9.63 -7.50 -30.14
CA PRO D 458 9.82 -8.77 -30.89
C PRO D 458 8.56 -9.63 -30.87
N ARG D 459 8.23 -10.22 -32.02
CA ARG D 459 7.04 -11.08 -32.13
C ARG D 459 6.99 -12.17 -31.05
N ASN D 460 8.13 -12.75 -30.76
CA ASN D 460 8.29 -13.82 -29.76
C ASN D 460 9.79 -13.97 -29.63
N SER D 461 10.26 -14.86 -28.77
CA SER D 461 11.73 -14.96 -28.59
C SER D 461 12.47 -15.60 -29.79
N GLU D 462 11.77 -16.21 -30.76
CA GLU D 462 12.42 -16.72 -31.99
C GLU D 462 12.39 -15.75 -33.14
N ALA D 463 11.76 -14.60 -32.98
CA ALA D 463 11.54 -13.71 -34.10
C ALA D 463 12.85 -13.19 -34.66
N ALA D 464 12.88 -13.04 -35.98
CA ALA D 464 14.02 -12.43 -36.66
C ALA D 464 14.09 -10.94 -36.32
N GLU D 465 15.24 -10.35 -36.59
CA GLU D 465 15.47 -8.95 -36.32
C GLU D 465 14.39 -8.10 -36.93
N GLY D 466 13.80 -7.25 -36.10
CA GLY D 466 12.85 -6.28 -36.60
C GLY D 466 11.51 -6.85 -36.95
N ASP D 467 11.23 -8.09 -36.57
CA ASP D 467 9.94 -8.73 -36.86
C ASP D 467 9.11 -8.75 -35.57
N GLY D 468 7.96 -8.12 -35.63
CA GLY D 468 7.05 -8.05 -34.49
C GLY D 468 6.10 -6.88 -34.59
N TYR D 469 5.99 -6.13 -33.49
CA TYR D 469 5.00 -5.07 -33.37
C TYR D 469 5.66 -3.74 -33.04
N VAL D 470 5.02 -2.68 -33.53
CA VAL D 470 5.40 -1.33 -33.22
C VAL D 470 4.21 -0.68 -32.56
N MET D 471 4.44 0.04 -31.45
CA MET D 471 3.39 0.87 -30.83
C MET D 471 3.82 2.33 -30.85
N VAL D 472 2.84 3.21 -30.95
CA VAL D 472 3.12 4.64 -30.95
C VAL D 472 1.89 5.38 -30.46
N LEU D 473 2.14 6.37 -29.61
CA LEU D 473 1.07 7.23 -29.12
C LEU D 473 0.75 8.31 -30.13
N LEU D 474 -0.53 8.53 -30.34
CA LEU D 474 -1.02 9.52 -31.29
C LEU D 474 -1.73 10.64 -30.56
N ALA D 475 -1.52 11.86 -31.02
CA ALA D 475 -2.35 13.00 -30.65
C ALA D 475 -3.42 13.17 -31.73
N ASN D 476 -4.69 13.04 -31.37
CA ASN D 476 -5.81 13.25 -32.30
C ASN D 476 -6.39 14.62 -32.09
N TYR D 477 -6.10 15.55 -33.00
CA TYR D 477 -6.49 16.95 -32.83
C TYR D 477 -7.98 17.15 -33.10
N GLU D 478 -8.65 16.21 -33.76
CA GLU D 478 -10.10 16.31 -33.96
C GLU D 478 -10.85 16.10 -32.63
N ASP D 479 -10.49 15.05 -31.91
CA ASP D 479 -11.09 14.69 -30.64
C ASP D 479 -10.42 15.41 -29.47
N MET D 480 -9.22 15.96 -29.68
CA MET D 480 -8.33 16.40 -28.61
C MET D 480 -8.18 15.29 -27.56
N CYS D 481 -7.94 14.08 -28.04
CA CYS D 481 -7.68 12.91 -27.23
C CYS D 481 -6.40 12.25 -27.72
N SER D 482 -5.83 11.38 -26.91
CA SER D 482 -4.72 10.57 -27.28
C SER D 482 -5.20 9.16 -27.66
N GLU D 483 -4.41 8.49 -28.50
CA GLU D 483 -4.66 7.13 -28.92
C GLU D 483 -3.34 6.37 -28.92
N LEU D 484 -3.41 5.07 -28.77
CA LEU D 484 -2.24 4.22 -28.84
C LEU D 484 -2.40 3.21 -29.99
N ALA D 485 -1.57 3.37 -31.03
CA ALA D 485 -1.62 2.53 -32.23
C ALA D 485 -0.71 1.33 -32.13
N VAL D 486 -1.22 0.18 -32.56
CA VAL D 486 -0.43 -1.05 -32.61
C VAL D 486 -0.36 -1.52 -34.07
N LEU D 487 0.88 -1.70 -34.53
CA LEU D 487 1.19 -2.02 -35.92
C LEU D 487 1.98 -3.31 -35.94
N ASP D 488 1.80 -4.09 -37.01
CA ASP D 488 2.62 -5.30 -37.28
C ASP D 488 3.69 -4.88 -38.29
N THR D 489 4.94 -5.23 -38.03
CA THR D 489 6.05 -4.81 -38.91
C THR D 489 5.98 -5.42 -40.31
N LYS D 490 5.21 -6.50 -40.49
CA LYS D 490 4.90 -7.01 -41.82
C LYS D 490 4.18 -6.03 -42.70
N ASP D 491 3.42 -5.10 -42.12
CA ASP D 491 2.78 -4.05 -42.88
C ASP D 491 2.57 -2.85 -41.97
N LEU D 492 3.58 -2.00 -41.93
CA LEU D 492 3.56 -0.85 -41.08
C LEU D 492 2.46 0.15 -41.40
N THR D 493 1.89 0.08 -42.60
CA THR D 493 0.88 1.05 -43.03
C THR D 493 -0.49 0.81 -42.39
N ASN D 494 -0.70 -0.36 -41.78
CA ASN D 494 -2.00 -0.72 -41.23
C ASN D 494 -2.00 -0.84 -39.69
N GLU D 495 -2.98 -0.25 -39.04
CA GLU D 495 -3.19 -0.42 -37.62
C GLU D 495 -3.89 -1.74 -37.43
N VAL D 496 -3.28 -2.61 -36.64
CA VAL D 496 -3.97 -3.81 -36.19
C VAL D 496 -4.96 -3.49 -35.08
N ALA D 497 -4.60 -2.53 -34.24
CA ALA D 497 -5.46 -2.06 -33.17
C ALA D 497 -5.26 -0.56 -32.94
N LEU D 498 -6.30 0.12 -32.53
CA LEU D 498 -6.21 1.51 -32.15
C LEU D 498 -6.88 1.65 -30.80
N ILE D 499 -6.09 1.92 -29.78
CA ILE D 499 -6.56 2.03 -28.42
C ILE D 499 -6.92 3.50 -28.17
N LYS D 500 -8.16 3.73 -27.73
CA LYS D 500 -8.77 5.05 -27.75
C LYS D 500 -8.83 5.61 -26.35
N LEU D 501 -7.94 6.53 -26.01
CA LEU D 501 -7.97 7.14 -24.66
C LEU D 501 -8.96 8.30 -24.63
N PRO D 502 -9.70 8.45 -23.54
CA PRO D 502 -10.69 9.55 -23.40
C PRO D 502 -10.10 10.84 -22.78
N VAL D 503 -8.80 10.88 -22.57
CA VAL D 503 -8.06 12.07 -22.08
C VAL D 503 -6.88 12.35 -23.02
N ARG D 504 -6.24 13.51 -22.85
CA ARG D 504 -4.95 13.81 -23.53
C ARG D 504 -3.81 13.41 -22.68
N LEU D 505 -2.86 12.76 -23.32
CA LEU D 505 -1.49 12.63 -22.83
C LEU D 505 -0.71 13.63 -23.67
N ARG D 506 -0.23 14.64 -22.98
CA ARG D 506 0.60 15.70 -23.55
C ARG D 506 1.80 15.10 -24.30
N PRO D 507 2.26 15.75 -25.39
CA PRO D 507 3.47 15.27 -26.06
C PRO D 507 4.61 15.00 -25.10
N GLY D 508 5.22 13.84 -25.28
CA GLY D 508 6.22 13.34 -24.37
C GLY D 508 7.60 13.17 -24.95
N LEU D 509 8.48 12.59 -24.15
CA LEU D 509 9.84 12.30 -24.58
C LEU D 509 9.93 10.80 -24.78
N HIS D 510 10.80 10.10 -24.08
CA HIS D 510 11.15 8.73 -24.47
C HIS D 510 10.28 7.70 -23.76
N GLY D 511 10.32 6.48 -24.29
CA GLY D 511 9.58 5.35 -23.75
C GLY D 511 10.22 4.05 -24.12
N ASN D 512 9.80 2.98 -23.42
CA ASN D 512 10.39 1.67 -23.57
C ASN D 512 9.35 0.56 -23.32
N TRP D 513 9.60 -0.58 -23.95
CA TRP D 513 8.85 -1.81 -23.75
C TRP D 513 9.59 -2.70 -22.82
N VAL D 514 8.87 -3.24 -21.83
CA VAL D 514 9.39 -4.25 -20.91
C VAL D 514 8.52 -5.50 -21.12
N ASP D 515 9.09 -6.50 -21.79
CA ASP D 515 8.35 -7.72 -22.13
C ASP D 515 8.24 -8.63 -20.90
N LYS D 516 7.05 -9.17 -20.69
CA LYS D 516 6.83 -10.06 -19.54
C LYS D 516 7.71 -11.31 -19.57
N SER D 517 8.10 -11.77 -20.76
CA SER D 517 8.89 -13.00 -20.87
C SER D 517 10.39 -12.77 -20.60
N ASP D 518 10.84 -11.53 -20.40
CA ASP D 518 12.25 -11.23 -20.15
C ASP D 518 12.49 -11.07 -18.67
N VAL D 519 13.23 -12.00 -18.08
CA VAL D 519 13.48 -12.00 -16.65
C VAL D 519 14.11 -10.69 -16.16
N ASP D 520 15.06 -10.14 -16.89
CA ASP D 520 15.70 -8.88 -16.47
C ASP D 520 15.12 -7.64 -17.17
N GLY D 521 13.99 -7.81 -17.85
CA GLY D 521 13.26 -6.72 -18.50
C GLY D 521 13.72 -6.33 -19.88
N HIS D 522 14.82 -6.95 -20.35
CA HIS D 522 15.44 -6.66 -21.63
C HIS D 522 15.47 -7.92 -22.52
N PRO D 523 15.30 -7.75 -23.85
CA PRO D 523 15.24 -8.91 -24.73
C PRO D 523 16.60 -9.61 -24.93
N ALA D 524 16.51 -10.89 -25.31
CA ALA D 524 17.67 -11.79 -25.47
C ALA D 524 18.43 -11.46 -26.75
N PRO D 525 19.74 -11.68 -26.77
CA PRO D 525 20.52 -11.32 -27.97
C PRO D 525 20.12 -12.15 -29.18
N LEU D 526 20.23 -11.56 -30.36
CA LEU D 526 20.13 -12.33 -31.62
C LEU D 526 21.50 -12.89 -31.90
#